data_5H0Z
# 
_entry.id   5H0Z 
# 
_audit_conform.dict_name       mmcif_pdbx.dic 
_audit_conform.dict_version    5.387 
_audit_conform.dict_location   http://mmcif.pdb.org/dictionaries/ascii/mmcif_pdbx.dic 
# 
loop_
_database_2.database_id 
_database_2.database_code 
_database_2.pdbx_database_accession 
_database_2.pdbx_DOI 
PDB   5H0Z         pdb_00005h0z 10.2210/pdb5h0z/pdb 
WWPDB D_1300001813 ?            ?                   
# 
loop_
_pdbx_audit_revision_history.ordinal 
_pdbx_audit_revision_history.data_content_type 
_pdbx_audit_revision_history.major_revision 
_pdbx_audit_revision_history.minor_revision 
_pdbx_audit_revision_history.revision_date 
1 'Structure model' 1 0 2017-06-14 
2 'Structure model' 1 1 2017-07-26 
3 'Structure model' 1 2 2024-03-20 
# 
_pdbx_audit_revision_details.ordinal             1 
_pdbx_audit_revision_details.revision_ordinal    1 
_pdbx_audit_revision_details.data_content_type   'Structure model' 
_pdbx_audit_revision_details.provider            repository 
_pdbx_audit_revision_details.type                'Initial release' 
_pdbx_audit_revision_details.description         ? 
_pdbx_audit_revision_details.details             ? 
# 
loop_
_pdbx_audit_revision_group.ordinal 
_pdbx_audit_revision_group.revision_ordinal 
_pdbx_audit_revision_group.data_content_type 
_pdbx_audit_revision_group.group 
1 2 'Structure model' 'Database references' 
2 3 'Structure model' 'Data collection'     
3 3 'Structure model' 'Database references' 
# 
loop_
_pdbx_audit_revision_category.ordinal 
_pdbx_audit_revision_category.revision_ordinal 
_pdbx_audit_revision_category.data_content_type 
_pdbx_audit_revision_category.category 
1 2 'Structure model' citation       
2 3 'Structure model' chem_comp_atom 
3 3 'Structure model' chem_comp_bond 
4 3 'Structure model' database_2     
# 
loop_
_pdbx_audit_revision_item.ordinal 
_pdbx_audit_revision_item.revision_ordinal 
_pdbx_audit_revision_item.data_content_type 
_pdbx_audit_revision_item.item 
1 2 'Structure model' '_citation.journal_volume'            
2 2 'Structure model' '_citation.page_first'                
3 2 'Structure model' '_citation.page_last'                 
4 2 'Structure model' '_citation.title'                     
5 3 'Structure model' '_database_2.pdbx_DOI'                
6 3 'Structure model' '_database_2.pdbx_database_accession' 
# 
_pdbx_database_status.status_code                     REL 
_pdbx_database_status.status_code_sf                  REL 
_pdbx_database_status.status_code_mr                  ? 
_pdbx_database_status.entry_id                        5H0Z 
_pdbx_database_status.recvd_initial_deposition_date   2016-10-07 
_pdbx_database_status.SG_entry                        N 
_pdbx_database_status.deposit_site                    PDBJ 
_pdbx_database_status.process_site                    PDBJ 
_pdbx_database_status.status_code_cs                  ? 
_pdbx_database_status.methods_development_category    ? 
_pdbx_database_status.pdb_format_compatible           Y 
_pdbx_database_status.status_code_nmr_data            ? 
# 
loop_
_pdbx_database_related.content_type 
_pdbx_database_related.db_id 
_pdbx_database_related.db_name 
_pdbx_database_related.details 
unspecified 5H0V PDB . 
unspecified 5H0W PDB . 
unspecified 5H0X PDB . 
unspecified 5H0Y PDB . 
# 
loop_
_audit_author.name 
_audit_author.pdbx_ordinal 
'Yokoyama, T.'  1 
'Hanawa, Y.'    2 
'Obita, T.'     3 
'Mizuguchi, M.' 4 
# 
_citation.abstract                  ? 
_citation.abstract_id_CAS           ? 
_citation.book_id_ISBN              ? 
_citation.book_publisher            ? 
_citation.book_publisher_city       ? 
_citation.book_title                ? 
_citation.coordinate_linkage        ? 
_citation.country                   NE 
_citation.database_id_Medline       ? 
_citation.details                   ? 
_citation.id                        primary 
_citation.journal_abbrev            'FEBS Lett.' 
_citation.journal_id_ASTM           FEBLAL 
_citation.journal_id_CSD            0165 
_citation.journal_id_ISSN           1873-3468 
_citation.journal_full              ? 
_citation.journal_issue             ? 
_citation.journal_volume            591 
_citation.language                  ? 
_citation.page_first                1862 
_citation.page_last                 1871 
_citation.title                     'Stability and crystal structures of His88 mutant human transthyretins' 
_citation.year                      2017 
_citation.database_id_CSD           ? 
_citation.pdbx_database_id_DOI      10.1002/1873-3468.12704 
_citation.pdbx_database_id_PubMed   28563699 
_citation.unpublished_flag          ? 
# 
loop_
_citation_author.citation_id 
_citation_author.name 
_citation_author.ordinal 
_citation_author.identifier_ORCID 
primary 'Yokoyama, T.'  1 ? 
primary 'Hanawa, Y.'    2 ? 
primary 'Obita, T.'     3 ? 
primary 'Mizuguchi, M.' 4 ? 
# 
loop_
_entity.id 
_entity.type 
_entity.src_method 
_entity.pdbx_description 
_entity.formula_weight 
_entity.pdbx_number_of_molecules 
_entity.pdbx_ec 
_entity.pdbx_mutation 
_entity.pdbx_fragment 
_entity.details 
1 polymer     man Transthyretin  13950.564 1  ? P113A 'UNP residues 31-147' ? 
2 non-polymer syn 'SULFATE ION'  96.063    1  ? ?     ?                     ? 
3 non-polymer syn 'CHLORIDE ION' 35.453    1  ? ?     ?                     ? 
4 water       nat water          18.015    62 ? ?     ?                     ? 
# 
_entity_name_com.entity_id   1 
_entity_name_com.name        ATTR,Prealbumin,TBPA 
# 
_entity_poly.entity_id                      1 
_entity_poly.type                           'polypeptide(L)' 
_entity_poly.nstd_linkage                   no 
_entity_poly.nstd_monomer                   no 
_entity_poly.pdbx_seq_one_letter_code       
;AHHHHHHMSPLMVKVLDAVRGSPAINVAVHVFRKAADDTWEPFASGKTSESGELHGLTTEEEFVEGIYKVEIDTKSYWKA
LGISPFHEHAEVVFTANDSGPRRYTIAALLSAYSYSTTAVVTNPKE
;
_entity_poly.pdbx_seq_one_letter_code_can   
;AHHHHHHMSPLMVKVLDAVRGSPAINVAVHVFRKAADDTWEPFASGKTSESGELHGLTTEEEFVEGIYKVEIDTKSYWKA
LGISPFHEHAEVVFTANDSGPRRYTIAALLSAYSYSTTAVVTNPKE
;
_entity_poly.pdbx_strand_id                 A 
_entity_poly.pdbx_target_identifier         ? 
# 
loop_
_pdbx_entity_nonpoly.entity_id 
_pdbx_entity_nonpoly.name 
_pdbx_entity_nonpoly.comp_id 
2 'SULFATE ION'  SO4 
3 'CHLORIDE ION' CL  
4 water          HOH 
# 
loop_
_entity_poly_seq.entity_id 
_entity_poly_seq.num 
_entity_poly_seq.mon_id 
_entity_poly_seq.hetero 
1 1   ALA n 
1 2   HIS n 
1 3   HIS n 
1 4   HIS n 
1 5   HIS n 
1 6   HIS n 
1 7   HIS n 
1 8   MET n 
1 9   SER n 
1 10  PRO n 
1 11  LEU n 
1 12  MET n 
1 13  VAL n 
1 14  LYS n 
1 15  VAL n 
1 16  LEU n 
1 17  ASP n 
1 18  ALA n 
1 19  VAL n 
1 20  ARG n 
1 21  GLY n 
1 22  SER n 
1 23  PRO n 
1 24  ALA n 
1 25  ILE n 
1 26  ASN n 
1 27  VAL n 
1 28  ALA n 
1 29  VAL n 
1 30  HIS n 
1 31  VAL n 
1 32  PHE n 
1 33  ARG n 
1 34  LYS n 
1 35  ALA n 
1 36  ALA n 
1 37  ASP n 
1 38  ASP n 
1 39  THR n 
1 40  TRP n 
1 41  GLU n 
1 42  PRO n 
1 43  PHE n 
1 44  ALA n 
1 45  SER n 
1 46  GLY n 
1 47  LYS n 
1 48  THR n 
1 49  SER n 
1 50  GLU n 
1 51  SER n 
1 52  GLY n 
1 53  GLU n 
1 54  LEU n 
1 55  HIS n 
1 56  GLY n 
1 57  LEU n 
1 58  THR n 
1 59  THR n 
1 60  GLU n 
1 61  GLU n 
1 62  GLU n 
1 63  PHE n 
1 64  VAL n 
1 65  GLU n 
1 66  GLY n 
1 67  ILE n 
1 68  TYR n 
1 69  LYS n 
1 70  VAL n 
1 71  GLU n 
1 72  ILE n 
1 73  ASP n 
1 74  THR n 
1 75  LYS n 
1 76  SER n 
1 77  TYR n 
1 78  TRP n 
1 79  LYS n 
1 80  ALA n 
1 81  LEU n 
1 82  GLY n 
1 83  ILE n 
1 84  SER n 
1 85  PRO n 
1 86  PHE n 
1 87  HIS n 
1 88  GLU n 
1 89  HIS n 
1 90  ALA n 
1 91  GLU n 
1 92  VAL n 
1 93  VAL n 
1 94  PHE n 
1 95  THR n 
1 96  ALA n 
1 97  ASN n 
1 98  ASP n 
1 99  SER n 
1 100 GLY n 
1 101 PRO n 
1 102 ARG n 
1 103 ARG n 
1 104 TYR n 
1 105 THR n 
1 106 ILE n 
1 107 ALA n 
1 108 ALA n 
1 109 LEU n 
1 110 LEU n 
1 111 SER n 
1 112 ALA n 
1 113 TYR n 
1 114 SER n 
1 115 TYR n 
1 116 SER n 
1 117 THR n 
1 118 THR n 
1 119 ALA n 
1 120 VAL n 
1 121 VAL n 
1 122 THR n 
1 123 ASN n 
1 124 PRO n 
1 125 LYS n 
1 126 GLU n 
# 
_entity_src_gen.entity_id                          1 
_entity_src_gen.pdbx_src_id                        1 
_entity_src_gen.pdbx_alt_source_flag               sample 
_entity_src_gen.pdbx_seq_type                      'Biological sequence' 
_entity_src_gen.pdbx_beg_seq_num                   1 
_entity_src_gen.pdbx_end_seq_num                   126 
_entity_src_gen.gene_src_common_name               Human 
_entity_src_gen.gene_src_genus                     ? 
_entity_src_gen.pdbx_gene_src_gene                 'TTR, PALB' 
_entity_src_gen.gene_src_species                   ? 
_entity_src_gen.gene_src_strain                    ? 
_entity_src_gen.gene_src_tissue                    ? 
_entity_src_gen.gene_src_tissue_fraction           ? 
_entity_src_gen.gene_src_details                   ? 
_entity_src_gen.pdbx_gene_src_fragment             ? 
_entity_src_gen.pdbx_gene_src_scientific_name      'Homo sapiens' 
_entity_src_gen.pdbx_gene_src_ncbi_taxonomy_id     9606 
_entity_src_gen.pdbx_gene_src_variant              ? 
_entity_src_gen.pdbx_gene_src_cell_line            ? 
_entity_src_gen.pdbx_gene_src_atcc                 ? 
_entity_src_gen.pdbx_gene_src_organ                ? 
_entity_src_gen.pdbx_gene_src_organelle            ? 
_entity_src_gen.pdbx_gene_src_cell                 ? 
_entity_src_gen.pdbx_gene_src_cellular_location    ? 
_entity_src_gen.host_org_common_name               ? 
_entity_src_gen.pdbx_host_org_scientific_name      'Escherichia coli' 
_entity_src_gen.pdbx_host_org_ncbi_taxonomy_id     562 
_entity_src_gen.host_org_genus                     ? 
_entity_src_gen.pdbx_host_org_gene                 ? 
_entity_src_gen.pdbx_host_org_organ                ? 
_entity_src_gen.host_org_species                   ? 
_entity_src_gen.pdbx_host_org_tissue               ? 
_entity_src_gen.pdbx_host_org_tissue_fraction      ? 
_entity_src_gen.pdbx_host_org_strain               ? 
_entity_src_gen.pdbx_host_org_variant              ? 
_entity_src_gen.pdbx_host_org_cell_line            ? 
_entity_src_gen.pdbx_host_org_atcc                 ? 
_entity_src_gen.pdbx_host_org_culture_collection   ? 
_entity_src_gen.pdbx_host_org_cell                 ? 
_entity_src_gen.pdbx_host_org_organelle            ? 
_entity_src_gen.pdbx_host_org_cellular_location    ? 
_entity_src_gen.pdbx_host_org_vector_type          ? 
_entity_src_gen.pdbx_host_org_vector               ? 
_entity_src_gen.host_org_details                   ? 
_entity_src_gen.expression_system_id               ? 
_entity_src_gen.plasmid_name                       ? 
_entity_src_gen.plasmid_details                    ? 
_entity_src_gen.pdbx_description                   ? 
# 
loop_
_chem_comp.id 
_chem_comp.type 
_chem_comp.mon_nstd_flag 
_chem_comp.name 
_chem_comp.pdbx_synonyms 
_chem_comp.formula 
_chem_comp.formula_weight 
ALA 'L-peptide linking' y ALANINE         ? 'C3 H7 N O2'     89.093  
ARG 'L-peptide linking' y ARGININE        ? 'C6 H15 N4 O2 1' 175.209 
ASN 'L-peptide linking' y ASPARAGINE      ? 'C4 H8 N2 O3'    132.118 
ASP 'L-peptide linking' y 'ASPARTIC ACID' ? 'C4 H7 N O4'     133.103 
CL  non-polymer         . 'CHLORIDE ION'  ? 'Cl -1'          35.453  
GLU 'L-peptide linking' y 'GLUTAMIC ACID' ? 'C5 H9 N O4'     147.129 
GLY 'peptide linking'   y GLYCINE         ? 'C2 H5 N O2'     75.067  
HIS 'L-peptide linking' y HISTIDINE       ? 'C6 H10 N3 O2 1' 156.162 
HOH non-polymer         . WATER           ? 'H2 O'           18.015  
ILE 'L-peptide linking' y ISOLEUCINE      ? 'C6 H13 N O2'    131.173 
LEU 'L-peptide linking' y LEUCINE         ? 'C6 H13 N O2'    131.173 
LYS 'L-peptide linking' y LYSINE          ? 'C6 H15 N2 O2 1' 147.195 
MET 'L-peptide linking' y METHIONINE      ? 'C5 H11 N O2 S'  149.211 
PHE 'L-peptide linking' y PHENYLALANINE   ? 'C9 H11 N O2'    165.189 
PRO 'L-peptide linking' y PROLINE         ? 'C5 H9 N O2'     115.130 
SER 'L-peptide linking' y SERINE          ? 'C3 H7 N O3'     105.093 
SO4 non-polymer         . 'SULFATE ION'   ? 'O4 S -2'        96.063  
THR 'L-peptide linking' y THREONINE       ? 'C4 H9 N O3'     119.119 
TRP 'L-peptide linking' y TRYPTOPHAN      ? 'C11 H12 N2 O2'  204.225 
TYR 'L-peptide linking' y TYROSINE        ? 'C9 H11 N O3'    181.189 
VAL 'L-peptide linking' y VALINE          ? 'C5 H11 N O2'    117.146 
# 
loop_
_pdbx_poly_seq_scheme.asym_id 
_pdbx_poly_seq_scheme.entity_id 
_pdbx_poly_seq_scheme.seq_id 
_pdbx_poly_seq_scheme.mon_id 
_pdbx_poly_seq_scheme.ndb_seq_num 
_pdbx_poly_seq_scheme.pdb_seq_num 
_pdbx_poly_seq_scheme.auth_seq_num 
_pdbx_poly_seq_scheme.pdb_mon_id 
_pdbx_poly_seq_scheme.auth_mon_id 
_pdbx_poly_seq_scheme.pdb_strand_id 
_pdbx_poly_seq_scheme.pdb_ins_code 
_pdbx_poly_seq_scheme.hetero 
A 1 1   ALA 1   2   ?   ?   ?   A . n 
A 1 2   HIS 2   3   ?   ?   ?   A . n 
A 1 3   HIS 3   4   ?   ?   ?   A . n 
A 1 4   HIS 4   5   ?   ?   ?   A . n 
A 1 5   HIS 5   6   ?   ?   ?   A . n 
A 1 6   HIS 6   7   ?   ?   ?   A . n 
A 1 7   HIS 7   8   ?   ?   ?   A . n 
A 1 8   MET 8   9   ?   ?   ?   A . n 
A 1 9   SER 9   10  10  SER SER A . n 
A 1 10  PRO 10  11  11  PRO PRO A . n 
A 1 11  LEU 11  12  12  LEU LEU A . n 
A 1 12  MET 12  13  13  MET MET A . n 
A 1 13  VAL 13  14  14  VAL VAL A . n 
A 1 14  LYS 14  15  15  LYS LYS A . n 
A 1 15  VAL 15  16  16  VAL VAL A . n 
A 1 16  LEU 16  17  17  LEU LEU A . n 
A 1 17  ASP 17  18  18  ASP ASP A . n 
A 1 18  ALA 18  19  19  ALA ALA A . n 
A 1 19  VAL 19  20  20  VAL VAL A . n 
A 1 20  ARG 20  21  21  ARG ARG A . n 
A 1 21  GLY 21  22  22  GLY GLY A . n 
A 1 22  SER 22  23  23  SER SER A . n 
A 1 23  PRO 23  24  24  PRO PRO A . n 
A 1 24  ALA 24  25  25  ALA ALA A . n 
A 1 25  ILE 25  26  26  ILE ILE A . n 
A 1 26  ASN 26  27  27  ASN ASN A . n 
A 1 27  VAL 27  28  28  VAL VAL A . n 
A 1 28  ALA 28  29  29  ALA ALA A . n 
A 1 29  VAL 29  30  30  VAL VAL A . n 
A 1 30  HIS 30  31  31  HIS HIS A . n 
A 1 31  VAL 31  32  32  VAL VAL A . n 
A 1 32  PHE 32  33  33  PHE PHE A . n 
A 1 33  ARG 33  34  34  ARG ARG A . n 
A 1 34  LYS 34  35  35  LYS LYS A . n 
A 1 35  ALA 35  36  36  ALA ALA A . n 
A 1 36  ALA 36  37  37  ALA ALA A . n 
A 1 37  ASP 37  38  38  ASP ASP A . n 
A 1 38  ASP 38  39  39  ASP ASP A . n 
A 1 39  THR 39  40  40  THR THR A . n 
A 1 40  TRP 40  41  41  TRP TRP A . n 
A 1 41  GLU 41  42  42  GLU GLU A . n 
A 1 42  PRO 42  43  43  PRO PRO A . n 
A 1 43  PHE 43  44  44  PHE PHE A . n 
A 1 44  ALA 44  45  45  ALA ALA A . n 
A 1 45  SER 45  46  46  SER SER A . n 
A 1 46  GLY 46  47  47  GLY GLY A . n 
A 1 47  LYS 47  48  48  LYS LYS A . n 
A 1 48  THR 48  49  49  THR THR A . n 
A 1 49  SER 49  50  50  SER SER A . n 
A 1 50  GLU 50  51  51  GLU GLU A . n 
A 1 51  SER 51  52  52  SER SER A . n 
A 1 52  GLY 52  53  53  GLY GLY A . n 
A 1 53  GLU 53  54  54  GLU GLU A . n 
A 1 54  LEU 54  55  55  LEU LEU A . n 
A 1 55  HIS 55  56  56  HIS HIS A . n 
A 1 56  GLY 56  57  57  GLY GLY A . n 
A 1 57  LEU 57  58  58  LEU LEU A . n 
A 1 58  THR 58  59  59  THR THR A . n 
A 1 59  THR 59  60  60  THR THR A . n 
A 1 60  GLU 60  61  61  GLU GLU A . n 
A 1 61  GLU 61  62  62  GLU GLU A . n 
A 1 62  GLU 62  63  63  GLU GLU A . n 
A 1 63  PHE 63  64  64  PHE PHE A . n 
A 1 64  VAL 64  65  65  VAL VAL A . n 
A 1 65  GLU 65  66  66  GLU GLU A . n 
A 1 66  GLY 66  67  67  GLY GLY A . n 
A 1 67  ILE 67  68  68  ILE ILE A . n 
A 1 68  TYR 68  69  69  TYR TYR A . n 
A 1 69  LYS 69  70  70  LYS LYS A . n 
A 1 70  VAL 70  71  71  VAL VAL A . n 
A 1 71  GLU 71  72  72  GLU GLU A . n 
A 1 72  ILE 72  73  73  ILE ILE A . n 
A 1 73  ASP 73  74  74  ASP ASP A . n 
A 1 74  THR 74  75  75  THR THR A . n 
A 1 75  LYS 75  76  76  LYS LYS A . n 
A 1 76  SER 76  77  77  SER SER A . n 
A 1 77  TYR 77  78  78  TYR TYR A . n 
A 1 78  TRP 78  79  79  TRP TRP A . n 
A 1 79  LYS 79  80  80  LYS LYS A . n 
A 1 80  ALA 80  81  81  ALA ALA A . n 
A 1 81  LEU 81  82  82  LEU LEU A . n 
A 1 82  GLY 82  83  83  GLY GLY A . n 
A 1 83  ILE 83  84  84  ILE ILE A . n 
A 1 84  SER 84  85  85  SER SER A . n 
A 1 85  PRO 85  86  86  PRO PRO A . n 
A 1 86  PHE 86  87  87  PHE PHE A . n 
A 1 87  HIS 87  88  88  HIS HIS A . n 
A 1 88  GLU 88  89  89  GLU GLU A . n 
A 1 89  HIS 89  90  90  HIS HIS A . n 
A 1 90  ALA 90  91  91  ALA ALA A . n 
A 1 91  GLU 91  92  92  GLU GLU A . n 
A 1 92  VAL 92  93  93  VAL VAL A . n 
A 1 93  VAL 93  94  94  VAL VAL A . n 
A 1 94  PHE 94  95  95  PHE PHE A . n 
A 1 95  THR 95  96  96  THR THR A . n 
A 1 96  ALA 96  97  97  ALA ALA A . n 
A 1 97  ASN 97  98  98  ASN ASN A . n 
A 1 98  ASP 98  99  99  ASP ASP A . n 
A 1 99  SER 99  100 100 SER SER A . n 
A 1 100 GLY 100 101 101 GLY GLY A . n 
A 1 101 PRO 101 102 102 PRO PRO A . n 
A 1 102 ARG 102 103 103 ARG ARG A . n 
A 1 103 ARG 103 104 104 ARG ARG A . n 
A 1 104 TYR 104 105 105 TYR TYR A . n 
A 1 105 THR 105 106 106 THR THR A . n 
A 1 106 ILE 106 107 107 ILE ILE A . n 
A 1 107 ALA 107 108 108 ALA ALA A . n 
A 1 108 ALA 108 109 109 ALA ALA A . n 
A 1 109 LEU 109 110 110 LEU LEU A . n 
A 1 110 LEU 110 111 111 LEU LEU A . n 
A 1 111 SER 111 112 112 SER SER A . n 
A 1 112 ALA 112 113 113 ALA ALA A . n 
A 1 113 TYR 113 114 114 TYR TYR A . n 
A 1 114 SER 114 115 115 SER SER A . n 
A 1 115 TYR 115 116 116 TYR TYR A . n 
A 1 116 SER 116 117 117 SER SER A . n 
A 1 117 THR 117 118 118 THR THR A . n 
A 1 118 THR 118 119 119 THR THR A . n 
A 1 119 ALA 119 120 120 ALA ALA A . n 
A 1 120 VAL 120 121 121 VAL VAL A . n 
A 1 121 VAL 121 122 122 VAL VAL A . n 
A 1 122 THR 122 123 123 THR THR A . n 
A 1 123 ASN 123 124 124 ASN ASN A . n 
A 1 124 PRO 124 125 ?   ?   ?   A . n 
A 1 125 LYS 125 126 ?   ?   ?   A . n 
A 1 126 GLU 126 127 ?   ?   ?   A . n 
# 
loop_
_pdbx_nonpoly_scheme.asym_id 
_pdbx_nonpoly_scheme.entity_id 
_pdbx_nonpoly_scheme.mon_id 
_pdbx_nonpoly_scheme.ndb_seq_num 
_pdbx_nonpoly_scheme.pdb_seq_num 
_pdbx_nonpoly_scheme.auth_seq_num 
_pdbx_nonpoly_scheme.pdb_mon_id 
_pdbx_nonpoly_scheme.auth_mon_id 
_pdbx_nonpoly_scheme.pdb_strand_id 
_pdbx_nonpoly_scheme.pdb_ins_code 
B 2 SO4 1  201 130 SO4 SO4 A . 
C 3 CL  1  202 131 CL  CL  A . 
D 4 HOH 1  301 12  HOH HOH A . 
D 4 HOH 2  302 38  HOH HOH A . 
D 4 HOH 3  303 50  HOH HOH A . 
D 4 HOH 4  304 4   HOH HOH A . 
D 4 HOH 5  305 67  HOH HOH A . 
D 4 HOH 6  306 16  HOH HOH A . 
D 4 HOH 7  307 9   HOH HOH A . 
D 4 HOH 8  308 26  HOH HOH A . 
D 4 HOH 9  309 28  HOH HOH A . 
D 4 HOH 10 310 5   HOH HOH A . 
D 4 HOH 11 311 6   HOH HOH A . 
D 4 HOH 12 312 27  HOH HOH A . 
D 4 HOH 13 313 2   HOH HOH A . 
D 4 HOH 14 314 8   HOH HOH A . 
D 4 HOH 15 315 29  HOH HOH A . 
D 4 HOH 16 316 37  HOH HOH A . 
D 4 HOH 17 317 33  HOH HOH A . 
D 4 HOH 18 318 32  HOH HOH A . 
D 4 HOH 19 319 47  HOH HOH A . 
D 4 HOH 20 320 42  HOH HOH A . 
D 4 HOH 21 321 17  HOH HOH A . 
D 4 HOH 22 322 63  HOH HOH A . 
D 4 HOH 23 323 3   HOH HOH A . 
D 4 HOH 24 324 21  HOH HOH A . 
D 4 HOH 25 325 49  HOH HOH A . 
D 4 HOH 26 326 30  HOH HOH A . 
D 4 HOH 27 327 31  HOH HOH A . 
D 4 HOH 28 328 11  HOH HOH A . 
D 4 HOH 29 329 7   HOH HOH A . 
D 4 HOH 30 330 19  HOH HOH A . 
D 4 HOH 31 331 57  HOH HOH A . 
D 4 HOH 32 332 36  HOH HOH A . 
D 4 HOH 33 333 15  HOH HOH A . 
D 4 HOH 34 334 13  HOH HOH A . 
D 4 HOH 35 335 1   HOH HOH A . 
D 4 HOH 36 336 14  HOH HOH A . 
D 4 HOH 37 337 18  HOH HOH A . 
D 4 HOH 38 338 35  HOH HOH A . 
D 4 HOH 39 339 20  HOH HOH A . 
D 4 HOH 40 340 10  HOH HOH A . 
D 4 HOH 41 341 55  HOH HOH A . 
D 4 HOH 42 342 53  HOH HOH A . 
D 4 HOH 43 343 64  HOH HOH A . 
D 4 HOH 44 344 48  HOH HOH A . 
D 4 HOH 45 345 34  HOH HOH A . 
D 4 HOH 46 346 39  HOH HOH A . 
D 4 HOH 47 347 45  HOH HOH A . 
D 4 HOH 48 348 22  HOH HOH A . 
D 4 HOH 49 349 41  HOH HOH A . 
D 4 HOH 50 350 46  HOH HOH A . 
D 4 HOH 51 351 23  HOH HOH A . 
D 4 HOH 52 352 62  HOH HOH A . 
D 4 HOH 53 353 65  HOH HOH A . 
D 4 HOH 54 354 58  HOH HOH A . 
D 4 HOH 55 355 54  HOH HOH A . 
D 4 HOH 56 356 66  HOH HOH A . 
D 4 HOH 57 357 52  HOH HOH A . 
D 4 HOH 58 358 60  HOH HOH A . 
D 4 HOH 59 359 25  HOH HOH A . 
D 4 HOH 60 360 61  HOH HOH A . 
D 4 HOH 61 361 24  HOH HOH A . 
D 4 HOH 62 362 43  HOH HOH A . 
# 
loop_
_software.citation_id 
_software.classification 
_software.compiler_name 
_software.compiler_version 
_software.contact_author 
_software.contact_author_email 
_software.date 
_software.description 
_software.dependencies 
_software.hardware 
_software.language 
_software.location 
_software.mods 
_software.name 
_software.os 
_software.os_version 
_software.type 
_software.version 
_software.pdbx_ordinal 
? refinement       ? ? ? ? ? ? ? ? ? ? ? PHENIX ? ? ? 1.8_1069 1 
? 'data reduction' ? ? ? ? ? ? ? ? ? ? ? MOSFLM ? ? ? .        2 
? 'data scaling'   ? ? ? ? ? ? ? ? ? ? ? SCALA  ? ? ? .        3 
? phasing          ? ? ? ? ? ? ? ? ? ? ? MOLREP ? ? ? .        4 
# 
_cell.angle_alpha                  90.00 
_cell.angle_alpha_esd              ? 
_cell.angle_beta                   90.00 
_cell.angle_beta_esd               ? 
_cell.angle_gamma                  90.00 
_cell.angle_gamma_esd              ? 
_cell.entry_id                     5H0Z 
_cell.details                      ? 
_cell.formula_units_Z              ? 
_cell.length_a                     41.180 
_cell.length_a_esd                 ? 
_cell.length_b                     64.260 
_cell.length_b_esd                 ? 
_cell.length_c                     85.370 
_cell.length_c_esd                 ? 
_cell.volume                       ? 
_cell.volume_esd                   ? 
_cell.Z_PDB                        8 
_cell.reciprocal_angle_alpha       ? 
_cell.reciprocal_angle_beta        ? 
_cell.reciprocal_angle_gamma       ? 
_cell.reciprocal_angle_alpha_esd   ? 
_cell.reciprocal_angle_beta_esd    ? 
_cell.reciprocal_angle_gamma_esd   ? 
_cell.reciprocal_length_a          ? 
_cell.reciprocal_length_b          ? 
_cell.reciprocal_length_c          ? 
_cell.reciprocal_length_a_esd      ? 
_cell.reciprocal_length_b_esd      ? 
_cell.reciprocal_length_c_esd      ? 
_cell.pdbx_unique_axis             ? 
# 
_symmetry.entry_id                         5H0Z 
_symmetry.cell_setting                     ? 
_symmetry.Int_Tables_number                23 
_symmetry.space_group_name_Hall            ? 
_symmetry.space_group_name_H-M             'I 2 2 2' 
_symmetry.pdbx_full_space_group_name_H-M   ? 
# 
_exptl.absorpt_coefficient_mu     ? 
_exptl.absorpt_correction_T_max   ? 
_exptl.absorpt_correction_T_min   ? 
_exptl.absorpt_correction_type    ? 
_exptl.absorpt_process_details    ? 
_exptl.entry_id                   5H0Z 
_exptl.crystals_number            1 
_exptl.details                    ? 
_exptl.method                     'X-RAY DIFFRACTION' 
_exptl.method_details             ? 
# 
_exptl_crystal.colour                      ? 
_exptl_crystal.density_diffrn              ? 
_exptl_crystal.density_Matthews            2.02 
_exptl_crystal.density_method              ? 
_exptl_crystal.density_percent_sol         39.23 
_exptl_crystal.description                 ? 
_exptl_crystal.F_000                       ? 
_exptl_crystal.id                          1 
_exptl_crystal.preparation                 ? 
_exptl_crystal.size_max                    ? 
_exptl_crystal.size_mid                    ? 
_exptl_crystal.size_min                    ? 
_exptl_crystal.size_rad                    ? 
_exptl_crystal.colour_lustre               ? 
_exptl_crystal.colour_modifier             ? 
_exptl_crystal.colour_primary              ? 
_exptl_crystal.density_meas                ? 
_exptl_crystal.density_meas_esd            ? 
_exptl_crystal.density_meas_gt             ? 
_exptl_crystal.density_meas_lt             ? 
_exptl_crystal.density_meas_temp           ? 
_exptl_crystal.density_meas_temp_esd       ? 
_exptl_crystal.density_meas_temp_gt        ? 
_exptl_crystal.density_meas_temp_lt        ? 
_exptl_crystal.pdbx_crystal_image_url      ? 
_exptl_crystal.pdbx_crystal_image_format   ? 
_exptl_crystal.pdbx_mosaicity              ? 
_exptl_crystal.pdbx_mosaicity_esd          ? 
# 
_exptl_crystal_grow.apparatus       ? 
_exptl_crystal_grow.atmosphere      ? 
_exptl_crystal_grow.crystal_id      1 
_exptl_crystal_grow.details         ? 
_exptl_crystal_grow.method          'VAPOR DIFFUSION, SITTING DROP' 
_exptl_crystal_grow.method_ref      ? 
_exptl_crystal_grow.pH              5.5 
_exptl_crystal_grow.pressure        ? 
_exptl_crystal_grow.pressure_esd    ? 
_exptl_crystal_grow.seeding         ? 
_exptl_crystal_grow.seeding_ref     ? 
_exptl_crystal_grow.temp            293 
_exptl_crystal_grow.temp_details    ? 
_exptl_crystal_grow.temp_esd        ? 
_exptl_crystal_grow.time            ? 
_exptl_crystal_grow.pdbx_details    '1.6 M Ammonium sulfate, 0.1 M sodium acetate' 
_exptl_crystal_grow.pdbx_pH_range   ? 
# 
_diffrn.ambient_environment    ? 
_diffrn.ambient_temp           100 
_diffrn.ambient_temp_details   ? 
_diffrn.ambient_temp_esd       ? 
_diffrn.crystal_id             1 
_diffrn.crystal_support        ? 
_diffrn.crystal_treatment      ? 
_diffrn.details                ? 
_diffrn.id                     1 
_diffrn.ambient_pressure       ? 
_diffrn.ambient_pressure_esd   ? 
_diffrn.ambient_pressure_gt    ? 
_diffrn.ambient_pressure_lt    ? 
_diffrn.ambient_temp_gt        ? 
_diffrn.ambient_temp_lt        ? 
# 
_diffrn_detector.details                      ? 
_diffrn_detector.detector                     CCD 
_diffrn_detector.diffrn_id                    1 
_diffrn_detector.type                         'MARMOSAIC 225 mm CCD' 
_diffrn_detector.area_resol_mean              ? 
_diffrn_detector.dtime                        ? 
_diffrn_detector.pdbx_frames_total            ? 
_diffrn_detector.pdbx_collection_time_total   ? 
_diffrn_detector.pdbx_collection_date         2012-10-27 
# 
_diffrn_radiation.collimation                      ? 
_diffrn_radiation.diffrn_id                        1 
_diffrn_radiation.filter_edge                      ? 
_diffrn_radiation.inhomogeneity                    ? 
_diffrn_radiation.monochromator                    ? 
_diffrn_radiation.polarisn_norm                    ? 
_diffrn_radiation.polarisn_ratio                   ? 
_diffrn_radiation.probe                            ? 
_diffrn_radiation.type                             ? 
_diffrn_radiation.xray_symbol                      ? 
_diffrn_radiation.wavelength_id                    1 
_diffrn_radiation.pdbx_monochromatic_or_laue_m_l   M 
_diffrn_radiation.pdbx_wavelength_list             ? 
_diffrn_radiation.pdbx_wavelength                  ? 
_diffrn_radiation.pdbx_diffrn_protocol             'SINGLE WAVELENGTH' 
_diffrn_radiation.pdbx_analyzer                    ? 
_diffrn_radiation.pdbx_scattering_type             x-ray 
# 
_diffrn_radiation_wavelength.id           1 
_diffrn_radiation_wavelength.wavelength   1 
_diffrn_radiation_wavelength.wt           1.0 
# 
_diffrn_source.current                     ? 
_diffrn_source.details                     ? 
_diffrn_source.diffrn_id                   1 
_diffrn_source.power                       ? 
_diffrn_source.size                        ? 
_diffrn_source.source                      SYNCHROTRON 
_diffrn_source.target                      ? 
_diffrn_source.type                        'SPRING-8 BEAMLINE BL41XU' 
_diffrn_source.voltage                     ? 
_diffrn_source.take-off_angle              ? 
_diffrn_source.pdbx_wavelength_list        1 
_diffrn_source.pdbx_wavelength             ? 
_diffrn_source.pdbx_synchrotron_beamline   BL41XU 
_diffrn_source.pdbx_synchrotron_site       SPring-8 
# 
_reflns.B_iso_Wilson_estimate            ? 
_reflns.entry_id                         5H0Z 
_reflns.data_reduction_details           ? 
_reflns.data_reduction_method            ? 
_reflns.d_resolution_high                1.735 
_reflns.d_resolution_low                 32.2 
_reflns.details                          ? 
_reflns.limit_h_max                      ? 
_reflns.limit_h_min                      ? 
_reflns.limit_k_max                      ? 
_reflns.limit_k_min                      ? 
_reflns.limit_l_max                      ? 
_reflns.limit_l_min                      ? 
_reflns.number_all                       ? 
_reflns.number_obs                       12061 
_reflns.observed_criterion               ? 
_reflns.observed_criterion_F_max         ? 
_reflns.observed_criterion_F_min         ? 
_reflns.observed_criterion_I_max         ? 
_reflns.observed_criterion_I_min         ? 
_reflns.observed_criterion_sigma_F       ? 
_reflns.observed_criterion_sigma_I       ? 
_reflns.percent_possible_obs             99.9 
_reflns.R_free_details                   ? 
_reflns.Rmerge_F_all                     ? 
_reflns.Rmerge_F_obs                     ? 
_reflns.Friedel_coverage                 ? 
_reflns.number_gt                        ? 
_reflns.threshold_expression             ? 
_reflns.pdbx_redundancy                  7.2 
_reflns.pdbx_Rmerge_I_obs                ? 
_reflns.pdbx_Rmerge_I_all                ? 
_reflns.pdbx_Rsym_value                  ? 
_reflns.pdbx_netI_over_av_sigmaI         ? 
_reflns.pdbx_netI_over_sigmaI            7.3 
_reflns.pdbx_res_netI_over_av_sigmaI_2   ? 
_reflns.pdbx_res_netI_over_sigmaI_2      ? 
_reflns.pdbx_chi_squared                 ? 
_reflns.pdbx_scaling_rejects             ? 
_reflns.pdbx_d_res_high_opt              ? 
_reflns.pdbx_d_res_low_opt               ? 
_reflns.pdbx_d_res_opt_method            ? 
_reflns.phase_calculation_details        ? 
_reflns.pdbx_Rrim_I_all                  ? 
_reflns.pdbx_Rpim_I_all                  ? 
_reflns.pdbx_d_opt                       ? 
_reflns.pdbx_number_measured_all         ? 
_reflns.pdbx_diffrn_id                   1 
_reflns.pdbx_ordinal                     1 
_reflns.pdbx_CC_half                     ? 
_reflns.pdbx_R_split                     ? 
# 
_reflns_shell.d_res_high                  . 
_reflns_shell.d_res_low                   ? 
_reflns_shell.meanI_over_sigI_all         ? 
_reflns_shell.meanI_over_sigI_obs         ? 
_reflns_shell.number_measured_all         ? 
_reflns_shell.number_measured_obs         ? 
_reflns_shell.number_possible             ? 
_reflns_shell.number_unique_all           ? 
_reflns_shell.number_unique_obs           ? 
_reflns_shell.percent_possible_all        ? 
_reflns_shell.percent_possible_obs        ? 
_reflns_shell.Rmerge_F_all                ? 
_reflns_shell.Rmerge_F_obs                ? 
_reflns_shell.Rmerge_I_all                ? 
_reflns_shell.Rmerge_I_obs                ? 
_reflns_shell.meanI_over_sigI_gt          ? 
_reflns_shell.meanI_over_uI_all           ? 
_reflns_shell.meanI_over_uI_gt            ? 
_reflns_shell.number_measured_gt          ? 
_reflns_shell.number_unique_gt            ? 
_reflns_shell.percent_possible_gt         ? 
_reflns_shell.Rmerge_F_gt                 ? 
_reflns_shell.Rmerge_I_gt                 ? 
_reflns_shell.pdbx_redundancy             ? 
_reflns_shell.pdbx_Rsym_value             ? 
_reflns_shell.pdbx_chi_squared            ? 
_reflns_shell.pdbx_netI_over_sigmaI_all   ? 
_reflns_shell.pdbx_netI_over_sigmaI_obs   ? 
_reflns_shell.pdbx_Rrim_I_all             ? 
_reflns_shell.pdbx_Rpim_I_all             ? 
_reflns_shell.pdbx_rejects                ? 
_reflns_shell.pdbx_ordinal                1 
_reflns_shell.pdbx_diffrn_id              1 
_reflns_shell.pdbx_CC_half                ? 
_reflns_shell.pdbx_R_split                ? 
# 
_refine.aniso_B[1][1]                            ? 
_refine.aniso_B[1][2]                            ? 
_refine.aniso_B[1][3]                            ? 
_refine.aniso_B[2][2]                            ? 
_refine.aniso_B[2][3]                            ? 
_refine.aniso_B[3][3]                            ? 
_refine.B_iso_max                                ? 
_refine.B_iso_mean                               ? 
_refine.B_iso_min                                ? 
_refine.correlation_coeff_Fo_to_Fc               ? 
_refine.correlation_coeff_Fo_to_Fc_free          ? 
_refine.details                                  ? 
_refine.diff_density_max                         ? 
_refine.diff_density_max_esd                     ? 
_refine.diff_density_min                         ? 
_refine.diff_density_min_esd                     ? 
_refine.diff_density_rms                         ? 
_refine.diff_density_rms_esd                     ? 
_refine.entry_id                                 5H0Z 
_refine.pdbx_refine_id                           'X-RAY DIFFRACTION' 
_refine.ls_abs_structure_details                 ? 
_refine.ls_abs_structure_Flack                   ? 
_refine.ls_abs_structure_Flack_esd               ? 
_refine.ls_abs_structure_Rogers                  ? 
_refine.ls_abs_structure_Rogers_esd              ? 
_refine.ls_d_res_high                            1.735 
_refine.ls_d_res_low                             32.130 
_refine.ls_extinction_coef                       ? 
_refine.ls_extinction_coef_esd                   ? 
_refine.ls_extinction_expression                 ? 
_refine.ls_extinction_method                     ? 
_refine.ls_goodness_of_fit_all                   ? 
_refine.ls_goodness_of_fit_all_esd               ? 
_refine.ls_goodness_of_fit_obs                   ? 
_refine.ls_goodness_of_fit_obs_esd               ? 
_refine.ls_hydrogen_treatment                    ? 
_refine.ls_matrix_type                           ? 
_refine.ls_number_constraints                    ? 
_refine.ls_number_parameters                     ? 
_refine.ls_number_reflns_all                     ? 
_refine.ls_number_reflns_obs                     12060 
_refine.ls_number_reflns_R_free                  576 
_refine.ls_number_reflns_R_work                  ? 
_refine.ls_number_restraints                     ? 
_refine.ls_percent_reflns_obs                    99.94 
_refine.ls_percent_reflns_R_free                 4.81 
_refine.ls_R_factor_all                          ? 
_refine.ls_R_factor_obs                          0.2277 
_refine.ls_R_factor_R_free                       0.2567 
_refine.ls_R_factor_R_free_error                 ? 
_refine.ls_R_factor_R_free_error_details         ? 
_refine.ls_R_factor_R_work                       0.2262 
_refine.ls_R_Fsqd_factor_obs                     ? 
_refine.ls_R_I_factor_obs                        ? 
_refine.ls_redundancy_reflns_all                 ? 
_refine.ls_redundancy_reflns_obs                 ? 
_refine.ls_restrained_S_all                      ? 
_refine.ls_restrained_S_obs                      ? 
_refine.ls_shift_over_esd_max                    ? 
_refine.ls_shift_over_esd_mean                   ? 
_refine.ls_structure_factor_coef                 ? 
_refine.ls_weighting_details                     ? 
_refine.ls_weighting_scheme                      ? 
_refine.ls_wR_factor_all                         ? 
_refine.ls_wR_factor_obs                         ? 
_refine.ls_wR_factor_R_free                      ? 
_refine.ls_wR_factor_R_work                      ? 
_refine.occupancy_max                            ? 
_refine.occupancy_min                            ? 
_refine.solvent_model_details                    ? 
_refine.solvent_model_param_bsol                 ? 
_refine.solvent_model_param_ksol                 ? 
_refine.ls_R_factor_gt                           ? 
_refine.ls_goodness_of_fit_gt                    ? 
_refine.ls_goodness_of_fit_ref                   ? 
_refine.ls_shift_over_su_max                     ? 
_refine.ls_shift_over_su_max_lt                  ? 
_refine.ls_shift_over_su_mean                    ? 
_refine.ls_shift_over_su_mean_lt                 ? 
_refine.pdbx_ls_sigma_I                          ? 
_refine.pdbx_ls_sigma_F                          1.40 
_refine.pdbx_ls_sigma_Fsqd                       ? 
_refine.pdbx_data_cutoff_high_absF               ? 
_refine.pdbx_data_cutoff_high_rms_absF           ? 
_refine.pdbx_data_cutoff_low_absF                ? 
_refine.pdbx_isotropic_thermal_model             ? 
_refine.pdbx_ls_cross_valid_method               'FREE R-VALUE' 
_refine.pdbx_method_to_determine_struct          ? 
_refine.pdbx_starting_model                      ? 
_refine.pdbx_stereochemistry_target_values       ? 
_refine.pdbx_R_Free_selection_details            ? 
_refine.pdbx_stereochem_target_val_spec_case     ? 
_refine.pdbx_overall_ESU_R                       ? 
_refine.pdbx_overall_ESU_R_Free                  ? 
_refine.pdbx_solvent_vdw_probe_radii             1.11 
_refine.pdbx_solvent_ion_probe_radii             ? 
_refine.pdbx_solvent_shrinkage_radii             0.90 
_refine.pdbx_real_space_R                        ? 
_refine.pdbx_density_correlation                 ? 
_refine.pdbx_pd_number_of_powder_patterns        ? 
_refine.pdbx_pd_number_of_points                 ? 
_refine.pdbx_pd_meas_number_of_points            ? 
_refine.pdbx_pd_proc_ls_prof_R_factor            ? 
_refine.pdbx_pd_proc_ls_prof_wR_factor           ? 
_refine.pdbx_pd_Marquardt_correlation_coeff      ? 
_refine.pdbx_pd_Fsqrd_R_factor                   ? 
_refine.pdbx_pd_ls_matrix_band_width             ? 
_refine.pdbx_overall_phase_error                 29.62 
_refine.pdbx_overall_SU_R_free_Cruickshank_DPI   ? 
_refine.pdbx_overall_SU_R_free_Blow_DPI          ? 
_refine.pdbx_overall_SU_R_Blow_DPI               ? 
_refine.pdbx_TLS_residual_ADP_flag               ? 
_refine.pdbx_diffrn_id                           1 
_refine.overall_SU_B                             ? 
_refine.overall_SU_ML                            0.29 
_refine.overall_SU_R_Cruickshank_DPI             ? 
_refine.overall_SU_R_free                        ? 
_refine.overall_FOM_free_R_set                   ? 
_refine.overall_FOM_work_R_set                   ? 
_refine.pdbx_average_fsc_overall                 ? 
_refine.pdbx_average_fsc_work                    ? 
_refine.pdbx_average_fsc_free                    ? 
# 
_refine_hist.pdbx_refine_id                   'X-RAY DIFFRACTION' 
_refine_hist.cycle_id                         LAST 
_refine_hist.pdbx_number_atoms_protein        887 
_refine_hist.pdbx_number_atoms_nucleic_acid   0 
_refine_hist.pdbx_number_atoms_ligand         6 
_refine_hist.number_atoms_solvent             62 
_refine_hist.number_atoms_total               955 
_refine_hist.d_res_high                       1.735 
_refine_hist.d_res_low                        32.130 
# 
loop_
_refine_ls_restr.pdbx_refine_id 
_refine_ls_restr.criterion 
_refine_ls_restr.dev_ideal 
_refine_ls_restr.dev_ideal_target 
_refine_ls_restr.number 
_refine_ls_restr.rejects 
_refine_ls_restr.type 
_refine_ls_restr.weight 
_refine_ls_restr.pdbx_restraint_function 
'X-RAY DIFFRACTION' ? 0.007  ? 913  ? f_bond_d           ? ? 
'X-RAY DIFFRACTION' ? 1.116  ? 1245 ? f_angle_d          ? ? 
'X-RAY DIFFRACTION' ? 14.712 ? 316  ? f_dihedral_angle_d ? ? 
'X-RAY DIFFRACTION' ? 0.072  ? 142  ? f_chiral_restr     ? ? 
'X-RAY DIFFRACTION' ? 0.005  ? 157  ? f_plane_restr      ? ? 
# 
loop_
_refine_ls_shell.pdbx_refine_id 
_refine_ls_shell.d_res_high 
_refine_ls_shell.d_res_low 
_refine_ls_shell.number_reflns_all 
_refine_ls_shell.number_reflns_obs 
_refine_ls_shell.number_reflns_R_free 
_refine_ls_shell.number_reflns_R_work 
_refine_ls_shell.percent_reflns_obs 
_refine_ls_shell.percent_reflns_R_free 
_refine_ls_shell.R_factor_all 
_refine_ls_shell.R_factor_obs 
_refine_ls_shell.R_factor_R_free 
_refine_ls_shell.R_factor_R_free_error 
_refine_ls_shell.R_factor_R_work 
_refine_ls_shell.redundancy_reflns_all 
_refine_ls_shell.redundancy_reflns_obs 
_refine_ls_shell.wR_factor_all 
_refine_ls_shell.wR_factor_obs 
_refine_ls_shell.wR_factor_R_free 
_refine_ls_shell.wR_factor_R_work 
_refine_ls_shell.pdbx_total_number_of_bins_used 
_refine_ls_shell.pdbx_phase_error 
_refine_ls_shell.pdbx_fsc_work 
_refine_ls_shell.pdbx_fsc_free 
'X-RAY DIFFRACTION' 1.7351 1.8141  . . 142 2637 100.00 . . . 0.3646 . 0.3248 . . . . . . . . . . 
'X-RAY DIFFRACTION' 1.8141 1.9097  . . 138 2726 100.00 . . . 0.3459 . 0.2891 . . . . . . . . . . 
'X-RAY DIFFRACTION' 1.9097 2.0294  . . 117 2678 100.00 . . . 0.3362 . 0.2734 . . . . . . . . . . 
'X-RAY DIFFRACTION' 2.0294 2.1860  . . 145 2695 100.00 . . . 0.3046 . 0.2400 . . . . . . . . . . 
'X-RAY DIFFRACTION' 2.1860 2.4059  . . 137 2696 100.00 . . . 0.2845 . 0.2472 . . . . . . . . . . 
'X-RAY DIFFRACTION' 2.4059 2.7539  . . 134 2714 100.00 . . . 0.2789 . 0.2400 . . . . . . . . . . 
'X-RAY DIFFRACTION' 2.7539 3.4690  . . 137 2684 100.00 . . . 0.2439 . 0.2152 . . . . . . . . . . 
'X-RAY DIFFRACTION' 3.4690 32.1355 . . 137 2696 100.00 . . . 0.2040 . 0.1904 . . . . . . . . . . 
# 
_struct.entry_id                     5H0Z 
_struct.title                        'Crystal structure of P113A mutated human transthyretin' 
_struct.pdbx_model_details           ? 
_struct.pdbx_formula_weight          ? 
_struct.pdbx_formula_weight_method   ? 
_struct.pdbx_model_type_details      ? 
_struct.pdbx_CASP_flag               N 
# 
_struct_keywords.entry_id        5H0Z 
_struct_keywords.text            'transthhyretin, amyloidosis, transporter, TRANSPORT PROTEIN' 
_struct_keywords.pdbx_keywords   'TRANSPORT PROTEIN' 
# 
loop_
_struct_asym.id 
_struct_asym.pdbx_blank_PDB_chainid_flag 
_struct_asym.pdbx_modified 
_struct_asym.entity_id 
_struct_asym.details 
A N N 1 ? 
B N N 2 ? 
C N N 3 ? 
D N N 4 ? 
# 
_struct_ref.id                         1 
_struct_ref.db_name                    UNP 
_struct_ref.db_code                    TTHY_HUMAN 
_struct_ref.pdbx_db_accession          P02766 
_struct_ref.pdbx_db_isoform            ? 
_struct_ref.entity_id                  1 
_struct_ref.pdbx_seq_one_letter_code   
;PLMVKVLDAVRGSPAINVAVHVFRKAADDTWEPFASGKTSESGELHGLTTEEEFVEGIYKVEIDTKSYWKALGISPFHEH
AEVVFTANDSGPRRYTIAALLSPYSYSTTAVVTNPKE
;
_struct_ref.pdbx_align_begin           31 
# 
_struct_ref_seq.align_id                      1 
_struct_ref_seq.ref_id                        1 
_struct_ref_seq.pdbx_PDB_id_code              5H0Z 
_struct_ref_seq.pdbx_strand_id                A 
_struct_ref_seq.seq_align_beg                 10 
_struct_ref_seq.pdbx_seq_align_beg_ins_code   ? 
_struct_ref_seq.seq_align_end                 126 
_struct_ref_seq.pdbx_seq_align_end_ins_code   ? 
_struct_ref_seq.pdbx_db_accession             P02766 
_struct_ref_seq.db_align_beg                  31 
_struct_ref_seq.pdbx_db_align_beg_ins_code    ? 
_struct_ref_seq.db_align_end                  147 
_struct_ref_seq.pdbx_db_align_end_ins_code    ? 
_struct_ref_seq.pdbx_auth_seq_align_beg       11 
_struct_ref_seq.pdbx_auth_seq_align_end       127 
# 
loop_
_struct_ref_seq_dif.align_id 
_struct_ref_seq_dif.pdbx_pdb_id_code 
_struct_ref_seq_dif.mon_id 
_struct_ref_seq_dif.pdbx_pdb_strand_id 
_struct_ref_seq_dif.seq_num 
_struct_ref_seq_dif.pdbx_pdb_ins_code 
_struct_ref_seq_dif.pdbx_seq_db_name 
_struct_ref_seq_dif.pdbx_seq_db_accession_code 
_struct_ref_seq_dif.db_mon_id 
_struct_ref_seq_dif.pdbx_seq_db_seq_num 
_struct_ref_seq_dif.details 
_struct_ref_seq_dif.pdbx_auth_seq_num 
_struct_ref_seq_dif.pdbx_ordinal 
1 5H0Z ALA A 1   ? UNP P02766 ?   ?   'expression tag'      2   1  
1 5H0Z HIS A 2   ? UNP P02766 ?   ?   'expression tag'      3   2  
1 5H0Z HIS A 3   ? UNP P02766 ?   ?   'expression tag'      4   3  
1 5H0Z HIS A 4   ? UNP P02766 ?   ?   'expression tag'      5   4  
1 5H0Z HIS A 5   ? UNP P02766 ?   ?   'expression tag'      6   5  
1 5H0Z HIS A 6   ? UNP P02766 ?   ?   'expression tag'      7   6  
1 5H0Z HIS A 7   ? UNP P02766 ?   ?   'expression tag'      8   7  
1 5H0Z MET A 8   ? UNP P02766 ?   ?   'expression tag'      9   8  
1 5H0Z SER A 9   ? UNP P02766 ?   ?   'expression tag'      10  9  
1 5H0Z ALA A 112 ? UNP P02766 PRO 133 'engineered mutation' 113 10 
# 
_pdbx_struct_assembly.id                   1 
_pdbx_struct_assembly.details              author_and_software_defined_assembly 
_pdbx_struct_assembly.method_details       PISA 
_pdbx_struct_assembly.oligomeric_details   tetrameric 
_pdbx_struct_assembly.oligomeric_count     4 
# 
loop_
_pdbx_struct_assembly_prop.biol_id 
_pdbx_struct_assembly_prop.type 
_pdbx_struct_assembly_prop.value 
_pdbx_struct_assembly_prop.details 
1 'ABSA (A^2)' 7350  ? 
1 MORE         -115  ? 
1 'SSA (A^2)'  19290 ? 
# 
_pdbx_struct_assembly_gen.assembly_id       1 
_pdbx_struct_assembly_gen.oper_expression   1,2,3,4 
_pdbx_struct_assembly_gen.asym_id_list      A,B,C,D 
# 
loop_
_pdbx_struct_oper_list.id 
_pdbx_struct_oper_list.type 
_pdbx_struct_oper_list.name 
_pdbx_struct_oper_list.symmetry_operation 
_pdbx_struct_oper_list.matrix[1][1] 
_pdbx_struct_oper_list.matrix[1][2] 
_pdbx_struct_oper_list.matrix[1][3] 
_pdbx_struct_oper_list.vector[1] 
_pdbx_struct_oper_list.matrix[2][1] 
_pdbx_struct_oper_list.matrix[2][2] 
_pdbx_struct_oper_list.matrix[2][3] 
_pdbx_struct_oper_list.vector[2] 
_pdbx_struct_oper_list.matrix[3][1] 
_pdbx_struct_oper_list.matrix[3][2] 
_pdbx_struct_oper_list.matrix[3][3] 
_pdbx_struct_oper_list.vector[3] 
1 'identity operation'         1_555 x,y,z       1.0000000000  0.0000000000  0.0000000000  0.0000000000  0.0000000000  1.0000000000  0.0000000000  0.0000000000   0.0000000000  0.0000000000  1.0000000000  0.0000000000   
2 'crystal symmetry operation' 2_675 -x+1,-y+2,z -0.9517370597 0.2403635086  0.1908453639  17.6843530098 0.2403635086  0.1970803254  0.9504655328  -8.3685051935  0.1908453639  0.9504655328  -0.2453432657 6.0676579880   
3 'crystal symmetry operation' 3_657 -x+1,y,-z+2 0.3022701193  -0.7392712021 0.6017564829  -2.6618706329 -0.7392712021 -0.5803313750 -0.3416044274 -18.5242504708 0.6017564829  -0.3416044274 -0.7219387443 -16.9968593918 
4 'crystal symmetry operation' 4_577 x,-y+2,-z+2 -0.3505330596 0.4989076935  -0.7926018468 12.5214282856 0.4989076935  -0.6167489503 -0.6088611054 -28.8140160863 -0.7926018468 -0.6088611054 -0.0327179901 -7.8769442860 
# 
_struct_conf.conf_type_id            HELX_P 
_struct_conf.id                      HELX_P1 
_struct_conf.pdbx_PDB_helix_id       AA1 
_struct_conf.beg_label_comp_id       ASP 
_struct_conf.beg_label_asym_id       A 
_struct_conf.beg_label_seq_id        73 
_struct_conf.pdbx_beg_PDB_ins_code   ? 
_struct_conf.end_label_comp_id       LEU 
_struct_conf.end_label_asym_id       A 
_struct_conf.end_label_seq_id        81 
_struct_conf.pdbx_end_PDB_ins_code   ? 
_struct_conf.beg_auth_comp_id        ASP 
_struct_conf.beg_auth_asym_id        A 
_struct_conf.beg_auth_seq_id         74 
_struct_conf.end_auth_comp_id        LEU 
_struct_conf.end_auth_asym_id        A 
_struct_conf.end_auth_seq_id         82 
_struct_conf.pdbx_PDB_helix_class    1 
_struct_conf.details                 ? 
_struct_conf.pdbx_PDB_helix_length   9 
# 
_struct_conf_type.id          HELX_P 
_struct_conf_type.criteria    ? 
_struct_conf_type.reference   ? 
# 
loop_
_struct_mon_prot_cis.pdbx_id 
_struct_mon_prot_cis.label_comp_id 
_struct_mon_prot_cis.label_seq_id 
_struct_mon_prot_cis.label_asym_id 
_struct_mon_prot_cis.label_alt_id 
_struct_mon_prot_cis.pdbx_PDB_ins_code 
_struct_mon_prot_cis.auth_comp_id 
_struct_mon_prot_cis.auth_seq_id 
_struct_mon_prot_cis.auth_asym_id 
_struct_mon_prot_cis.pdbx_label_comp_id_2 
_struct_mon_prot_cis.pdbx_label_seq_id_2 
_struct_mon_prot_cis.pdbx_label_asym_id_2 
_struct_mon_prot_cis.pdbx_PDB_ins_code_2 
_struct_mon_prot_cis.pdbx_auth_comp_id_2 
_struct_mon_prot_cis.pdbx_auth_seq_id_2 
_struct_mon_prot_cis.pdbx_auth_asym_id_2 
_struct_mon_prot_cis.pdbx_PDB_model_num 
_struct_mon_prot_cis.pdbx_omega_angle 
1 ALA 36 A . ? ALA 37 A ASP 37 A ? ASP 38 A 1 9.76   
2 ASP 37 A . ? ASP 38 A ASP 38 A ? ASP 39 A 1 -14.33 
# 
loop_
_struct_sheet.id 
_struct_sheet.type 
_struct_sheet.number_strands 
_struct_sheet.details 
AA1 ? 3 ? 
AA2 ? 4 ? 
AA3 ? 4 ? 
# 
loop_
_struct_sheet_order.sheet_id 
_struct_sheet_order.range_id_1 
_struct_sheet_order.range_id_2 
_struct_sheet_order.offset 
_struct_sheet_order.sense 
AA1 1 2 ? anti-parallel 
AA1 2 3 ? anti-parallel 
AA2 1 2 ? anti-parallel 
AA2 2 3 ? parallel      
AA2 3 4 ? anti-parallel 
AA3 1 2 ? anti-parallel 
AA3 2 3 ? anti-parallel 
AA3 3 4 ? anti-parallel 
# 
loop_
_struct_sheet_range.sheet_id 
_struct_sheet_range.id 
_struct_sheet_range.beg_label_comp_id 
_struct_sheet_range.beg_label_asym_id 
_struct_sheet_range.beg_label_seq_id 
_struct_sheet_range.pdbx_beg_PDB_ins_code 
_struct_sheet_range.end_label_comp_id 
_struct_sheet_range.end_label_asym_id 
_struct_sheet_range.end_label_seq_id 
_struct_sheet_range.pdbx_end_PDB_ins_code 
_struct_sheet_range.beg_auth_comp_id 
_struct_sheet_range.beg_auth_asym_id 
_struct_sheet_range.beg_auth_seq_id 
_struct_sheet_range.end_auth_comp_id 
_struct_sheet_range.end_auth_asym_id 
_struct_sheet_range.end_auth_seq_id 
AA1 1 SER A 22  ? PRO A 23  ? SER A 23  PRO A 24  
AA1 2 LEU A 11  ? ASP A 17  ? LEU A 12  ASP A 18  
AA1 3 GLU A 53  ? LEU A 54  ? GLU A 54  LEU A 55  
AA2 1 SER A 22  ? PRO A 23  ? SER A 23  PRO A 24  
AA2 2 LEU A 11  ? ASP A 17  ? LEU A 12  ASP A 18  
AA2 3 ARG A 103 ? LEU A 110 ? ARG A 104 LEU A 111 
AA2 4 TYR A 115 ? THR A 122 ? TYR A 116 THR A 123 
AA3 1 TRP A 40  ? LYS A 47  ? TRP A 41  LYS A 48  
AA3 2 ALA A 28  ? LYS A 34  ? ALA A 29  LYS A 35  
AA3 3 GLY A 66  ? ILE A 72  ? GLY A 67  ILE A 73  
AA3 4 ALA A 90  ? ALA A 96  ? ALA A 91  ALA A 97  
# 
loop_
_pdbx_struct_sheet_hbond.sheet_id 
_pdbx_struct_sheet_hbond.range_id_1 
_pdbx_struct_sheet_hbond.range_id_2 
_pdbx_struct_sheet_hbond.range_1_label_atom_id 
_pdbx_struct_sheet_hbond.range_1_label_comp_id 
_pdbx_struct_sheet_hbond.range_1_label_asym_id 
_pdbx_struct_sheet_hbond.range_1_label_seq_id 
_pdbx_struct_sheet_hbond.range_1_PDB_ins_code 
_pdbx_struct_sheet_hbond.range_1_auth_atom_id 
_pdbx_struct_sheet_hbond.range_1_auth_comp_id 
_pdbx_struct_sheet_hbond.range_1_auth_asym_id 
_pdbx_struct_sheet_hbond.range_1_auth_seq_id 
_pdbx_struct_sheet_hbond.range_2_label_atom_id 
_pdbx_struct_sheet_hbond.range_2_label_comp_id 
_pdbx_struct_sheet_hbond.range_2_label_asym_id 
_pdbx_struct_sheet_hbond.range_2_label_seq_id 
_pdbx_struct_sheet_hbond.range_2_PDB_ins_code 
_pdbx_struct_sheet_hbond.range_2_auth_atom_id 
_pdbx_struct_sheet_hbond.range_2_auth_comp_id 
_pdbx_struct_sheet_hbond.range_2_auth_asym_id 
_pdbx_struct_sheet_hbond.range_2_auth_seq_id 
AA1 1 2 O SER A 22  ? O SER A 23  N ASP A 17  ? N ASP A 18  
AA1 2 3 N VAL A 13  ? N VAL A 14  O LEU A 54  ? O LEU A 55  
AA2 1 2 O SER A 22  ? O SER A 23  N ASP A 17  ? N ASP A 18  
AA2 2 3 N MET A 12  ? N MET A 13  O ILE A 106 ? O ILE A 107 
AA2 3 4 N THR A 105 ? N THR A 106 O VAL A 120 ? O VAL A 121 
AA3 1 2 O ALA A 44  ? O ALA A 45  N VAL A 31  ? N VAL A 32  
AA3 2 3 N HIS A 30  ? N HIS A 31  O GLU A 71  ? O GLU A 72  
AA3 3 4 N ILE A 72  ? N ILE A 73  O ALA A 90  ? O ALA A 91  
# 
loop_
_struct_site.id 
_struct_site.pdbx_evidence_code 
_struct_site.pdbx_auth_asym_id 
_struct_site.pdbx_auth_comp_id 
_struct_site.pdbx_auth_seq_id 
_struct_site.pdbx_auth_ins_code 
_struct_site.pdbx_num_residues 
_struct_site.details 
AC1 Software A SO4 201 ? 5 'binding site for residue SO4 A 201' 
AC2 Software A CL  202 ? 2 'binding site for residue CL A 202'  
# 
loop_
_struct_site_gen.id 
_struct_site_gen.site_id 
_struct_site_gen.pdbx_num_res 
_struct_site_gen.label_comp_id 
_struct_site_gen.label_asym_id 
_struct_site_gen.label_seq_id 
_struct_site_gen.pdbx_auth_ins_code 
_struct_site_gen.auth_comp_id 
_struct_site_gen.auth_asym_id 
_struct_site_gen.auth_seq_id 
_struct_site_gen.label_atom_id 
_struct_site_gen.label_alt_id 
_struct_site_gen.symmetry 
_struct_site_gen.details 
1 AC1 5 SER A 9   ? SER A 10  . ? 1_555 ? 
2 AC1 5 HIS A 55  ? HIS A 56  . ? 1_555 ? 
3 AC1 5 GLY A 56  ? GLY A 57  . ? 1_555 ? 
4 AC1 5 ARG A 103 ? ARG A 104 . ? 1_555 ? 
5 AC1 5 HOH D .   ? HOH A 309 . ? 1_555 ? 
6 AC2 2 LYS A 75  ? LYS A 76  . ? 1_555 ? 
7 AC2 2 LYS A 79  ? LYS A 80  . ? 1_555 ? 
# 
loop_
_pdbx_unobs_or_zero_occ_residues.id 
_pdbx_unobs_or_zero_occ_residues.PDB_model_num 
_pdbx_unobs_or_zero_occ_residues.polymer_flag 
_pdbx_unobs_or_zero_occ_residues.occupancy_flag 
_pdbx_unobs_or_zero_occ_residues.auth_asym_id 
_pdbx_unobs_or_zero_occ_residues.auth_comp_id 
_pdbx_unobs_or_zero_occ_residues.auth_seq_id 
_pdbx_unobs_or_zero_occ_residues.PDB_ins_code 
_pdbx_unobs_or_zero_occ_residues.label_asym_id 
_pdbx_unobs_or_zero_occ_residues.label_comp_id 
_pdbx_unobs_or_zero_occ_residues.label_seq_id 
1  1 Y 1 A ALA 2   ? A ALA 1   
2  1 Y 1 A HIS 3   ? A HIS 2   
3  1 Y 1 A HIS 4   ? A HIS 3   
4  1 Y 1 A HIS 5   ? A HIS 4   
5  1 Y 1 A HIS 6   ? A HIS 5   
6  1 Y 1 A HIS 7   ? A HIS 6   
7  1 Y 1 A HIS 8   ? A HIS 7   
8  1 Y 1 A MET 9   ? A MET 8   
9  1 Y 1 A PRO 125 ? A PRO 124 
10 1 Y 1 A LYS 126 ? A LYS 125 
11 1 Y 1 A GLU 127 ? A GLU 126 
# 
loop_
_chem_comp_atom.comp_id 
_chem_comp_atom.atom_id 
_chem_comp_atom.type_symbol 
_chem_comp_atom.pdbx_aromatic_flag 
_chem_comp_atom.pdbx_stereo_config 
_chem_comp_atom.pdbx_ordinal 
ALA N    N  N N 1   
ALA CA   C  N S 2   
ALA C    C  N N 3   
ALA O    O  N N 4   
ALA CB   C  N N 5   
ALA OXT  O  N N 6   
ALA H    H  N N 7   
ALA H2   H  N N 8   
ALA HA   H  N N 9   
ALA HB1  H  N N 10  
ALA HB2  H  N N 11  
ALA HB3  H  N N 12  
ALA HXT  H  N N 13  
ARG N    N  N N 14  
ARG CA   C  N S 15  
ARG C    C  N N 16  
ARG O    O  N N 17  
ARG CB   C  N N 18  
ARG CG   C  N N 19  
ARG CD   C  N N 20  
ARG NE   N  N N 21  
ARG CZ   C  N N 22  
ARG NH1  N  N N 23  
ARG NH2  N  N N 24  
ARG OXT  O  N N 25  
ARG H    H  N N 26  
ARG H2   H  N N 27  
ARG HA   H  N N 28  
ARG HB2  H  N N 29  
ARG HB3  H  N N 30  
ARG HG2  H  N N 31  
ARG HG3  H  N N 32  
ARG HD2  H  N N 33  
ARG HD3  H  N N 34  
ARG HE   H  N N 35  
ARG HH11 H  N N 36  
ARG HH12 H  N N 37  
ARG HH21 H  N N 38  
ARG HH22 H  N N 39  
ARG HXT  H  N N 40  
ASN N    N  N N 41  
ASN CA   C  N S 42  
ASN C    C  N N 43  
ASN O    O  N N 44  
ASN CB   C  N N 45  
ASN CG   C  N N 46  
ASN OD1  O  N N 47  
ASN ND2  N  N N 48  
ASN OXT  O  N N 49  
ASN H    H  N N 50  
ASN H2   H  N N 51  
ASN HA   H  N N 52  
ASN HB2  H  N N 53  
ASN HB3  H  N N 54  
ASN HD21 H  N N 55  
ASN HD22 H  N N 56  
ASN HXT  H  N N 57  
ASP N    N  N N 58  
ASP CA   C  N S 59  
ASP C    C  N N 60  
ASP O    O  N N 61  
ASP CB   C  N N 62  
ASP CG   C  N N 63  
ASP OD1  O  N N 64  
ASP OD2  O  N N 65  
ASP OXT  O  N N 66  
ASP H    H  N N 67  
ASP H2   H  N N 68  
ASP HA   H  N N 69  
ASP HB2  H  N N 70  
ASP HB3  H  N N 71  
ASP HD2  H  N N 72  
ASP HXT  H  N N 73  
CL  CL   CL N N 74  
GLU N    N  N N 75  
GLU CA   C  N S 76  
GLU C    C  N N 77  
GLU O    O  N N 78  
GLU CB   C  N N 79  
GLU CG   C  N N 80  
GLU CD   C  N N 81  
GLU OE1  O  N N 82  
GLU OE2  O  N N 83  
GLU OXT  O  N N 84  
GLU H    H  N N 85  
GLU H2   H  N N 86  
GLU HA   H  N N 87  
GLU HB2  H  N N 88  
GLU HB3  H  N N 89  
GLU HG2  H  N N 90  
GLU HG3  H  N N 91  
GLU HE2  H  N N 92  
GLU HXT  H  N N 93  
GLY N    N  N N 94  
GLY CA   C  N N 95  
GLY C    C  N N 96  
GLY O    O  N N 97  
GLY OXT  O  N N 98  
GLY H    H  N N 99  
GLY H2   H  N N 100 
GLY HA2  H  N N 101 
GLY HA3  H  N N 102 
GLY HXT  H  N N 103 
HIS N    N  N N 104 
HIS CA   C  N S 105 
HIS C    C  N N 106 
HIS O    O  N N 107 
HIS CB   C  N N 108 
HIS CG   C  Y N 109 
HIS ND1  N  Y N 110 
HIS CD2  C  Y N 111 
HIS CE1  C  Y N 112 
HIS NE2  N  Y N 113 
HIS OXT  O  N N 114 
HIS H    H  N N 115 
HIS H2   H  N N 116 
HIS HA   H  N N 117 
HIS HB2  H  N N 118 
HIS HB3  H  N N 119 
HIS HD1  H  N N 120 
HIS HD2  H  N N 121 
HIS HE1  H  N N 122 
HIS HE2  H  N N 123 
HIS HXT  H  N N 124 
HOH O    O  N N 125 
HOH H1   H  N N 126 
HOH H2   H  N N 127 
ILE N    N  N N 128 
ILE CA   C  N S 129 
ILE C    C  N N 130 
ILE O    O  N N 131 
ILE CB   C  N S 132 
ILE CG1  C  N N 133 
ILE CG2  C  N N 134 
ILE CD1  C  N N 135 
ILE OXT  O  N N 136 
ILE H    H  N N 137 
ILE H2   H  N N 138 
ILE HA   H  N N 139 
ILE HB   H  N N 140 
ILE HG12 H  N N 141 
ILE HG13 H  N N 142 
ILE HG21 H  N N 143 
ILE HG22 H  N N 144 
ILE HG23 H  N N 145 
ILE HD11 H  N N 146 
ILE HD12 H  N N 147 
ILE HD13 H  N N 148 
ILE HXT  H  N N 149 
LEU N    N  N N 150 
LEU CA   C  N S 151 
LEU C    C  N N 152 
LEU O    O  N N 153 
LEU CB   C  N N 154 
LEU CG   C  N N 155 
LEU CD1  C  N N 156 
LEU CD2  C  N N 157 
LEU OXT  O  N N 158 
LEU H    H  N N 159 
LEU H2   H  N N 160 
LEU HA   H  N N 161 
LEU HB2  H  N N 162 
LEU HB3  H  N N 163 
LEU HG   H  N N 164 
LEU HD11 H  N N 165 
LEU HD12 H  N N 166 
LEU HD13 H  N N 167 
LEU HD21 H  N N 168 
LEU HD22 H  N N 169 
LEU HD23 H  N N 170 
LEU HXT  H  N N 171 
LYS N    N  N N 172 
LYS CA   C  N S 173 
LYS C    C  N N 174 
LYS O    O  N N 175 
LYS CB   C  N N 176 
LYS CG   C  N N 177 
LYS CD   C  N N 178 
LYS CE   C  N N 179 
LYS NZ   N  N N 180 
LYS OXT  O  N N 181 
LYS H    H  N N 182 
LYS H2   H  N N 183 
LYS HA   H  N N 184 
LYS HB2  H  N N 185 
LYS HB3  H  N N 186 
LYS HG2  H  N N 187 
LYS HG3  H  N N 188 
LYS HD2  H  N N 189 
LYS HD3  H  N N 190 
LYS HE2  H  N N 191 
LYS HE3  H  N N 192 
LYS HZ1  H  N N 193 
LYS HZ2  H  N N 194 
LYS HZ3  H  N N 195 
LYS HXT  H  N N 196 
MET N    N  N N 197 
MET CA   C  N S 198 
MET C    C  N N 199 
MET O    O  N N 200 
MET CB   C  N N 201 
MET CG   C  N N 202 
MET SD   S  N N 203 
MET CE   C  N N 204 
MET OXT  O  N N 205 
MET H    H  N N 206 
MET H2   H  N N 207 
MET HA   H  N N 208 
MET HB2  H  N N 209 
MET HB3  H  N N 210 
MET HG2  H  N N 211 
MET HG3  H  N N 212 
MET HE1  H  N N 213 
MET HE2  H  N N 214 
MET HE3  H  N N 215 
MET HXT  H  N N 216 
PHE N    N  N N 217 
PHE CA   C  N S 218 
PHE C    C  N N 219 
PHE O    O  N N 220 
PHE CB   C  N N 221 
PHE CG   C  Y N 222 
PHE CD1  C  Y N 223 
PHE CD2  C  Y N 224 
PHE CE1  C  Y N 225 
PHE CE2  C  Y N 226 
PHE CZ   C  Y N 227 
PHE OXT  O  N N 228 
PHE H    H  N N 229 
PHE H2   H  N N 230 
PHE HA   H  N N 231 
PHE HB2  H  N N 232 
PHE HB3  H  N N 233 
PHE HD1  H  N N 234 
PHE HD2  H  N N 235 
PHE HE1  H  N N 236 
PHE HE2  H  N N 237 
PHE HZ   H  N N 238 
PHE HXT  H  N N 239 
PRO N    N  N N 240 
PRO CA   C  N S 241 
PRO C    C  N N 242 
PRO O    O  N N 243 
PRO CB   C  N N 244 
PRO CG   C  N N 245 
PRO CD   C  N N 246 
PRO OXT  O  N N 247 
PRO H    H  N N 248 
PRO HA   H  N N 249 
PRO HB2  H  N N 250 
PRO HB3  H  N N 251 
PRO HG2  H  N N 252 
PRO HG3  H  N N 253 
PRO HD2  H  N N 254 
PRO HD3  H  N N 255 
PRO HXT  H  N N 256 
SER N    N  N N 257 
SER CA   C  N S 258 
SER C    C  N N 259 
SER O    O  N N 260 
SER CB   C  N N 261 
SER OG   O  N N 262 
SER OXT  O  N N 263 
SER H    H  N N 264 
SER H2   H  N N 265 
SER HA   H  N N 266 
SER HB2  H  N N 267 
SER HB3  H  N N 268 
SER HG   H  N N 269 
SER HXT  H  N N 270 
SO4 S    S  N N 271 
SO4 O1   O  N N 272 
SO4 O2   O  N N 273 
SO4 O3   O  N N 274 
SO4 O4   O  N N 275 
THR N    N  N N 276 
THR CA   C  N S 277 
THR C    C  N N 278 
THR O    O  N N 279 
THR CB   C  N R 280 
THR OG1  O  N N 281 
THR CG2  C  N N 282 
THR OXT  O  N N 283 
THR H    H  N N 284 
THR H2   H  N N 285 
THR HA   H  N N 286 
THR HB   H  N N 287 
THR HG1  H  N N 288 
THR HG21 H  N N 289 
THR HG22 H  N N 290 
THR HG23 H  N N 291 
THR HXT  H  N N 292 
TRP N    N  N N 293 
TRP CA   C  N S 294 
TRP C    C  N N 295 
TRP O    O  N N 296 
TRP CB   C  N N 297 
TRP CG   C  Y N 298 
TRP CD1  C  Y N 299 
TRP CD2  C  Y N 300 
TRP NE1  N  Y N 301 
TRP CE2  C  Y N 302 
TRP CE3  C  Y N 303 
TRP CZ2  C  Y N 304 
TRP CZ3  C  Y N 305 
TRP CH2  C  Y N 306 
TRP OXT  O  N N 307 
TRP H    H  N N 308 
TRP H2   H  N N 309 
TRP HA   H  N N 310 
TRP HB2  H  N N 311 
TRP HB3  H  N N 312 
TRP HD1  H  N N 313 
TRP HE1  H  N N 314 
TRP HE3  H  N N 315 
TRP HZ2  H  N N 316 
TRP HZ3  H  N N 317 
TRP HH2  H  N N 318 
TRP HXT  H  N N 319 
TYR N    N  N N 320 
TYR CA   C  N S 321 
TYR C    C  N N 322 
TYR O    O  N N 323 
TYR CB   C  N N 324 
TYR CG   C  Y N 325 
TYR CD1  C  Y N 326 
TYR CD2  C  Y N 327 
TYR CE1  C  Y N 328 
TYR CE2  C  Y N 329 
TYR CZ   C  Y N 330 
TYR OH   O  N N 331 
TYR OXT  O  N N 332 
TYR H    H  N N 333 
TYR H2   H  N N 334 
TYR HA   H  N N 335 
TYR HB2  H  N N 336 
TYR HB3  H  N N 337 
TYR HD1  H  N N 338 
TYR HD2  H  N N 339 
TYR HE1  H  N N 340 
TYR HE2  H  N N 341 
TYR HH   H  N N 342 
TYR HXT  H  N N 343 
VAL N    N  N N 344 
VAL CA   C  N S 345 
VAL C    C  N N 346 
VAL O    O  N N 347 
VAL CB   C  N N 348 
VAL CG1  C  N N 349 
VAL CG2  C  N N 350 
VAL OXT  O  N N 351 
VAL H    H  N N 352 
VAL H2   H  N N 353 
VAL HA   H  N N 354 
VAL HB   H  N N 355 
VAL HG11 H  N N 356 
VAL HG12 H  N N 357 
VAL HG13 H  N N 358 
VAL HG21 H  N N 359 
VAL HG22 H  N N 360 
VAL HG23 H  N N 361 
VAL HXT  H  N N 362 
# 
loop_
_chem_comp_bond.comp_id 
_chem_comp_bond.atom_id_1 
_chem_comp_bond.atom_id_2 
_chem_comp_bond.value_order 
_chem_comp_bond.pdbx_aromatic_flag 
_chem_comp_bond.pdbx_stereo_config 
_chem_comp_bond.pdbx_ordinal 
ALA N   CA   sing N N 1   
ALA N   H    sing N N 2   
ALA N   H2   sing N N 3   
ALA CA  C    sing N N 4   
ALA CA  CB   sing N N 5   
ALA CA  HA   sing N N 6   
ALA C   O    doub N N 7   
ALA C   OXT  sing N N 8   
ALA CB  HB1  sing N N 9   
ALA CB  HB2  sing N N 10  
ALA CB  HB3  sing N N 11  
ALA OXT HXT  sing N N 12  
ARG N   CA   sing N N 13  
ARG N   H    sing N N 14  
ARG N   H2   sing N N 15  
ARG CA  C    sing N N 16  
ARG CA  CB   sing N N 17  
ARG CA  HA   sing N N 18  
ARG C   O    doub N N 19  
ARG C   OXT  sing N N 20  
ARG CB  CG   sing N N 21  
ARG CB  HB2  sing N N 22  
ARG CB  HB3  sing N N 23  
ARG CG  CD   sing N N 24  
ARG CG  HG2  sing N N 25  
ARG CG  HG3  sing N N 26  
ARG CD  NE   sing N N 27  
ARG CD  HD2  sing N N 28  
ARG CD  HD3  sing N N 29  
ARG NE  CZ   sing N N 30  
ARG NE  HE   sing N N 31  
ARG CZ  NH1  sing N N 32  
ARG CZ  NH2  doub N N 33  
ARG NH1 HH11 sing N N 34  
ARG NH1 HH12 sing N N 35  
ARG NH2 HH21 sing N N 36  
ARG NH2 HH22 sing N N 37  
ARG OXT HXT  sing N N 38  
ASN N   CA   sing N N 39  
ASN N   H    sing N N 40  
ASN N   H2   sing N N 41  
ASN CA  C    sing N N 42  
ASN CA  CB   sing N N 43  
ASN CA  HA   sing N N 44  
ASN C   O    doub N N 45  
ASN C   OXT  sing N N 46  
ASN CB  CG   sing N N 47  
ASN CB  HB2  sing N N 48  
ASN CB  HB3  sing N N 49  
ASN CG  OD1  doub N N 50  
ASN CG  ND2  sing N N 51  
ASN ND2 HD21 sing N N 52  
ASN ND2 HD22 sing N N 53  
ASN OXT HXT  sing N N 54  
ASP N   CA   sing N N 55  
ASP N   H    sing N N 56  
ASP N   H2   sing N N 57  
ASP CA  C    sing N N 58  
ASP CA  CB   sing N N 59  
ASP CA  HA   sing N N 60  
ASP C   O    doub N N 61  
ASP C   OXT  sing N N 62  
ASP CB  CG   sing N N 63  
ASP CB  HB2  sing N N 64  
ASP CB  HB3  sing N N 65  
ASP CG  OD1  doub N N 66  
ASP CG  OD2  sing N N 67  
ASP OD2 HD2  sing N N 68  
ASP OXT HXT  sing N N 69  
GLU N   CA   sing N N 70  
GLU N   H    sing N N 71  
GLU N   H2   sing N N 72  
GLU CA  C    sing N N 73  
GLU CA  CB   sing N N 74  
GLU CA  HA   sing N N 75  
GLU C   O    doub N N 76  
GLU C   OXT  sing N N 77  
GLU CB  CG   sing N N 78  
GLU CB  HB2  sing N N 79  
GLU CB  HB3  sing N N 80  
GLU CG  CD   sing N N 81  
GLU CG  HG2  sing N N 82  
GLU CG  HG3  sing N N 83  
GLU CD  OE1  doub N N 84  
GLU CD  OE2  sing N N 85  
GLU OE2 HE2  sing N N 86  
GLU OXT HXT  sing N N 87  
GLY N   CA   sing N N 88  
GLY N   H    sing N N 89  
GLY N   H2   sing N N 90  
GLY CA  C    sing N N 91  
GLY CA  HA2  sing N N 92  
GLY CA  HA3  sing N N 93  
GLY C   O    doub N N 94  
GLY C   OXT  sing N N 95  
GLY OXT HXT  sing N N 96  
HIS N   CA   sing N N 97  
HIS N   H    sing N N 98  
HIS N   H2   sing N N 99  
HIS CA  C    sing N N 100 
HIS CA  CB   sing N N 101 
HIS CA  HA   sing N N 102 
HIS C   O    doub N N 103 
HIS C   OXT  sing N N 104 
HIS CB  CG   sing N N 105 
HIS CB  HB2  sing N N 106 
HIS CB  HB3  sing N N 107 
HIS CG  ND1  sing Y N 108 
HIS CG  CD2  doub Y N 109 
HIS ND1 CE1  doub Y N 110 
HIS ND1 HD1  sing N N 111 
HIS CD2 NE2  sing Y N 112 
HIS CD2 HD2  sing N N 113 
HIS CE1 NE2  sing Y N 114 
HIS CE1 HE1  sing N N 115 
HIS NE2 HE2  sing N N 116 
HIS OXT HXT  sing N N 117 
HOH O   H1   sing N N 118 
HOH O   H2   sing N N 119 
ILE N   CA   sing N N 120 
ILE N   H    sing N N 121 
ILE N   H2   sing N N 122 
ILE CA  C    sing N N 123 
ILE CA  CB   sing N N 124 
ILE CA  HA   sing N N 125 
ILE C   O    doub N N 126 
ILE C   OXT  sing N N 127 
ILE CB  CG1  sing N N 128 
ILE CB  CG2  sing N N 129 
ILE CB  HB   sing N N 130 
ILE CG1 CD1  sing N N 131 
ILE CG1 HG12 sing N N 132 
ILE CG1 HG13 sing N N 133 
ILE CG2 HG21 sing N N 134 
ILE CG2 HG22 sing N N 135 
ILE CG2 HG23 sing N N 136 
ILE CD1 HD11 sing N N 137 
ILE CD1 HD12 sing N N 138 
ILE CD1 HD13 sing N N 139 
ILE OXT HXT  sing N N 140 
LEU N   CA   sing N N 141 
LEU N   H    sing N N 142 
LEU N   H2   sing N N 143 
LEU CA  C    sing N N 144 
LEU CA  CB   sing N N 145 
LEU CA  HA   sing N N 146 
LEU C   O    doub N N 147 
LEU C   OXT  sing N N 148 
LEU CB  CG   sing N N 149 
LEU CB  HB2  sing N N 150 
LEU CB  HB3  sing N N 151 
LEU CG  CD1  sing N N 152 
LEU CG  CD2  sing N N 153 
LEU CG  HG   sing N N 154 
LEU CD1 HD11 sing N N 155 
LEU CD1 HD12 sing N N 156 
LEU CD1 HD13 sing N N 157 
LEU CD2 HD21 sing N N 158 
LEU CD2 HD22 sing N N 159 
LEU CD2 HD23 sing N N 160 
LEU OXT HXT  sing N N 161 
LYS N   CA   sing N N 162 
LYS N   H    sing N N 163 
LYS N   H2   sing N N 164 
LYS CA  C    sing N N 165 
LYS CA  CB   sing N N 166 
LYS CA  HA   sing N N 167 
LYS C   O    doub N N 168 
LYS C   OXT  sing N N 169 
LYS CB  CG   sing N N 170 
LYS CB  HB2  sing N N 171 
LYS CB  HB3  sing N N 172 
LYS CG  CD   sing N N 173 
LYS CG  HG2  sing N N 174 
LYS CG  HG3  sing N N 175 
LYS CD  CE   sing N N 176 
LYS CD  HD2  sing N N 177 
LYS CD  HD3  sing N N 178 
LYS CE  NZ   sing N N 179 
LYS CE  HE2  sing N N 180 
LYS CE  HE3  sing N N 181 
LYS NZ  HZ1  sing N N 182 
LYS NZ  HZ2  sing N N 183 
LYS NZ  HZ3  sing N N 184 
LYS OXT HXT  sing N N 185 
MET N   CA   sing N N 186 
MET N   H    sing N N 187 
MET N   H2   sing N N 188 
MET CA  C    sing N N 189 
MET CA  CB   sing N N 190 
MET CA  HA   sing N N 191 
MET C   O    doub N N 192 
MET C   OXT  sing N N 193 
MET CB  CG   sing N N 194 
MET CB  HB2  sing N N 195 
MET CB  HB3  sing N N 196 
MET CG  SD   sing N N 197 
MET CG  HG2  sing N N 198 
MET CG  HG3  sing N N 199 
MET SD  CE   sing N N 200 
MET CE  HE1  sing N N 201 
MET CE  HE2  sing N N 202 
MET CE  HE3  sing N N 203 
MET OXT HXT  sing N N 204 
PHE N   CA   sing N N 205 
PHE N   H    sing N N 206 
PHE N   H2   sing N N 207 
PHE CA  C    sing N N 208 
PHE CA  CB   sing N N 209 
PHE CA  HA   sing N N 210 
PHE C   O    doub N N 211 
PHE C   OXT  sing N N 212 
PHE CB  CG   sing N N 213 
PHE CB  HB2  sing N N 214 
PHE CB  HB3  sing N N 215 
PHE CG  CD1  doub Y N 216 
PHE CG  CD2  sing Y N 217 
PHE CD1 CE1  sing Y N 218 
PHE CD1 HD1  sing N N 219 
PHE CD2 CE2  doub Y N 220 
PHE CD2 HD2  sing N N 221 
PHE CE1 CZ   doub Y N 222 
PHE CE1 HE1  sing N N 223 
PHE CE2 CZ   sing Y N 224 
PHE CE2 HE2  sing N N 225 
PHE CZ  HZ   sing N N 226 
PHE OXT HXT  sing N N 227 
PRO N   CA   sing N N 228 
PRO N   CD   sing N N 229 
PRO N   H    sing N N 230 
PRO CA  C    sing N N 231 
PRO CA  CB   sing N N 232 
PRO CA  HA   sing N N 233 
PRO C   O    doub N N 234 
PRO C   OXT  sing N N 235 
PRO CB  CG   sing N N 236 
PRO CB  HB2  sing N N 237 
PRO CB  HB3  sing N N 238 
PRO CG  CD   sing N N 239 
PRO CG  HG2  sing N N 240 
PRO CG  HG3  sing N N 241 
PRO CD  HD2  sing N N 242 
PRO CD  HD3  sing N N 243 
PRO OXT HXT  sing N N 244 
SER N   CA   sing N N 245 
SER N   H    sing N N 246 
SER N   H2   sing N N 247 
SER CA  C    sing N N 248 
SER CA  CB   sing N N 249 
SER CA  HA   sing N N 250 
SER C   O    doub N N 251 
SER C   OXT  sing N N 252 
SER CB  OG   sing N N 253 
SER CB  HB2  sing N N 254 
SER CB  HB3  sing N N 255 
SER OG  HG   sing N N 256 
SER OXT HXT  sing N N 257 
SO4 S   O1   doub N N 258 
SO4 S   O2   doub N N 259 
SO4 S   O3   sing N N 260 
SO4 S   O4   sing N N 261 
THR N   CA   sing N N 262 
THR N   H    sing N N 263 
THR N   H2   sing N N 264 
THR CA  C    sing N N 265 
THR CA  CB   sing N N 266 
THR CA  HA   sing N N 267 
THR C   O    doub N N 268 
THR C   OXT  sing N N 269 
THR CB  OG1  sing N N 270 
THR CB  CG2  sing N N 271 
THR CB  HB   sing N N 272 
THR OG1 HG1  sing N N 273 
THR CG2 HG21 sing N N 274 
THR CG2 HG22 sing N N 275 
THR CG2 HG23 sing N N 276 
THR OXT HXT  sing N N 277 
TRP N   CA   sing N N 278 
TRP N   H    sing N N 279 
TRP N   H2   sing N N 280 
TRP CA  C    sing N N 281 
TRP CA  CB   sing N N 282 
TRP CA  HA   sing N N 283 
TRP C   O    doub N N 284 
TRP C   OXT  sing N N 285 
TRP CB  CG   sing N N 286 
TRP CB  HB2  sing N N 287 
TRP CB  HB3  sing N N 288 
TRP CG  CD1  doub Y N 289 
TRP CG  CD2  sing Y N 290 
TRP CD1 NE1  sing Y N 291 
TRP CD1 HD1  sing N N 292 
TRP CD2 CE2  doub Y N 293 
TRP CD2 CE3  sing Y N 294 
TRP NE1 CE2  sing Y N 295 
TRP NE1 HE1  sing N N 296 
TRP CE2 CZ2  sing Y N 297 
TRP CE3 CZ3  doub Y N 298 
TRP CE3 HE3  sing N N 299 
TRP CZ2 CH2  doub Y N 300 
TRP CZ2 HZ2  sing N N 301 
TRP CZ3 CH2  sing Y N 302 
TRP CZ3 HZ3  sing N N 303 
TRP CH2 HH2  sing N N 304 
TRP OXT HXT  sing N N 305 
TYR N   CA   sing N N 306 
TYR N   H    sing N N 307 
TYR N   H2   sing N N 308 
TYR CA  C    sing N N 309 
TYR CA  CB   sing N N 310 
TYR CA  HA   sing N N 311 
TYR C   O    doub N N 312 
TYR C   OXT  sing N N 313 
TYR CB  CG   sing N N 314 
TYR CB  HB2  sing N N 315 
TYR CB  HB3  sing N N 316 
TYR CG  CD1  doub Y N 317 
TYR CG  CD2  sing Y N 318 
TYR CD1 CE1  sing Y N 319 
TYR CD1 HD1  sing N N 320 
TYR CD2 CE2  doub Y N 321 
TYR CD2 HD2  sing N N 322 
TYR CE1 CZ   doub Y N 323 
TYR CE1 HE1  sing N N 324 
TYR CE2 CZ   sing Y N 325 
TYR CE2 HE2  sing N N 326 
TYR CZ  OH   sing N N 327 
TYR OH  HH   sing N N 328 
TYR OXT HXT  sing N N 329 
VAL N   CA   sing N N 330 
VAL N   H    sing N N 331 
VAL N   H2   sing N N 332 
VAL CA  C    sing N N 333 
VAL CA  CB   sing N N 334 
VAL CA  HA   sing N N 335 
VAL C   O    doub N N 336 
VAL C   OXT  sing N N 337 
VAL CB  CG1  sing N N 338 
VAL CB  CG2  sing N N 339 
VAL CB  HB   sing N N 340 
VAL CG1 HG11 sing N N 341 
VAL CG1 HG12 sing N N 342 
VAL CG1 HG13 sing N N 343 
VAL CG2 HG21 sing N N 344 
VAL CG2 HG22 sing N N 345 
VAL CG2 HG23 sing N N 346 
VAL OXT HXT  sing N N 347 
# 
_atom_sites.entry_id                    5H0Z 
_atom_sites.fract_transf_matrix[1][1]   0.01383833 
_atom_sites.fract_transf_matrix[1][2]   0.01063033 
_atom_sites.fract_transf_matrix[1][3]   -0.01688814 
_atom_sites.fract_transf_matrix[2][1]   -0.01255744 
_atom_sites.fract_transf_matrix[2][2]   0.00712859 
_atom_sites.fract_transf_matrix[2][3]   -0.00580257 
_atom_sites.fract_transf_matrix[3][1]   0.00181969 
_atom_sites.fract_transf_matrix[3][2]   0.00906258 
_atom_sites.fract_transf_matrix[3][3]   0.00719557 
_atom_sites.fract_transf_vector[1]      0.473362 
_atom_sites.fract_transf_vector[2]      1.158481 
_atom_sites.fract_transf_vector[3]      1.147536 
# 
loop_
_atom_type.symbol 
C  
CL 
N  
O  
S  
# 
loop_
_atom_site.group_PDB 
_atom_site.id 
_atom_site.type_symbol 
_atom_site.label_atom_id 
_atom_site.label_alt_id 
_atom_site.label_comp_id 
_atom_site.label_asym_id 
_atom_site.label_entity_id 
_atom_site.label_seq_id 
_atom_site.pdbx_PDB_ins_code 
_atom_site.Cartn_x 
_atom_site.Cartn_y 
_atom_site.Cartn_z 
_atom_site.occupancy 
_atom_site.B_iso_or_equiv 
_atom_site.pdbx_formal_charge 
_atom_site.auth_seq_id 
_atom_site.auth_comp_id 
_atom_site.auth_asym_id 
_atom_site.auth_atom_id 
_atom_site.pdbx_PDB_model_num 
ATOM   1   N  N   . SER A 1 9   ? -7.089  8.393   -8.966  1.00 27.05 ? 10  SER A N   1 
ATOM   2   C  CA  . SER A 1 9   ? -5.911  8.449   -8.099  1.00 20.30 ? 10  SER A CA  1 
ATOM   3   C  C   . SER A 1 9   ? -4.667  8.000   -8.857  1.00 19.57 ? 10  SER A C   1 
ATOM   4   O  O   . SER A 1 9   ? -4.685  6.965   -9.515  1.00 20.07 ? 10  SER A O   1 
ATOM   5   C  CB  . SER A 1 9   ? -6.108  7.566   -6.862  1.00 20.69 ? 10  SER A CB  1 
ATOM   6   O  OG  . SER A 1 9   ? -5.045  7.747   -5.937  1.00 18.76 ? 10  SER A OG  1 
ATOM   7   N  N   . PRO A 1 10  ? -3.586  8.791   -8.775  1.00 16.73 ? 11  PRO A N   1 
ATOM   8   C  CA  . PRO A 1 10  ? -2.307  8.415   -9.393  1.00 19.63 ? 11  PRO A CA  1 
ATOM   9   C  C   . PRO A 1 10  ? -1.589  7.336   -8.592  1.00 18.80 ? 11  PRO A C   1 
ATOM   10  O  O   . PRO A 1 10  ? -0.562  6.823   -9.049  1.00 17.25 ? 11  PRO A O   1 
ATOM   11  C  CB  . PRO A 1 10  ? -1.498  9.712   -9.342  1.00 19.54 ? 11  PRO A CB  1 
ATOM   12  C  CG  . PRO A 1 10  ? -2.109  10.495  -8.219  1.00 19.62 ? 11  PRO A CG  1 
ATOM   13  C  CD  . PRO A 1 10  ? -3.576  10.188  -8.313  1.00 19.68 ? 11  PRO A CD  1 
ATOM   14  N  N   . LEU A 1 11  ? -2.104  7.031   -7.401  1.00 15.42 ? 12  LEU A N   1 
ATOM   15  C  CA  . LEU A 1 11  ? -1.576  5.932   -6.585  1.00 16.23 ? 12  LEU A CA  1 
ATOM   16  C  C   . LEU A 1 11  ? -2.708  4.980   -6.201  1.00 15.09 ? 12  LEU A C   1 
ATOM   17  O  O   . LEU A 1 11  ? -3.711  5.399   -5.626  1.00 14.27 ? 12  LEU A O   1 
ATOM   18  C  CB  . LEU A 1 11  ? -0.899  6.472   -5.327  1.00 14.18 ? 12  LEU A CB  1 
ATOM   19  C  CG  . LEU A 1 11  ? -0.264  5.446   -4.387  1.00 16.30 ? 12  LEU A CG  1 
ATOM   20  C  CD1 . LEU A 1 11  ? 0.881   4.705   -5.091  1.00 16.10 ? 12  LEU A CD1 1 
ATOM   21  C  CD2 . LEU A 1 11  ? 0.232   6.095   -3.082  1.00 16.13 ? 12  LEU A CD2 1 
ATOM   22  N  N   . MET A 1 12  ? -2.549  3.697   -6.517  1.00 15.44 ? 13  MET A N   1 
ATOM   23  C  CA  . MET A 1 12  ? -3.534  2.686   -6.138  1.00 15.94 ? 13  MET A CA  1 
ATOM   24  C  C   . MET A 1 12  ? -2.784  1.541   -5.473  1.00 13.88 ? 13  MET A C   1 
ATOM   25  O  O   . MET A 1 12  ? -1.601  1.325   -5.750  1.00 13.86 ? 13  MET A O   1 
ATOM   26  C  CB  . MET A 1 12  ? -4.302  2.167   -7.367  1.00 16.60 ? 13  MET A CB  1 
ATOM   27  C  CG  . MET A 1 12  ? -5.641  1.428   -7.047  1.00 19.06 ? 13  MET A CG  1 
ATOM   28  S  SD  . MET A 1 12  ? -5.497  -0.377  -6.808  1.00 29.91 ? 13  MET A SD  1 
ATOM   29  C  CE  . MET A 1 12  ? -5.478  -0.951  -8.511  1.00 25.08 ? 13  MET A CE  1 
ATOM   30  N  N   . VAL A 1 13  ? -3.469  0.841   -4.578  1.00 12.51 ? 14  VAL A N   1 
ATOM   31  C  CA  . VAL A 1 13  ? -2.859  -0.261  -3.836  1.00 11.27 ? 14  VAL A CA  1 
ATOM   32  C  C   . VAL A 1 13  ? -3.805  -1.442  -3.908  1.00 13.99 ? 14  VAL A C   1 
ATOM   33  O  O   . VAL A 1 13  ? -5.010  -1.297  -3.667  1.00 13.32 ? 14  VAL A O   1 
ATOM   34  C  CB  . VAL A 1 13  ? -2.643  0.115   -2.362  1.00 11.34 ? 14  VAL A CB  1 
ATOM   35  C  CG1 . VAL A 1 13  ? -2.100  -1.066  -1.580  1.00 12.38 ? 14  VAL A CG1 1 
ATOM   36  C  CG2 . VAL A 1 13  ? -1.681  1.301   -2.240  1.00 11.17 ? 14  VAL A CG2 1 
ATOM   37  N  N   . LYS A 1 14  ? -3.275  -2.615  -4.245  1.00 14.06 ? 15  LYS A N   1 
ATOM   38  C  CA  . LYS A 1 14  ? -4.113  -3.808  -4.295  1.00 11.51 ? 15  LYS A CA  1 
ATOM   39  C  C   . LYS A 1 14  ? -3.433  -4.926  -3.522  1.00 14.22 ? 15  LYS A C   1 
ATOM   40  O  O   . LYS A 1 14  ? -2.220  -5.121  -3.652  1.00 13.93 ? 15  LYS A O   1 
ATOM   41  C  CB  . LYS A 1 14  ? -4.380  -4.260  -5.723  1.00 16.46 ? 15  LYS A CB  1 
ATOM   42  C  CG  . LYS A 1 14  ? -5.254  -5.519  -5.779  1.00 19.42 ? 15  LYS A CG  1 
ATOM   43  C  CD  . LYS A 1 14  ? -5.664  -5.901  -7.201  1.00 22.77 ? 15  LYS A CD  1 
ATOM   44  C  CE  . LYS A 1 14  ? -6.633  -7.084  -7.177  1.00 23.41 ? 15  LYS A CE  1 
ATOM   45  N  NZ  . LYS A 1 14  ? -7.473  -7.159  -8.414  1.00 26.93 ? 15  LYS A NZ  1 
ATOM   46  N  N   . VAL A 1 15  ? -4.214  -5.634  -2.711  1.00 12.56 ? 16  VAL A N   1 
ATOM   47  C  CA  . VAL A 1 15  ? -3.667  -6.643  -1.810  1.00 13.56 ? 16  VAL A CA  1 
ATOM   48  C  C   . VAL A 1 15  ? -4.406  -7.973  -1.946  1.00 13.84 ? 16  VAL A C   1 
ATOM   49  O  O   . VAL A 1 15  ? -5.650  -8.011  -1.900  1.00 14.17 ? 16  VAL A O   1 
ATOM   50  C  CB  . VAL A 1 15  ? -3.758  -6.194  -0.357  1.00 9.91  ? 16  VAL A CB  1 
ATOM   51  C  CG1 . VAL A 1 15  ? -2.888  -7.110  0.535   1.00 12.88 ? 16  VAL A CG1 1 
ATOM   52  C  CG2 . VAL A 1 15  ? -3.298  -4.745  -0.193  1.00 14.87 ? 16  VAL A CG2 1 
ATOM   53  N  N   . LEU A 1 16  ? -3.627  -9.046  -2.090  1.00 11.78 ? 17  LEU A N   1 
ATOM   54  C  CA  . LEU A 1 16  ? -4.145  -10.406 -2.202  1.00 11.22 ? 17  LEU A CA  1 
ATOM   55  C  C   . LEU A 1 16  ? -3.696  -11.261 -1.014  1.00 12.91 ? 17  LEU A C   1 
ATOM   56  O  O   . LEU A 1 16  ? -2.684  -10.979 -0.365  1.00 10.31 ? 17  LEU A O   1 
ATOM   57  C  CB  . LEU A 1 16  ? -3.658  -11.056 -3.494  1.00 13.91 ? 17  LEU A CB  1 
ATOM   58  C  CG  . LEU A 1 16  ? -4.145  -10.371 -4.774  1.00 13.07 ? 17  LEU A CG  1 
ATOM   59  C  CD1 . LEU A 1 16  ? -3.679  -11.161 -5.984  1.00 15.87 ? 17  LEU A CD1 1 
ATOM   60  C  CD2 . LEU A 1 16  ? -5.667  -10.306 -4.744  1.00 14.29 ? 17  LEU A CD2 1 
ATOM   61  N  N   . ASP A 1 17  ? -4.441  -12.334 -0.766  1.00 9.38  ? 18  ASP A N   1 
ATOM   62  C  CA  . ASP A 1 17  ? -4.197  -13.216 0.376   1.00 11.47 ? 18  ASP A CA  1 
ATOM   63  C  C   . ASP A 1 17  ? -3.841  -14.597 -0.168  1.00 11.54 ? 18  ASP A C   1 
ATOM   64  O  O   . ASP A 1 17  ? -4.661  -15.227 -0.829  1.00 12.22 ? 18  ASP A O   1 
ATOM   65  C  CB  . ASP A 1 17  ? -5.474  -13.249 1.240   1.00 12.74 ? 18  ASP A CB  1 
ATOM   66  C  CG  . ASP A 1 17  ? -5.391  -14.218 2.411   1.00 13.95 ? 18  ASP A CG  1 
ATOM   67  O  OD1 . ASP A 1 17  ? -4.648  -15.221 2.333   1.00 12.99 ? 18  ASP A OD1 1 
ATOM   68  O  OD2 . ASP A 1 17  ? -6.117  -13.983 3.404   1.00 13.91 ? 18  ASP A OD2 1 
ATOM   69  N  N   . ALA A 1 18  ? -2.616  -15.057 0.113   1.00 12.18 ? 19  ALA A N   1 
ATOM   70  C  CA  . ALA A 1 18  ? -2.083  -16.287 -0.472  1.00 11.75 ? 19  ALA A CA  1 
ATOM   71  C  C   . ALA A 1 18  ? -2.343  -17.500 0.403   1.00 13.18 ? 19  ALA A C   1 
ATOM   72  O  O   . ALA A 1 18  ? -2.076  -18.641 -0.001  1.00 14.46 ? 19  ALA A O   1 
ATOM   73  C  CB  . ALA A 1 18  ? -0.594  -16.150 -0.716  1.00 11.39 ? 19  ALA A CB  1 
ATOM   74  N  N   . VAL A 1 19  ? -2.809  -17.251 1.618   1.00 13.05 ? 20  VAL A N   1 
ATOM   75  C  CA  . VAL A 1 19  ? -3.148  -18.336 2.543   1.00 13.71 ? 20  VAL A CA  1 
ATOM   76  C  C   . VAL A 1 19  ? -4.564  -18.830 2.272   1.00 16.98 ? 20  VAL A C   1 
ATOM   77  O  O   . VAL A 1 19  ? -4.830  -20.038 2.234   1.00 13.18 ? 20  VAL A O   1 
ATOM   78  C  CB  . VAL A 1 19  ? -3.054  -17.853 4.007   1.00 13.44 ? 20  VAL A CB  1 
ATOM   79  C  CG1 . VAL A 1 19  ? -3.524  -18.950 4.962   1.00 16.33 ? 20  VAL A CG1 1 
ATOM   80  C  CG2 . VAL A 1 19  ? -1.633  -17.439 4.330   1.00 11.51 ? 20  VAL A CG2 1 
ATOM   81  N  N   . ARG A 1 20  ? -5.474  -17.884 2.068   1.00 14.89 ? 21  ARG A N   1 
ATOM   82  C  CA  . ARG A 1 20  ? -6.873  -18.216 1.812   1.00 15.67 ? 21  ARG A CA  1 
ATOM   83  C  C   . ARG A 1 20  ? -7.283  -18.097 0.340   1.00 15.88 ? 21  ARG A C   1 
ATOM   84  O  O   . ARG A 1 20  ? -8.359  -18.545 -0.040  1.00 20.21 ? 21  ARG A O   1 
ATOM   85  C  CB  . ARG A 1 20  ? -7.788  -17.359 2.691   1.00 15.89 ? 21  ARG A CB  1 
ATOM   86  C  CG  . ARG A 1 20  ? -7.583  -17.584 4.189   1.00 18.32 ? 21  ARG A CG  1 
ATOM   87  C  CD  . ARG A 1 20  ? -8.449  -16.646 5.013   1.00 25.08 ? 21  ARG A CD  1 
ATOM   88  N  NE  . ARG A 1 20  ? -8.523  -15.339 4.380   1.00 28.10 ? 21  ARG A NE  1 
ATOM   89  C  CZ  . ARG A 1 20  ? -9.647  -14.792 3.936   1.00 25.41 ? 21  ARG A CZ  1 
ATOM   90  N  NH1 . ARG A 1 20  ? -10.799 -15.429 4.092   1.00 27.39 ? 21  ARG A NH1 1 
ATOM   91  N  NH2 . ARG A 1 20  ? -9.620  -13.600 3.359   1.00 28.72 ? 21  ARG A NH2 1 
ATOM   92  N  N   . GLY A 1 21  ? -6.444  -17.465 -0.471  1.00 10.03 ? 22  GLY A N   1 
ATOM   93  C  CA  . GLY A 1 21  ? -6.689  -17.382 -1.904  1.00 14.31 ? 22  GLY A CA  1 
ATOM   94  C  C   . GLY A 1 21  ? -7.817  -16.410 -2.212  1.00 14.67 ? 22  GLY A C   1 
ATOM   95  O  O   . GLY A 1 21  ? -8.716  -16.703 -2.989  1.00 14.12 ? 22  GLY A O   1 
ATOM   96  N  N   . SER A 1 22  ? -7.757  -15.237 -1.600  1.00 11.59 ? 23  SER A N   1 
ATOM   97  C  CA  . SER A 1 22  ? -8.841  -14.277 -1.710  1.00 14.15 ? 23  SER A CA  1 
ATOM   98  C  C   . SER A 1 22  ? -8.236  -12.895 -1.818  1.00 10.87 ? 23  SER A C   1 
ATOM   99  O  O   . SER A 1 22  ? -7.072  -12.693 -1.440  1.00 12.41 ? 23  SER A O   1 
ATOM   100 C  CB  . SER A 1 22  ? -9.688  -14.325 -0.452  1.00 18.53 ? 23  SER A CB  1 
ATOM   101 O  OG  . SER A 1 22  ? -8.956  -13.742 0.608   1.00 19.97 ? 23  SER A OG  1 
ATOM   102 N  N   . PRO A 1 23  ? -9.026  -11.932 -2.315  1.00 10.89 ? 24  PRO A N   1 
ATOM   103 C  CA  . PRO A 1 23  ? -8.587  -10.545 -2.155  1.00 11.92 ? 24  PRO A CA  1 
ATOM   104 C  C   . PRO A 1 23  ? -8.399  -10.290 -0.669  1.00 13.06 ? 24  PRO A C   1 
ATOM   105 O  O   . PRO A 1 23  ? -9.085  -10.907 0.149   1.00 13.92 ? 24  PRO A O   1 
ATOM   106 C  CB  . PRO A 1 23  ? -9.787  -9.728  -2.642  1.00 11.84 ? 24  PRO A CB  1 
ATOM   107 C  CG  . PRO A 1 23  ? -10.565 -10.672 -3.526  1.00 15.32 ? 24  PRO A CG  1 
ATOM   108 C  CD  . PRO A 1 23  ? -10.332 -12.046 -2.985  1.00 11.40 ? 24  PRO A CD  1 
ATOM   109 N  N   . ALA A 1 24  ? -7.487  -9.397  -0.308  1.00 13.60 ? 25  ALA A N   1 
ATOM   110 C  CA  . ALA A 1 24  ? -7.354  -9.057  1.096   1.00 12.83 ? 25  ALA A CA  1 
ATOM   111 C  C   . ALA A 1 24  ? -8.300  -7.902  1.387   1.00 13.88 ? 25  ALA A C   1 
ATOM   112 O  O   . ALA A 1 24  ? -8.048  -6.767  0.996   1.00 15.64 ? 25  ALA A O   1 
ATOM   113 C  CB  . ALA A 1 24  ? -5.916  -8.693  1.418   1.00 12.73 ? 25  ALA A CB  1 
ATOM   114 N  N   . ILE A 1 25  ? -9.403  -8.213  2.055   1.00 14.61 ? 26  ILE A N   1 
ATOM   115 C  CA  . ILE A 1 25  ? -10.482 -7.255  2.245   1.00 17.03 ? 26  ILE A CA  1 
ATOM   116 C  C   . ILE A 1 25  ? -10.316 -6.502  3.561   1.00 19.47 ? 26  ILE A C   1 
ATOM   117 O  O   . ILE A 1 25  ? -9.881  -7.079  4.568   1.00 19.08 ? 26  ILE A O   1 
ATOM   118 C  CB  . ILE A 1 25  ? -11.852 -7.971  2.200   1.00 17.67 ? 26  ILE A CB  1 
ATOM   119 C  CG1 . ILE A 1 25  ? -11.994 -8.746  0.882   1.00 16.21 ? 26  ILE A CG1 1 
ATOM   120 C  CG2 . ILE A 1 25  ? -12.994 -6.979  2.372   1.00 18.90 ? 26  ILE A CG2 1 
ATOM   121 C  CD1 . ILE A 1 25  ? -13.122 -9.763  0.894   1.00 18.06 ? 26  ILE A CD1 1 
ATOM   122 N  N   . ASN A 1 26  ? -10.629 -5.209  3.537   1.00 18.45 ? 27  ASN A N   1 
ATOM   123 C  CA  . ASN A 1 26  ? -10.599 -4.365  4.731   1.00 20.95 ? 27  ASN A CA  1 
ATOM   124 C  C   . ASN A 1 26  ? -9.218  -4.237  5.384   1.00 20.35 ? 27  ASN A C   1 
ATOM   125 O  O   . ASN A 1 26  ? -9.115  -4.068  6.607   1.00 23.75 ? 27  ASN A O   1 
ATOM   126 C  CB  . ASN A 1 26  ? -11.647 -4.853  5.745   1.00 24.68 ? 27  ASN A CB  1 
ATOM   127 C  CG  . ASN A 1 26  ? -12.455 -3.723  6.351   1.00 32.90 ? 27  ASN A CG  1 
ATOM   128 O  OD1 . ASN A 1 26  ? -12.587 -3.622  7.576   1.00 36.48 ? 27  ASN A OD1 1 
ATOM   129 N  ND2 . ASN A 1 26  ? -13.009 -2.866  5.497   1.00 36.08 ? 27  ASN A ND2 1 
ATOM   130 N  N   . VAL A 1 27  ? -8.161  -4.305  4.572   1.00 16.47 ? 28  VAL A N   1 
ATOM   131 C  CA  . VAL A 1 27  ? -6.806  -4.082  5.068   1.00 14.61 ? 28  VAL A CA  1 
ATOM   132 C  C   . VAL A 1 27  ? -6.534  -2.580  5.175   1.00 19.41 ? 28  VAL A C   1 
ATOM   133 O  O   . VAL A 1 27  ? -6.763  -1.845  4.215   1.00 16.51 ? 28  VAL A O   1 
ATOM   134 C  CB  . VAL A 1 27  ? -5.738  -4.663  4.127   1.00 18.32 ? 28  VAL A CB  1 
ATOM   135 C  CG1 . VAL A 1 27  ? -4.354  -4.561  4.778   1.00 15.88 ? 28  VAL A CG1 1 
ATOM   136 C  CG2 . VAL A 1 27  ? -6.035  -6.115  3.800   1.00 20.16 ? 28  VAL A CG2 1 
ATOM   137 N  N   . ALA A 1 28  ? -6.027  -2.125  6.320   1.00 18.35 ? 29  ALA A N   1 
ATOM   138 C  CA  . ALA A 1 28  ? -5.668  -0.707  6.467   1.00 18.04 ? 29  ALA A CA  1 
ATOM   139 C  C   . ALA A 1 28  ? -4.367  -0.384  5.723   1.00 16.72 ? 29  ALA A C   1 
ATOM   140 O  O   . ALA A 1 28  ? -3.393  -1.126  5.804   1.00 16.47 ? 29  ALA A O   1 
ATOM   141 C  CB  . ALA A 1 28  ? -5.562  -0.334  7.942   1.00 13.50 ? 29  ALA A CB  1 
ATOM   142 N  N   . VAL A 1 29  ? -4.340  0.719   4.984   1.00 15.50 ? 30  VAL A N   1 
ATOM   143 C  CA  . VAL A 1 29  ? -3.144  1.090   4.243   1.00 12.48 ? 30  VAL A CA  1 
ATOM   144 C  C   . VAL A 1 29  ? -2.836  2.557   4.546   1.00 16.66 ? 30  VAL A C   1 
ATOM   145 O  O   . VAL A 1 29  ? -3.734  3.387   4.475   1.00 15.34 ? 30  VAL A O   1 
ATOM   146 C  CB  . VAL A 1 29  ? -3.336  0.929   2.711   1.00 14.91 ? 30  VAL A CB  1 
ATOM   147 C  CG1 . VAL A 1 29  ? -2.143  1.483   1.973   1.00 14.35 ? 30  VAL A CG1 1 
ATOM   148 C  CG2 . VAL A 1 29  ? -3.546  -0.559  2.318   1.00 13.59 ? 30  VAL A CG2 1 
ATOM   149 N  N   . HIS A 1 30  ? -1.584  2.863   4.883   1.00 17.53 ? 31  HIS A N   1 
ATOM   150 C  CA  . HIS A 1 30  ? -1.164  4.247   5.113   1.00 18.05 ? 31  HIS A CA  1 
ATOM   151 C  C   . HIS A 1 30  ? -0.079  4.681   4.150   1.00 20.38 ? 31  HIS A C   1 
ATOM   152 O  O   . HIS A 1 30  ? 0.900   3.964   3.924   1.00 16.95 ? 31  HIS A O   1 
ATOM   153 C  CB  . HIS A 1 30  ? -0.641  4.436   6.536   1.00 21.27 ? 31  HIS A CB  1 
ATOM   154 C  CG  . HIS A 1 30  ? -1.701  4.321   7.575   1.00 24.49 ? 31  HIS A CG  1 
ATOM   155 N  ND1 . HIS A 1 30  ? -2.104  3.110   8.091   1.00 26.29 ? 31  HIS A ND1 1 
ATOM   156 C  CD2 . HIS A 1 30  ? -2.459  5.264   8.184   1.00 23.44 ? 31  HIS A CD2 1 
ATOM   157 C  CE1 . HIS A 1 30  ? -3.062  3.311   8.975   1.00 25.87 ? 31  HIS A CE1 1 
ATOM   158 N  NE2 . HIS A 1 30  ? -3.293  4.608   9.054   1.00 25.55 ? 31  HIS A NE2 1 
ATOM   159 N  N   . VAL A 1 31  ? -0.242  5.868   3.584   1.00 16.31 ? 32  VAL A N   1 
ATOM   160 C  CA  . VAL A 1 31  ? 0.819   6.432   2.771   1.00 16.66 ? 32  VAL A CA  1 
ATOM   161 C  C   . VAL A 1 31  ? 1.423   7.602   3.534   1.00 18.77 ? 32  VAL A C   1 
ATOM   162 O  O   . VAL A 1 31  ? 0.699   8.415   4.116   1.00 19.05 ? 32  VAL A O   1 
ATOM   163 C  CB  . VAL A 1 31  ? 0.305   6.883   1.394   1.00 15.00 ? 32  VAL A CB  1 
ATOM   164 C  CG1 . VAL A 1 31  ? 1.467   7.313   0.509   1.00 15.07 ? 32  VAL A CG1 1 
ATOM   165 C  CG2 . VAL A 1 31  ? -0.470  5.746   0.734   1.00 14.18 ? 32  VAL A CG2 1 
ATOM   166 N  N   . PHE A 1 32  ? 2.747   7.652   3.558   1.00 17.67 ? 33  PHE A N   1 
ATOM   167 C  CA  . PHE A 1 32  ? 3.478   8.764   4.157   1.00 20.75 ? 33  PHE A CA  1 
ATOM   168 C  C   . PHE A 1 32  ? 4.356   9.375   3.089   1.00 22.32 ? 33  PHE A C   1 
ATOM   169 O  O   . PHE A 1 32  ? 4.819   8.676   2.181   1.00 16.85 ? 33  PHE A O   1 
ATOM   170 C  CB  . PHE A 1 32  ? 4.369   8.286   5.298   1.00 21.30 ? 33  PHE A CB  1 
ATOM   171 C  CG  . PHE A 1 32  ? 3.644   7.487   6.334   1.00 22.85 ? 33  PHE A CG  1 
ATOM   172 C  CD1 . PHE A 1 32  ? 3.596   6.107   6.243   1.00 23.96 ? 33  PHE A CD1 1 
ATOM   173 C  CD2 . PHE A 1 32  ? 3.014   8.115   7.405   1.00 26.60 ? 33  PHE A CD2 1 
ATOM   174 C  CE1 . PHE A 1 32  ? 2.921   5.363   7.194   1.00 23.60 ? 33  PHE A CE1 1 
ATOM   175 C  CE2 . PHE A 1 32  ? 2.334   7.375   8.362   1.00 26.83 ? 33  PHE A CE2 1 
ATOM   176 C  CZ  . PHE A 1 32  ? 2.293   5.991   8.252   1.00 20.92 ? 33  PHE A CZ  1 
ATOM   177 N  N   . ARG A 1 33  ? 4.588   10.678  3.189   1.00 20.86 ? 34  ARG A N   1 
ATOM   178 C  CA  . ARG A 1 33  ? 5.544   11.328  2.305   1.00 19.17 ? 34  ARG A CA  1 
ATOM   179 C  C   . ARG A 1 33  ? 6.694   11.841  3.152   1.00 24.68 ? 34  ARG A C   1 
ATOM   180 O  O   . ARG A 1 33  ? 6.473   12.435  4.212   1.00 25.31 ? 34  ARG A O   1 
ATOM   181 C  CB  . ARG A 1 33  ? 4.881   12.478  1.534   1.00 22.81 ? 34  ARG A CB  1 
ATOM   182 C  CG  . ARG A 1 33  ? 5.820   13.183  0.562   1.00 22.12 ? 34  ARG A CG  1 
ATOM   183 C  CD  . ARG A 1 33  ? 5.123   14.279  -0.234  1.00 23.78 ? 34  ARG A CD  1 
ATOM   184 N  NE  . ARG A 1 33  ? 6.074   14.899  -1.153  1.00 24.06 ? 34  ARG A NE  1 
ATOM   185 C  CZ  . ARG A 1 33  ? 6.918   15.869  -0.808  1.00 25.56 ? 34  ARG A CZ  1 
ATOM   186 N  NH1 . ARG A 1 33  ? 6.909   16.350  0.431   1.00 24.83 ? 34  ARG A NH1 1 
ATOM   187 N  NH2 . ARG A 1 33  ? 7.765   16.360  -1.702  1.00 23.33 ? 34  ARG A NH2 1 
ATOM   188 N  N   . LYS A 1 34  ? 7.922   11.589  2.711   1.00 21.66 ? 35  LYS A N   1 
ATOM   189 C  CA  . LYS A 1 34  ? 9.084   12.076  3.442   1.00 28.67 ? 35  LYS A CA  1 
ATOM   190 C  C   . LYS A 1 34  ? 9.130   13.591  3.292   1.00 27.97 ? 35  LYS A C   1 
ATOM   191 O  O   . LYS A 1 34  ? 9.469   14.110  2.228   1.00 29.16 ? 35  LYS A O   1 
ATOM   192 C  CB  . LYS A 1 34  ? 10.375  11.456  2.900   1.00 26.05 ? 35  LYS A CB  1 
ATOM   193 C  CG  . LYS A 1 34  ? 11.394  11.065  3.967   1.00 29.70 ? 35  LYS A CG  1 
ATOM   194 C  CD  . LYS A 1 34  ? 12.661  10.487  3.331   1.00 31.47 ? 35  LYS A CD  1 
ATOM   195 C  CE  . LYS A 1 34  ? 13.439  9.618   4.313   1.00 34.50 ? 35  LYS A CE  1 
ATOM   196 N  NZ  . LYS A 1 34  ? 14.675  9.028   3.700   1.00 38.51 ? 35  LYS A NZ  1 
ATOM   197 N  N   . ALA A 1 35  ? 8.750   14.303  4.346   1.00 31.85 ? 36  ALA A N   1 
ATOM   198 C  CA  . ALA A 1 35  ? 8.911   15.750  4.343   1.00 38.40 ? 36  ALA A CA  1 
ATOM   199 C  C   . ALA A 1 35  ? 10.398  16.056  4.444   1.00 41.95 ? 36  ALA A C   1 
ATOM   200 O  O   . ALA A 1 35  ? 11.156  15.308  5.069   1.00 42.68 ? 36  ALA A O   1 
ATOM   201 C  CB  . ALA A 1 35  ? 8.151   16.389  5.493   1.00 40.15 ? 36  ALA A CB  1 
ATOM   202 N  N   . ALA A 1 36  ? 10.818  17.151  3.824   1.00 46.48 ? 37  ALA A N   1 
ATOM   203 C  CA  . ALA A 1 36  ? 12.220  17.538  3.848   1.00 49.55 ? 37  ALA A CA  1 
ATOM   204 C  C   . ALA A 1 36  ? 12.409  18.736  4.771   1.00 51.88 ? 37  ALA A C   1 
ATOM   205 O  O   . ALA A 1 36  ? 12.151  19.874  4.370   1.00 53.03 ? 37  ALA A O   1 
ATOM   206 C  CB  . ALA A 1 36  ? 12.703  17.858  2.436   1.00 51.21 ? 37  ALA A CB  1 
ATOM   207 N  N   . ASP A 1 37  ? 12.887  18.499  5.994   1.00 51.32 ? 38  ASP A N   1 
ATOM   208 C  CA  . ASP A 1 37  ? 13.427  17.209  6.428   1.00 50.43 ? 38  ASP A CA  1 
ATOM   209 C  C   . ASP A 1 37  ? 12.841  16.807  7.791   1.00 50.14 ? 38  ASP A C   1 
ATOM   210 O  O   . ASP A 1 37  ? 12.210  17.637  8.455   1.00 52.00 ? 38  ASP A O   1 
ATOM   211 C  CB  . ASP A 1 37  ? 14.951  17.336  6.549   1.00 53.47 ? 38  ASP A CB  1 
ATOM   212 C  CG  . ASP A 1 37  ? 15.603  17.849  5.278   1.00 57.36 ? 38  ASP A CG  1 
ATOM   213 O  OD1 . ASP A 1 37  ? 15.329  17.291  4.189   1.00 55.40 ? 38  ASP A OD1 1 
ATOM   214 O  OD2 . ASP A 1 37  ? 16.396  18.811  5.373   1.00 57.04 ? 38  ASP A OD2 1 
ATOM   215 N  N   . ASP A 1 38  ? 12.991  15.545  8.209   1.00 47.97 ? 39  ASP A N   1 
ATOM   216 C  CA  . ASP A 1 38  ? 13.407  14.415  7.371   1.00 47.38 ? 39  ASP A CA  1 
ATOM   217 C  C   . ASP A 1 38  ? 12.561  13.224  7.795   1.00 43.11 ? 39  ASP A C   1 
ATOM   218 O  O   . ASP A 1 38  ? 13.027  12.085  7.843   1.00 42.46 ? 39  ASP A O   1 
ATOM   219 C  CB  . ASP A 1 38  ? 14.886  14.083  7.566   1.00 49.84 ? 39  ASP A CB  1 
ATOM   220 C  CG  . ASP A 1 38  ? 15.465  13.315  6.397   1.00 50.85 ? 39  ASP A CG  1 
ATOM   221 O  OD1 . ASP A 1 38  ? 15.572  12.075  6.487   1.00 49.26 ? 39  ASP A OD1 1 
ATOM   222 O  OD2 . ASP A 1 38  ? 15.807  13.955  5.381   1.00 54.63 ? 39  ASP A OD2 1 
ATOM   223 N  N   . THR A 1 39  ? 11.304  13.510  8.108   1.00 43.87 ? 40  THR A N   1 
ATOM   224 C  CA  . THR A 1 39  ? 10.406  12.528  8.699   1.00 42.22 ? 40  THR A CA  1 
ATOM   225 C  C   . THR A 1 39  ? 9.246   12.165  7.787   1.00 35.23 ? 40  THR A C   1 
ATOM   226 O  O   . THR A 1 39  ? 9.065   12.763  6.723   1.00 32.96 ? 40  THR A O   1 
ATOM   227 C  CB  . THR A 1 39  ? 9.824   13.052  10.013  1.00 40.10 ? 40  THR A CB  1 
ATOM   228 O  OG1 . THR A 1 39  ? 9.434   14.419  9.839   1.00 41.35 ? 40  THR A OG1 1 
ATOM   229 C  CG2 . THR A 1 39  ? 10.859  12.958  11.124  1.00 45.49 ? 40  THR A CG2 1 
ATOM   230 N  N   . TRP A 1 40  ? 8.446   11.206  8.239   1.00 34.18 ? 41  TRP A N   1 
ATOM   231 C  CA  . TRP A 1 40  ? 7.316   10.695  7.473   1.00 30.11 ? 41  TRP A CA  1 
ATOM   232 C  C   . TRP A 1 40  ? 5.986   11.370  7.836   1.00 30.29 ? 41  TRP A C   1 
ATOM   233 O  O   . TRP A 1 40  ? 5.396   11.067  8.883   1.00 35.21 ? 41  TRP A O   1 
ATOM   234 C  CB  . TRP A 1 40  ? 7.191   9.185   7.704   1.00 28.47 ? 41  TRP A CB  1 
ATOM   235 C  CG  . TRP A 1 40  ? 8.343   8.382   7.188   1.00 27.73 ? 41  TRP A CG  1 
ATOM   236 C  CD1 . TRP A 1 40  ? 9.280   7.710   7.924   1.00 29.27 ? 41  TRP A CD1 1 
ATOM   237 C  CD2 . TRP A 1 40  ? 8.666   8.146   5.815   1.00 27.53 ? 41  TRP A CD2 1 
ATOM   238 N  NE1 . TRP A 1 40  ? 10.174  7.081   7.089   1.00 29.62 ? 41  TRP A NE1 1 
ATOM   239 C  CE2 . TRP A 1 40  ? 9.821   7.335   5.787   1.00 27.63 ? 41  TRP A CE2 1 
ATOM   240 C  CE3 . TRP A 1 40  ? 8.095   8.551   4.601   1.00 23.86 ? 41  TRP A CE3 1 
ATOM   241 C  CZ2 . TRP A 1 40  ? 10.410  6.913   4.595   1.00 26.72 ? 41  TRP A CZ2 1 
ATOM   242 C  CZ3 . TRP A 1 40  ? 8.687   8.144   3.421   1.00 22.88 ? 41  TRP A CZ3 1 
ATOM   243 C  CH2 . TRP A 1 40  ? 9.829   7.328   3.425   1.00 25.87 ? 41  TRP A CH2 1 
ATOM   244 N  N   . GLU A 1 41  ? 5.509   12.261  6.965   1.00 27.20 ? 42  GLU A N   1 
ATOM   245 C  CA  . GLU A 1 41  ? 4.202   12.899  7.125   1.00 29.30 ? 42  GLU A CA  1 
ATOM   246 C  C   . GLU A 1 41  ? 3.092   11.965  6.691   1.00 27.91 ? 42  GLU A C   1 
ATOM   247 O  O   . GLU A 1 41  ? 3.180   11.377  5.614   1.00 24.47 ? 42  GLU A O   1 
ATOM   248 C  CB  . GLU A 1 41  ? 4.067   14.108  6.199   1.00 30.91 ? 42  GLU A CB  1 
ATOM   249 C  CG  . GLU A 1 41  ? 4.941   15.299  6.462   1.00 37.57 ? 42  GLU A CG  1 
ATOM   250 C  CD  . GLU A 1 41  ? 4.358   16.560  5.834   1.00 41.88 ? 42  GLU A CD  1 
ATOM   251 O  OE1 . GLU A 1 41  ? 3.369   17.090  6.387   1.00 43.81 ? 42  GLU A OE1 1 
ATOM   252 O  OE2 . GLU A 1 41  ? 4.865   17.008  4.780   1.00 42.66 ? 42  GLU A OE2 1 
ATOM   253 N  N   . PRO A 1 42  ? 2.019   11.858  7.492   1.00 25.50 ? 43  PRO A N   1 
ATOM   254 C  CA  . PRO A 1 42  ? 0.813   11.207  6.968   1.00 23.99 ? 43  PRO A CA  1 
ATOM   255 C  C   . PRO A 1 42  ? 0.352   11.906  5.690   1.00 26.03 ? 43  PRO A C   1 
ATOM   256 O  O   . PRO A 1 42  ? 0.143   13.126  5.677   1.00 25.03 ? 43  PRO A O   1 
ATOM   257 C  CB  . PRO A 1 42  ? -0.214  11.419  8.089   1.00 24.38 ? 43  PRO A CB  1 
ATOM   258 C  CG  . PRO A 1 42  ? 0.617   11.508  9.328   1.00 22.11 ? 43  PRO A CG  1 
ATOM   259 C  CD  . PRO A 1 42  ? 1.890   12.207  8.919   1.00 26.02 ? 43  PRO A CD  1 
ATOM   260 N  N   . PHE A 1 43  ? 0.210   11.141  4.616   1.00 19.06 ? 44  PHE A N   1 
ATOM   261 C  CA  . PHE A 1 43  ? -0.170  11.707  3.330   1.00 19.05 ? 44  PHE A CA  1 
ATOM   262 C  C   . PHE A 1 43  ? -1.577  11.279  2.906   1.00 21.47 ? 44  PHE A C   1 
ATOM   263 O  O   . PHE A 1 43  ? -2.394  12.096  2.482   1.00 21.36 ? 44  PHE A O   1 
ATOM   264 C  CB  . PHE A 1 43  ? 0.869   11.325  2.264   1.00 18.73 ? 44  PHE A CB  1 
ATOM   265 C  CG  . PHE A 1 43  ? 0.488   11.753  0.876   1.00 19.31 ? 44  PHE A CG  1 
ATOM   266 C  CD1 . PHE A 1 43  ? 0.674   13.070  0.464   1.00 19.03 ? 44  PHE A CD1 1 
ATOM   267 C  CD2 . PHE A 1 43  ? -0.071  10.851  -0.009  1.00 16.75 ? 44  PHE A CD2 1 
ATOM   268 C  CE1 . PHE A 1 43  ? 0.298   13.470  -0.813  1.00 17.88 ? 44  PHE A CE1 1 
ATOM   269 C  CE2 . PHE A 1 43  ? -0.450  11.241  -1.286  1.00 19.27 ? 44  PHE A CE2 1 
ATOM   270 C  CZ  . PHE A 1 43  ? -0.253  12.556  -1.691  1.00 18.08 ? 44  PHE A CZ  1 
ATOM   271 N  N   . ALA A 1 44  ? -1.856  9.982   2.995   1.00 18.11 ? 45  ALA A N   1 
ATOM   272 C  CA  . ALA A 1 44  ? -3.153  9.461   2.585   1.00 17.53 ? 45  ALA A CA  1 
ATOM   273 C  C   . ALA A 1 44  ? -3.316  8.084   3.204   1.00 17.76 ? 45  ALA A C   1 
ATOM   274 O  O   . ALA A 1 44  ? -2.323  7.451   3.576   1.00 16.71 ? 45  ALA A O   1 
ATOM   275 C  CB  . ALA A 1 44  ? -3.241  9.374   1.086   1.00 20.36 ? 45  ALA A CB  1 
ATOM   276 N  N   . SER A 1 45  ? -4.556  7.635   3.334   1.00 17.26 ? 46  SER A N   1 
ATOM   277 C  CA  . SER A 1 45  ? -4.809  6.319   3.918   1.00 18.55 ? 46  SER A CA  1 
ATOM   278 C  C   . SER A 1 45  ? -6.221  5.848   3.635   1.00 19.31 ? 46  SER A C   1 
ATOM   279 O  O   . SER A 1 45  ? -7.085  6.629   3.227   1.00 18.71 ? 46  SER A O   1 
ATOM   280 C  CB  . SER A 1 45  ? -4.513  6.308   5.426   1.00 17.52 ? 46  SER A CB  1 
ATOM   281 O  OG  . SER A 1 45  ? -5.232  7.325   6.116   1.00 17.60 ? 46  SER A OG  1 
ATOM   282 N  N   . GLY A 1 46  ? -6.453  4.554   3.833   1.00 15.44 ? 47  GLY A N   1 
ATOM   283 C  CA  . GLY A 1 46  ? -7.761  3.993   3.572   1.00 14.95 ? 47  GLY A CA  1 
ATOM   284 C  C   . GLY A 1 46  ? -7.761  2.495   3.814   1.00 17.87 ? 47  GLY A C   1 
ATOM   285 O  O   . GLY A 1 46  ? -6.791  1.937   4.331   1.00 16.87 ? 47  GLY A O   1 
ATOM   286 N  N   . LYS A 1 47  ? -8.856  1.848   3.443   1.00 18.54 ? 48  LYS A N   1 
ATOM   287 C  CA  . LYS A 1 47  ? -8.994  0.413   3.661   1.00 17.76 ? 48  LYS A CA  1 
ATOM   288 C  C   . LYS A 1 47  ? -9.408  -0.225  2.353   1.00 17.48 ? 48  LYS A C   1 
ATOM   289 O  O   . LYS A 1 47  ? -10.225 0.331   1.639   1.00 18.96 ? 48  LYS A O   1 
ATOM   290 C  CB  . LYS A 1 47  ? -10.031 0.166   4.754   1.00 18.24 ? 48  LYS A CB  1 
ATOM   291 C  CG  . LYS A 1 47  ? -9.689  0.904   6.037   1.00 22.89 ? 48  LYS A CG  1 
ATOM   292 C  CD  . LYS A 1 47  ? -9.632  -0.003  7.238   1.00 27.10 ? 48  LYS A CD  1 
ATOM   293 C  CE  . LYS A 1 47  ? -10.970 -0.037  7.933   1.00 28.36 ? 48  LYS A CE  1 
ATOM   294 N  NZ  . LYS A 1 47  ? -11.187 -1.354  8.595   1.00 35.71 ? 48  LYS A NZ  1 
ATOM   295 N  N   . THR A 1 48  ? -8.824  -1.375  2.020   1.00 15.43 ? 49  THR A N   1 
ATOM   296 C  CA  . THR A 1 48  ? -9.142  -2.040  0.767   1.00 15.10 ? 49  THR A CA  1 
ATOM   297 C  C   . THR A 1 48  ? -10.604 -2.491  0.733   1.00 16.77 ? 49  THR A C   1 
ATOM   298 O  O   . THR A 1 48  ? -11.196 -2.787  1.769   1.00 17.28 ? 49  THR A O   1 
ATOM   299 C  CB  . THR A 1 48  ? -8.266  -3.286  0.564   1.00 14.96 ? 49  THR A CB  1 
ATOM   300 O  OG1 . THR A 1 48  ? -8.437  -4.154  1.687   1.00 13.95 ? 49  THR A OG1 1 
ATOM   301 C  CG2 . THR A 1 48  ? -6.789  -2.899  0.453   1.00 13.38 ? 49  THR A CG2 1 
ATOM   302 N  N   . SER A 1 49  ? -11.167 -2.553  -0.464  1.00 15.94 ? 50  SER A N   1 
ATOM   303 C  CA  . SER A 1 49  ? -12.553 -2.954  -0.652  1.00 18.53 ? 50  SER A CA  1 
ATOM   304 C  C   . SER A 1 49  ? -12.655 -4.466  -0.781  1.00 17.76 ? 50  SER A C   1 
ATOM   305 O  O   . SER A 1 49  ? -11.679 -5.203  -0.581  1.00 13.89 ? 50  SER A O   1 
ATOM   306 C  CB  . SER A 1 49  ? -13.105 -2.332  -1.935  1.00 18.00 ? 50  SER A CB  1 
ATOM   307 O  OG  . SER A 1 49  ? -12.494 -2.940  -3.063  1.00 20.03 ? 50  SER A OG  1 
ATOM   308 N  N   . GLU A 1 50  ? -13.840 -4.928  -1.162  1.00 19.02 ? 51  GLU A N   1 
ATOM   309 C  CA  . GLU A 1 50  ? -14.066 -6.357  -1.348  1.00 20.14 ? 51  GLU A CA  1 
ATOM   310 C  C   . GLU A 1 50  ? -13.233 -6.979  -2.461  1.00 15.80 ? 51  GLU A C   1 
ATOM   311 O  O   . GLU A 1 50  ? -13.039 -8.190  -2.481  1.00 15.26 ? 51  GLU A O   1 
ATOM   312 C  CB  . GLU A 1 50  ? -15.554 -6.654  -1.564  1.00 22.75 ? 51  GLU A CB  1 
ATOM   313 C  CG  . GLU A 1 50  ? -16.363 -6.641  -0.272  1.00 24.35 ? 51  GLU A CG  1 
ATOM   314 C  CD  . GLU A 1 50  ? -17.828 -6.971  -0.502  1.00 38.17 ? 51  GLU A CD  1 
ATOM   315 O  OE1 . GLU A 1 50  ? -18.591 -6.995  0.490   1.00 44.90 ? 51  GLU A OE1 1 
ATOM   316 O  OE2 . GLU A 1 50  ? -18.216 -7.202  -1.671  1.00 34.50 ? 51  GLU A OE2 1 
ATOM   317 N  N   . SER A 1 51  ? -12.743 -6.162  -3.386  1.00 15.59 ? 52  SER A N   1 
ATOM   318 C  CA  . SER A 1 51  ? -11.869 -6.672  -4.439  1.00 15.35 ? 52  SER A CA  1 
ATOM   319 C  C   . SER A 1 51  ? -10.399 -6.620  -4.005  1.00 13.91 ? 52  SER A C   1 
ATOM   320 O  O   . SER A 1 51  ? -9.502  -6.980  -4.767  1.00 14.39 ? 52  SER A O   1 
ATOM   321 C  CB  . SER A 1 51  ? -12.060 -5.888  -5.732  1.00 17.84 ? 52  SER A CB  1 
ATOM   322 O  OG  . SER A 1 51  ? -11.496 -4.604  -5.600  1.00 18.71 ? 52  SER A OG  1 
ATOM   323 N  N   . GLY A 1 52  ? -10.166 -6.178  -2.775  1.00 14.39 ? 53  GLY A N   1 
ATOM   324 C  CA  . GLY A 1 52  ? -8.814  -6.057  -2.251  1.00 14.08 ? 53  GLY A CA  1 
ATOM   325 C  C   . GLY A 1 52  ? -8.125  -4.798  -2.765  1.00 15.38 ? 53  GLY A C   1 
ATOM   326 O  O   . GLY A 1 52  ? -6.922  -4.619  -2.571  1.00 14.23 ? 53  GLY A O   1 
ATOM   327 N  N   . GLU A 1 53  ? -8.890  -3.921  -3.415  1.00 12.25 ? 54  GLU A N   1 
ATOM   328 C  CA  . GLU A 1 53  ? -8.311  -2.720  -4.015  1.00 15.96 ? 54  GLU A CA  1 
ATOM   329 C  C   . GLU A 1 53  ? -8.627  -1.465  -3.216  1.00 14.71 ? 54  GLU A C   1 
ATOM   330 O  O   . GLU A 1 53  ? -9.682  -1.362  -2.597  1.00 15.33 ? 54  GLU A O   1 
ATOM   331 C  CB  . GLU A 1 53  ? -8.774  -2.587  -5.475  1.00 17.38 ? 54  GLU A CB  1 
ATOM   332 C  CG  . GLU A 1 53  ? -8.373  -3.780  -6.311  1.00 16.07 ? 54  GLU A CG  1 
ATOM   333 C  CD  . GLU A 1 53  ? -8.717  -3.643  -7.780  1.00 22.36 ? 54  GLU A CD  1 
ATOM   334 O  OE1 . GLU A 1 53  ? -9.308  -2.614  -8.162  1.00 25.03 ? 54  GLU A OE1 1 
ATOM   335 O  OE2 . GLU A 1 53  ? -8.396  -4.579  -8.552  1.00 25.09 ? 54  GLU A OE2 1 
ATOM   336 N  N   . LEU A 1 54  ? -7.686  -0.523  -3.205  1.00 12.77 ? 55  LEU A N   1 
ATOM   337 C  CA  . LEU A 1 54  ? -7.887  0.723   -2.498  1.00 16.78 ? 55  LEU A CA  1 
ATOM   338 C  C   . LEU A 1 54  ? -7.823  1.858   -3.516  1.00 18.48 ? 55  LEU A C   1 
ATOM   339 O  O   . LEU A 1 54  ? -6.736  2.220   -4.002  1.00 16.84 ? 55  LEU A O   1 
ATOM   340 C  CB  . LEU A 1 54  ? -6.833  0.902   -1.395  1.00 14.74 ? 55  LEU A CB  1 
ATOM   341 C  CG  . LEU A 1 54  ? -6.878  2.240   -0.650  1.00 18.71 ? 55  LEU A CG  1 
ATOM   342 C  CD1 . LEU A 1 54  ? -8.308  2.556   -0.234  1.00 19.03 ? 55  LEU A CD1 1 
ATOM   343 C  CD2 . LEU A 1 54  ? -5.956  2.210   0.562   1.00 16.04 ? 55  LEU A CD2 1 
ATOM   344 N  N   . HIS A 1 55  ? -9.000  2.388   -3.845  1.00 21.75 ? 56  HIS A N   1 
ATOM   345 C  CA  . HIS A 1 55  ? -9.152  3.463   -4.829  1.00 21.94 ? 56  HIS A CA  1 
ATOM   346 C  C   . HIS A 1 55  ? -9.357  4.820   -4.162  1.00 21.89 ? 56  HIS A C   1 
ATOM   347 O  O   . HIS A 1 55  ? -9.741  4.900   -2.986  1.00 21.83 ? 56  HIS A O   1 
ATOM   348 C  CB  . HIS A 1 55  ? -10.335 3.169   -5.757  1.00 23.00 ? 56  HIS A CB  1 
ATOM   349 C  CG  . HIS A 1 55  ? -10.168 1.926   -6.569  1.00 24.66 ? 56  HIS A CG  1 
ATOM   350 N  ND1 . HIS A 1 55  ? -9.412  1.887   -7.723  1.00 23.79 ? 56  HIS A ND1 1 
ATOM   351 C  CD2 . HIS A 1 55  ? -10.660 0.675   -6.398  1.00 22.33 ? 56  HIS A CD2 1 
ATOM   352 C  CE1 . HIS A 1 55  ? -9.442  0.662   -8.224  1.00 26.66 ? 56  HIS A CE1 1 
ATOM   353 N  NE2 . HIS A 1 55  ? -10.186 -0.091  -7.436  1.00 23.72 ? 56  HIS A NE2 1 
ATOM   354 N  N   . GLY A 1 56  ? -9.104  5.889   -4.919  1.00 23.36 ? 57  GLY A N   1 
ATOM   355 C  CA  . GLY A 1 56  ? -9.330  7.241   -4.432  1.00 22.82 ? 57  GLY A CA  1 
ATOM   356 C  C   . GLY A 1 56  ? -8.421  7.635   -3.283  1.00 22.66 ? 57  GLY A C   1 
ATOM   357 O  O   . GLY A 1 56  ? -8.810  8.436   -2.427  1.00 23.18 ? 57  GLY A O   1 
ATOM   358 N  N   . LEU A 1 57  ? -7.211  7.074   -3.255  1.00 20.90 ? 58  LEU A N   1 
ATOM   359 C  CA  . LEU A 1 57  ? -6.257  7.375   -2.192  1.00 19.87 ? 58  LEU A CA  1 
ATOM   360 C  C   . LEU A 1 57  ? -5.841  8.842   -2.198  1.00 18.91 ? 58  LEU A C   1 
ATOM   361 O  O   . LEU A 1 57  ? -5.729  9.465   -1.147  1.00 19.82 ? 58  LEU A O   1 
ATOM   362 C  CB  . LEU A 1 57  ? -5.005  6.499   -2.313  1.00 19.97 ? 58  LEU A CB  1 
ATOM   363 C  CG  . LEU A 1 57  ? -4.840  5.354   -1.317  1.00 23.39 ? 58  LEU A CG  1 
ATOM   364 C  CD1 . LEU A 1 57  ? -3.587  4.526   -1.660  1.00 18.30 ? 58  LEU A CD1 1 
ATOM   365 C  CD2 . LEU A 1 57  ? -4.764  5.889   0.112   1.00 18.36 ? 58  LEU A CD2 1 
ATOM   366 N  N   . THR A 1 58  ? -5.609  9.376   -3.393  1.00 21.74 ? 59  THR A N   1 
ATOM   367 C  CA  . THR A 1 58  ? -5.118  10.736  -3.544  1.00 16.79 ? 59  THR A CA  1 
ATOM   368 C  C   . THR A 1 58  ? -5.495  11.292  -4.916  1.00 18.06 ? 59  THR A C   1 
ATOM   369 O  O   . THR A 1 58  ? -6.236  10.658  -5.673  1.00 17.39 ? 59  THR A O   1 
ATOM   370 C  CB  . THR A 1 58  ? -3.578  10.809  -3.324  1.00 20.32 ? 59  THR A CB  1 
ATOM   371 O  OG1 . THR A 1 58  ? -3.132  12.160  -3.475  1.00 20.99 ? 59  THR A OG1 1 
ATOM   372 C  CG2 . THR A 1 58  ? -2.849  9.941   -4.329  1.00 16.96 ? 59  THR A CG2 1 
ATOM   373 N  N   . THR A 1 59  ? -4.989  12.485  -5.227  1.00 19.54 ? 60  THR A N   1 
ATOM   374 C  CA  . THR A 1 59  ? -5.266  13.131  -6.508  1.00 21.01 ? 60  THR A CA  1 
ATOM   375 C  C   . THR A 1 59  ? -3.970  13.605  -7.146  1.00 17.85 ? 60  THR A C   1 
ATOM   376 O  O   . THR A 1 59  ? -2.950  13.730  -6.466  1.00 18.91 ? 60  THR A O   1 
ATOM   377 C  CB  . THR A 1 59  ? -6.159  14.373  -6.324  1.00 21.54 ? 60  THR A CB  1 
ATOM   378 O  OG1 . THR A 1 59  ? -5.484  15.311  -5.479  1.00 22.66 ? 60  THR A OG1 1 
ATOM   379 C  CG2 . THR A 1 59  ? -7.491  13.990  -5.703  1.00 21.88 ? 60  THR A CG2 1 
ATOM   380 N  N   . GLU A 1 60  ? -4.013  13.896  -8.442  1.00 24.51 ? 61  GLU A N   1 
ATOM   381 C  CA  . GLU A 1 60  ? -2.828  14.421  -9.112  1.00 23.70 ? 61  GLU A CA  1 
ATOM   382 C  C   . GLU A 1 60  ? -2.378  15.750  -8.503  1.00 24.77 ? 61  GLU A C   1 
ATOM   383 O  O   . GLU A 1 60  ? -1.187  16.061  -8.489  1.00 22.09 ? 61  GLU A O   1 
ATOM   384 C  CB  . GLU A 1 60  ? -3.051  14.524  -10.622 1.00 28.86 ? 61  GLU A CB  1 
ATOM   385 C  CG  . GLU A 1 60  ? -2.909  13.176  -11.334 1.00 30.59 ? 61  GLU A CG  1 
ATOM   386 C  CD  . GLU A 1 60  ? -3.394  13.201  -12.764 1.00 39.36 ? 61  GLU A CD  1 
ATOM   387 O  OE1 . GLU A 1 60  ? -4.577  13.536  -12.984 1.00 44.26 ? 61  GLU A OE1 1 
ATOM   388 O  OE2 . GLU A 1 60  ? -2.595  12.877  -13.669 1.00 42.99 ? 61  GLU A OE2 1 
ATOM   389 N  N   . GLU A 1 61  ? -3.335  16.511  -7.970  1.00 27.19 ? 62  GLU A N   1 
ATOM   390 C  CA  . GLU A 1 61  ? -3.033  17.781  -7.321  1.00 26.33 ? 62  GLU A CA  1 
ATOM   391 C  C   . GLU A 1 61  ? -2.188  17.583  -6.069  1.00 23.63 ? 62  GLU A C   1 
ATOM   392 O  O   . GLU A 1 61  ? -1.227  18.309  -5.850  1.00 27.10 ? 62  GLU A O   1 
ATOM   393 C  CB  . GLU A 1 61  ? -4.325  18.523  -6.959  1.00 27.92 ? 62  GLU A CB  1 
ATOM   394 C  CG  . GLU A 1 61  ? -5.326  18.579  -8.090  1.00 33.22 ? 62  GLU A CG  1 
ATOM   395 C  CD  . GLU A 1 61  ? -5.946  19.950  -8.226  1.00 42.34 ? 62  GLU A CD  1 
ATOM   396 O  OE1 . GLU A 1 61  ? -5.768  20.772  -7.295  1.00 39.56 ? 62  GLU A OE1 1 
ATOM   397 O  OE2 . GLU A 1 61  ? -6.603  20.206  -9.260  1.00 45.69 ? 62  GLU A OE2 1 
ATOM   398 N  N   . GLU A 1 62  ? -2.533  16.588  -5.256  1.00 21.17 ? 63  GLU A N   1 
ATOM   399 C  CA  . GLU A 1 62  ? -1.835  16.385  -3.988  1.00 21.13 ? 63  GLU A CA  1 
ATOM   400 C  C   . GLU A 1 62  ? -0.569  15.540  -4.127  1.00 16.57 ? 63  GLU A C   1 
ATOM   401 O  O   . GLU A 1 62  ? 0.353   15.668  -3.328  1.00 19.88 ? 63  GLU A O   1 
ATOM   402 C  CB  . GLU A 1 62  ? -2.754  15.713  -2.971  1.00 21.47 ? 63  GLU A CB  1 
ATOM   403 C  CG  . GLU A 1 62  ? -3.991  16.512  -2.611  1.00 24.23 ? 63  GLU A CG  1 
ATOM   404 C  CD  . GLU A 1 62  ? -4.907  15.741  -1.682  1.00 29.98 ? 63  GLU A CD  1 
ATOM   405 O  OE1 . GLU A 1 62  ? -5.979  15.294  -2.153  1.00 29.09 ? 63  GLU A OE1 1 
ATOM   406 O  OE2 . GLU A 1 62  ? -4.548  15.579  -0.487  1.00 33.86 ? 63  GLU A OE2 1 
ATOM   407 N  N   . PHE A 1 63  ? -0.535  14.694  -5.146  1.00 18.85 ? 64  PHE A N   1 
ATOM   408 C  CA  . PHE A 1 63  ? 0.547   13.730  -5.307  1.00 17.71 ? 64  PHE A CA  1 
ATOM   409 C  C   . PHE A 1 63  ? 1.732   14.348  -6.041  1.00 17.63 ? 64  PHE A C   1 
ATOM   410 O  O   . PHE A 1 63  ? 1.839   14.248  -7.265  1.00 25.77 ? 64  PHE A O   1 
ATOM   411 C  CB  . PHE A 1 63  ? 0.024   12.496  -6.046  1.00 18.38 ? 64  PHE A CB  1 
ATOM   412 C  CG  . PHE A 1 63  ? 0.932   11.292  -5.949  1.00 16.61 ? 64  PHE A CG  1 
ATOM   413 C  CD1 . PHE A 1 63  ? 1.368   10.831  -4.714  1.00 17.61 ? 64  PHE A CD1 1 
ATOM   414 C  CD2 . PHE A 1 63  ? 1.328   10.619  -7.088  1.00 19.19 ? 64  PHE A CD2 1 
ATOM   415 C  CE1 . PHE A 1 63  ? 2.208   9.713   -4.620  1.00 19.69 ? 64  PHE A CE1 1 
ATOM   416 C  CE2 . PHE A 1 63  ? 2.158   9.501   -7.005  1.00 20.16 ? 64  PHE A CE2 1 
ATOM   417 C  CZ  . PHE A 1 63  ? 2.588   9.046   -5.774  1.00 15.75 ? 64  PHE A CZ  1 
ATOM   418 N  N   . VAL A 1 64  ? 2.628   14.969  -5.285  1.00 17.77 ? 65  VAL A N   1 
ATOM   419 C  CA  . VAL A 1 64  ? 3.799   15.626  -5.861  1.00 20.01 ? 65  VAL A CA  1 
ATOM   420 C  C   . VAL A 1 64  ? 4.986   14.669  -5.851  1.00 20.56 ? 65  VAL A C   1 
ATOM   421 O  O   . VAL A 1 64  ? 4.899   13.580  -5.288  1.00 19.20 ? 65  VAL A O   1 
ATOM   422 C  CB  . VAL A 1 64  ? 4.193   16.869  -5.053  1.00 19.40 ? 65  VAL A CB  1 
ATOM   423 C  CG1 . VAL A 1 64  ? 3.066   17.868  -5.030  1.00 20.06 ? 65  VAL A CG1 1 
ATOM   424 C  CG2 . VAL A 1 64  ? 4.550   16.470  -3.635  1.00 20.81 ? 65  VAL A CG2 1 
ATOM   425 N  N   . GLU A 1 65  ? 6.094   15.080  -6.461  1.00 20.30 ? 66  GLU A N   1 
ATOM   426 C  CA  . GLU A 1 65  ? 7.327   14.299  -6.376  1.00 21.30 ? 66  GLU A CA  1 
ATOM   427 C  C   . GLU A 1 65  ? 7.789   14.176  -4.942  1.00 20.49 ? 66  GLU A C   1 
ATOM   428 O  O   . GLU A 1 65  ? 7.598   15.089  -4.133  1.00 23.81 ? 66  GLU A O   1 
ATOM   429 C  CB  . GLU A 1 65  ? 8.450   14.976  -7.155  1.00 21.14 ? 66  GLU A CB  1 
ATOM   430 C  CG  . GLU A 1 65  ? 8.204   15.079  -8.627  1.00 22.97 ? 66  GLU A CG  1 
ATOM   431 C  CD  . GLU A 1 65  ? 9.427   15.560  -9.360  1.00 23.91 ? 66  GLU A CD  1 
ATOM   432 O  OE1 . GLU A 1 65  ? 9.905   16.669  -9.054  1.00 21.21 ? 66  GLU A OE1 1 
ATOM   433 O  OE2 . GLU A 1 65  ? 9.911   14.820  -10.235 1.00 26.30 ? 66  GLU A OE2 1 
ATOM   434 N  N   . GLY A 1 66  ? 8.422   13.055  -4.632  1.00 20.59 ? 67  GLY A N   1 
ATOM   435 C  CA  . GLY A 1 66  ? 9.030   12.877  -3.334  1.00 19.52 ? 67  GLY A CA  1 
ATOM   436 C  C   . GLY A 1 66  ? 9.202   11.409  -3.028  1.00 19.42 ? 67  GLY A C   1 
ATOM   437 O  O   . GLY A 1 66  ? 8.916   10.561  -3.872  1.00 19.20 ? 67  GLY A O   1 
ATOM   438 N  N   . ILE A 1 67  ? 9.669   11.117  -1.823  1.00 17.98 ? 68  ILE A N   1 
ATOM   439 C  CA  . ILE A 1 67  ? 9.792   9.734   -1.367  1.00 19.16 ? 68  ILE A CA  1 
ATOM   440 C  C   . ILE A 1 67  ? 8.554   9.312   -0.570  1.00 19.47 ? 68  ILE A C   1 
ATOM   441 O  O   . ILE A 1 67  ? 8.168   9.966   0.404   1.00 16.58 ? 68  ILE A O   1 
ATOM   442 C  CB  . ILE A 1 67  ? 11.086  9.537   -0.557  1.00 20.61 ? 68  ILE A CB  1 
ATOM   443 C  CG1 . ILE A 1 67  ? 12.287  9.910   -1.431  1.00 20.39 ? 68  ILE A CG1 1 
ATOM   444 C  CG2 . ILE A 1 67  ? 11.211  8.100   -0.088  1.00 19.79 ? 68  ILE A CG2 1 
ATOM   445 C  CD1 . ILE A 1 67  ? 13.578  10.154  -0.664  1.00 24.70 ? 68  ILE A CD1 1 
ATOM   446 N  N   . TYR A 1 68  ? 7.906   8.235   -1.006  1.00 16.53 ? 69  TYR A N   1 
ATOM   447 C  CA  . TYR A 1 68  ? 6.670   7.791   -0.367  1.00 13.76 ? 69  TYR A CA  1 
ATOM   448 C  C   . TYR A 1 68  ? 6.853   6.452   0.314   1.00 17.80 ? 69  TYR A C   1 
ATOM   449 O  O   . TYR A 1 68  ? 7.585   5.593   -0.171  1.00 17.07 ? 69  TYR A O   1 
ATOM   450 C  CB  . TYR A 1 68  ? 5.545   7.711   -1.395  1.00 17.06 ? 69  TYR A CB  1 
ATOM   451 C  CG  . TYR A 1 68  ? 5.082   9.078   -1.819  1.00 15.61 ? 69  TYR A CG  1 
ATOM   452 C  CD1 . TYR A 1 68  ? 5.743   9.784   -2.817  1.00 17.80 ? 69  TYR A CD1 1 
ATOM   453 C  CD2 . TYR A 1 68  ? 4.008   9.692   -1.181  1.00 18.02 ? 69  TYR A CD2 1 
ATOM   454 C  CE1 . TYR A 1 68  ? 5.323   11.058  -3.189  1.00 18.98 ? 69  TYR A CE1 1 
ATOM   455 C  CE2 . TYR A 1 68  ? 3.590   10.961  -1.539  1.00 17.57 ? 69  TYR A CE2 1 
ATOM   456 C  CZ  . TYR A 1 68  ? 4.245   11.634  -2.546  1.00 18.52 ? 69  TYR A CZ  1 
ATOM   457 O  OH  . TYR A 1 68  ? 3.811   12.897  -2.904  1.00 18.31 ? 69  TYR A OH  1 
ATOM   458 N  N   . LYS A 1 69  ? 6.184   6.285   1.444   1.00 15.86 ? 70  LYS A N   1 
ATOM   459 C  CA  . LYS A 1 69  ? 6.135   4.990   2.101   1.00 20.48 ? 70  LYS A CA  1 
ATOM   460 C  C   . LYS A 1 69  ? 4.695   4.508   2.156   1.00 20.29 ? 70  LYS A C   1 
ATOM   461 O  O   . LYS A 1 69  ? 3.793   5.231   2.594   1.00 20.70 ? 70  LYS A O   1 
ATOM   462 C  CB  . LYS A 1 69  ? 6.721   5.073   3.508   1.00 20.47 ? 70  LYS A CB  1 
ATOM   463 C  CG  . LYS A 1 69  ? 6.697   3.747   4.243   1.00 24.41 ? 70  LYS A CG  1 
ATOM   464 C  CD  . LYS A 1 69  ? 7.798   3.698   5.284   1.00 29.57 ? 70  LYS A CD  1 
ATOM   465 C  CE  . LYS A 1 69  ? 7.492   4.584   6.463   1.00 28.21 ? 70  LYS A CE  1 
ATOM   466 N  NZ  . LYS A 1 69  ? 8.251   4.142   7.674   1.00 33.49 ? 70  LYS A NZ  1 
ATOM   467 N  N   . VAL A 1 70  ? 4.472   3.287   1.678   1.00 18.28 ? 71  VAL A N   1 
ATOM   468 C  CA  . VAL A 1 70  ? 3.153   2.675   1.737   1.00 17.26 ? 71  VAL A CA  1 
ATOM   469 C  C   . VAL A 1 70  ? 3.217   1.562   2.775   1.00 21.30 ? 71  VAL A C   1 
ATOM   470 O  O   . VAL A 1 70  ? 3.938   0.573   2.599   1.00 22.16 ? 71  VAL A O   1 
ATOM   471 C  CB  . VAL A 1 70  ? 2.761   2.068   0.387   1.00 16.97 ? 71  VAL A CB  1 
ATOM   472 C  CG1 . VAL A 1 70  ? 1.418   1.345   0.493   1.00 17.75 ? 71  VAL A CG1 1 
ATOM   473 C  CG2 . VAL A 1 70  ? 2.712   3.145   -0.684  1.00 17.97 ? 71  VAL A CG2 1 
ATOM   474 N  N   . GLU A 1 71  ? 2.499   1.745   3.872   1.00 20.01 ? 72  GLU A N   1 
ATOM   475 C  CA  . GLU A 1 71  ? 2.507   0.769   4.945   1.00 21.78 ? 72  GLU A CA  1 
ATOM   476 C  C   . GLU A 1 71  ? 1.197   0.021   4.907   1.00 20.45 ? 72  GLU A C   1 
ATOM   477 O  O   . GLU A 1 71  ? 0.136   0.607   5.091   1.00 17.98 ? 72  GLU A O   1 
ATOM   478 C  CB  . GLU A 1 71  ? 2.639   1.462   6.299   1.00 21.84 ? 72  GLU A CB  1 
ATOM   479 C  CG  . GLU A 1 71  ? 4.048   1.877   6.664   1.00 30.64 ? 72  GLU A CG  1 
ATOM   480 C  CD  . GLU A 1 71  ? 4.331   1.679   8.140   1.00 32.81 ? 72  GLU A CD  1 
ATOM   481 O  OE1 . GLU A 1 71  ? 3.413   1.239   8.868   1.00 32.67 ? 72  GLU A OE1 1 
ATOM   482 O  OE2 . GLU A 1 71  ? 5.470   1.964   8.574   1.00 38.58 ? 72  GLU A OE2 1 
ATOM   483 N  N   . ILE A 1 72  ? 1.279   -1.274  4.635   1.00 20.31 ? 73  ILE A N   1 
ATOM   484 C  CA  . ILE A 1 72  ? 0.111   -2.131  4.672   1.00 17.91 ? 73  ILE A CA  1 
ATOM   485 C  C   . ILE A 1 72  ? 0.120   -2.837  6.015   1.00 22.09 ? 73  ILE A C   1 
ATOM   486 O  O   . ILE A 1 72  ? 1.090   -3.525  6.369   1.00 21.54 ? 73  ILE A O   1 
ATOM   487 C  CB  . ILE A 1 72  ? 0.146   -3.160  3.530   1.00 20.29 ? 73  ILE A CB  1 
ATOM   488 C  CG1 . ILE A 1 72  ? 0.195   -2.449  2.174   1.00 22.60 ? 73  ILE A CG1 1 
ATOM   489 C  CG2 . ILE A 1 72  ? -1.046  -4.108  3.600   1.00 21.87 ? 73  ILE A CG2 1 
ATOM   490 C  CD1 . ILE A 1 72  ? 0.707   -3.325  1.060   1.00 18.90 ? 73  ILE A CD1 1 
ATOM   491 N  N   . ASP A 1 73  ? -0.966  -2.660  6.757   1.00 20.02 ? 74  ASP A N   1 
ATOM   492 C  CA  . ASP A 1 73  ? -1.055  -3.148  8.119   1.00 22.93 ? 74  ASP A CA  1 
ATOM   493 C  C   . ASP A 1 73  ? -1.484  -4.625  8.155   1.00 18.91 ? 74  ASP A C   1 
ATOM   494 O  O   . ASP A 1 73  ? -2.588  -4.970  8.549   1.00 16.76 ? 74  ASP A O   1 
ATOM   495 C  CB  . ASP A 1 73  ? -1.994  -2.240  8.912   1.00 23.09 ? 74  ASP A CB  1 
ATOM   496 C  CG  . ASP A 1 73  ? -1.476  -0.794  9.007   1.00 29.67 ? 74  ASP A CG  1 
ATOM   497 O  OD1 . ASP A 1 73  ? -2.291  0.147   8.854   1.00 32.42 ? 74  ASP A OD1 1 
ATOM   498 O  OD2 . ASP A 1 73  ? -0.253  -0.596  9.226   1.00 34.63 ? 74  ASP A OD2 1 
ATOM   499 N  N   . THR A 1 74  ? -0.569  -5.486  7.733   1.00 21.43 ? 75  THR A N   1 
ATOM   500 C  CA  . THR A 1 74  ? -0.854  -6.908  7.561   1.00 17.89 ? 75  THR A CA  1 
ATOM   501 C  C   . THR A 1 74  ? -1.187  -7.625  8.875   1.00 19.55 ? 75  THR A C   1 
ATOM   502 O  O   . THR A 1 74  ? -1.950  -8.588  8.889   1.00 16.55 ? 75  THR A O   1 
ATOM   503 C  CB  . THR A 1 74  ? 0.317   -7.591  6.839   1.00 20.54 ? 75  THR A CB  1 
ATOM   504 O  OG1 . THR A 1 74  ? 1.519   -7.452  7.618   1.00 18.25 ? 75  THR A OG1 1 
ATOM   505 C  CG2 . THR A 1 74  ? 0.533   -6.921  5.491   1.00 17.47 ? 75  THR A CG2 1 
ATOM   506 N  N   . LYS A 1 75  ? -0.638  -7.137  9.987   1.00 21.96 ? 76  LYS A N   1 
ATOM   507 C  CA  . LYS A 1 75  ? -0.844  -7.792  11.282  1.00 22.75 ? 76  LYS A CA  1 
ATOM   508 C  C   . LYS A 1 75  ? -2.310  -7.836  11.727  1.00 21.95 ? 76  LYS A C   1 
ATOM   509 O  O   . LYS A 1 75  ? -2.833  -8.908  12.044  1.00 19.68 ? 76  LYS A O   1 
ATOM   510 C  CB  . LYS A 1 75  ? 0.059   -7.170  12.370  1.00 25.37 ? 76  LYS A CB  1 
ATOM   511 C  CG  . LYS A 1 75  ? 0.603   -8.174  13.372  1.00 23.01 ? 76  LYS A CG  1 
ATOM   512 C  CD  . LYS A 1 75  ? 1.559   -7.546  14.385  1.00 28.86 ? 76  LYS A CD  1 
ATOM   513 C  CE  . LYS A 1 75  ? 0.801   -6.913  15.541  1.00 27.90 ? 76  LYS A CE  1 
ATOM   514 N  NZ  . LYS A 1 75  ? 1.516   -7.144  16.830  1.00 33.32 ? 76  LYS A NZ  1 
ATOM   515 N  N   . SER A 1 76  ? -2.992  -6.692  11.733  1.00 24.90 ? 77  SER A N   1 
ATOM   516 C  CA  . SER A 1 76  ? -4.405  -6.674  12.115  1.00 22.10 ? 77  SER A CA  1 
ATOM   517 C  C   . SER A 1 76  ? -5.310  -7.409  11.117  1.00 20.62 ? 77  SER A C   1 
ATOM   518 O  O   . SER A 1 76  ? -6.369  -7.917  11.488  1.00 19.25 ? 77  SER A O   1 
ATOM   519 C  CB  . SER A 1 76  ? -4.914  -5.242  12.319  1.00 26.69 ? 77  SER A CB  1 
ATOM   520 O  OG  . SER A 1 76  ? -4.799  -4.509  11.111  1.00 30.16 ? 77  SER A OG  1 
ATOM   521 N  N   . TYR A 1 77  ? -4.908  -7.441  9.853   1.00 19.33 ? 78  TYR A N   1 
ATOM   522 C  CA  . TYR A 1 77  ? -5.656  -8.196  8.851   1.00 18.04 ? 78  TYR A CA  1 
ATOM   523 C  C   . TYR A 1 77  ? -5.701  -9.665  9.260   1.00 15.65 ? 78  TYR A C   1 
ATOM   524 O  O   . TYR A 1 77  ? -6.766  -10.278 9.312   1.00 17.47 ? 78  TYR A O   1 
ATOM   525 C  CB  . TYR A 1 77  ? -4.986  -8.057  7.491   1.00 19.44 ? 78  TYR A CB  1 
ATOM   526 C  CG  . TYR A 1 77  ? -5.526  -9.006  6.439   1.00 16.03 ? 78  TYR A CG  1 
ATOM   527 C  CD1 . TYR A 1 77  ? -6.731  -8.750  5.804   1.00 17.69 ? 78  TYR A CD1 1 
ATOM   528 C  CD2 . TYR A 1 77  ? -4.814  -10.139 6.064   1.00 18.12 ? 78  TYR A CD2 1 
ATOM   529 C  CE1 . TYR A 1 77  ? -7.226  -9.599  4.838   1.00 17.58 ? 78  TYR A CE1 1 
ATOM   530 C  CE2 . TYR A 1 77  ? -5.305  -10.999 5.089   1.00 15.86 ? 78  TYR A CE2 1 
ATOM   531 C  CZ  . TYR A 1 77  ? -6.511  -10.717 4.480   1.00 17.74 ? 78  TYR A CZ  1 
ATOM   532 O  OH  . TYR A 1 77  ? -7.018  -11.555 3.513   1.00 16.68 ? 78  TYR A OH  1 
ATOM   533 N  N   . TRP A 1 78  ? -4.532  -10.211 9.568   1.00 19.48 ? 79  TRP A N   1 
ATOM   534 C  CA  . TRP A 1 78  ? -4.427  -11.626 9.900   1.00 16.95 ? 79  TRP A CA  1 
ATOM   535 C  C   . TRP A 1 78  ? -5.106  -11.987 11.226  1.00 17.88 ? 79  TRP A C   1 
ATOM   536 O  O   . TRP A 1 78  ? -5.776  -13.020 11.342  1.00 17.19 ? 79  TRP A O   1 
ATOM   537 C  CB  . TRP A 1 78  ? -2.964  -12.039 9.930   1.00 15.90 ? 79  TRP A CB  1 
ATOM   538 C  CG  . TRP A 1 78  ? -2.274  -12.080 8.585   1.00 15.76 ? 79  TRP A CG  1 
ATOM   539 C  CD1 . TRP A 1 78  ? -1.164  -11.381 8.210   1.00 14.38 ? 79  TRP A CD1 1 
ATOM   540 C  CD2 . TRP A 1 78  ? -2.634  -12.889 7.456   1.00 14.11 ? 79  TRP A CD2 1 
ATOM   541 N  NE1 . TRP A 1 78  ? -0.800  -11.714 6.922   1.00 13.32 ? 79  TRP A NE1 1 
ATOM   542 C  CE2 . TRP A 1 78  ? -1.693  -12.632 6.439   1.00 14.21 ? 79  TRP A CE2 1 
ATOM   543 C  CE3 . TRP A 1 78  ? -3.647  -13.818 7.217   1.00 16.75 ? 79  TRP A CE3 1 
ATOM   544 C  CZ2 . TRP A 1 78  ? -1.749  -13.268 5.186   1.00 12.96 ? 79  TRP A CZ2 1 
ATOM   545 C  CZ3 . TRP A 1 78  ? -3.708  -14.434 5.979   1.00 15.96 ? 79  TRP A CZ3 1 
ATOM   546 C  CH2 . TRP A 1 78  ? -2.761  -14.167 4.986   1.00 13.04 ? 79  TRP A CH2 1 
ATOM   547 N  N   . LYS A 1 79  ? -4.919  -11.155 12.248  1.00 20.13 ? 80  LYS A N   1 
ATOM   548 C  CA  . LYS A 1 79  ? -5.595  -11.397 13.525  1.00 18.35 ? 80  LYS A CA  1 
ATOM   549 C  C   . LYS A 1 79  ? -7.118  -11.410 13.369  1.00 20.76 ? 80  LYS A C   1 
ATOM   550 O  O   . LYS A 1 79  ? -7.810  -12.255 13.939  1.00 20.86 ? 80  LYS A O   1 
ATOM   551 C  CB  . LYS A 1 79  ? -5.118  -10.395 14.593  1.00 20.85 ? 80  LYS A CB  1 
ATOM   552 C  CG  . LYS A 1 79  ? -3.601  -10.392 14.743  1.00 21.16 ? 80  LYS A CG  1 
ATOM   553 C  CD  . LYS A 1 79  ? -3.098  -9.368  15.768  1.00 22.22 ? 80  LYS A CD  1 
ATOM   554 C  CE  . LYS A 1 79  ? -3.473  -9.766  17.182  1.00 27.91 ? 80  LYS A CE  1 
ATOM   555 N  NZ  . LYS A 1 79  ? -2.652  -9.032  18.189  1.00 32.04 ? 80  LYS A NZ  1 
ATOM   556 N  N   . ALA A 1 80  ? -7.646  -10.503 12.555  1.00 20.83 ? 81  ALA A N   1 
ATOM   557 C  CA  . ALA A 1 80  ? -9.083  -10.494 12.304  1.00 22.16 ? 81  ALA A CA  1 
ATOM   558 C  C   . ALA A 1 80  ? -9.569  -11.780 11.629  1.00 18.96 ? 81  ALA A C   1 
ATOM   559 O  O   . ALA A 1 80  ? -10.755 -12.098 11.679  1.00 20.78 ? 81  ALA A O   1 
ATOM   560 C  CB  . ALA A 1 80  ? -9.477  -9.258  11.484  1.00 20.13 ? 81  ALA A CB  1 
ATOM   561 N  N   . LEU A 1 81  ? -8.649  -12.520 11.007  1.00 17.78 ? 82  LEU A N   1 
ATOM   562 C  CA  . LEU A 1 81  ? -8.968  -13.801 10.373  1.00 18.17 ? 82  LEU A CA  1 
ATOM   563 C  C   . LEU A 1 81  ? -8.506  -15.006 11.210  1.00 21.30 ? 82  LEU A C   1 
ATOM   564 O  O   . LEU A 1 81  ? -8.518  -16.128 10.720  1.00 19.19 ? 82  LEU A O   1 
ATOM   565 C  CB  . LEU A 1 81  ? -8.342  -13.894 8.974   1.00 18.96 ? 82  LEU A CB  1 
ATOM   566 C  CG  . LEU A 1 81  ? -8.831  -12.922 7.901   1.00 21.69 ? 82  LEU A CG  1 
ATOM   567 C  CD1 . LEU A 1 81  ? -7.912  -12.970 6.683   1.00 22.20 ? 82  LEU A CD1 1 
ATOM   568 C  CD2 . LEU A 1 81  ? -10.255 -13.277 7.503   1.00 21.79 ? 82  LEU A CD2 1 
ATOM   569 N  N   . GLY A 1 82  ? -8.093  -14.770 12.454  1.00 18.20 ? 83  GLY A N   1 
ATOM   570 C  CA  . GLY A 1 82  ? -7.721  -15.854 13.358  1.00 18.83 ? 83  GLY A CA  1 
ATOM   571 C  C   . GLY A 1 82  ? -6.267  -16.295 13.293  1.00 19.67 ? 83  GLY A C   1 
ATOM   572 O  O   . GLY A 1 82  ? -5.905  -17.360 13.823  1.00 19.28 ? 83  GLY A O   1 
ATOM   573 N  N   . ILE A 1 83  ? -5.435  -15.479 12.652  1.00 15.19 ? 84  ILE A N   1 
ATOM   574 C  CA  . ILE A 1 83  ? -4.025  -15.786 12.438  1.00 16.35 ? 84  ILE A CA  1 
ATOM   575 C  C   . ILE A 1 83  ? -3.105  -14.762 13.136  1.00 19.76 ? 84  ILE A C   1 
ATOM   576 O  O   . ILE A 1 83  ? -3.317  -13.556 13.037  1.00 19.09 ? 84  ILE A O   1 
ATOM   577 C  CB  . ILE A 1 83  ? -3.715  -15.838 10.919  1.00 17.90 ? 84  ILE A CB  1 
ATOM   578 C  CG1 . ILE A 1 83  ? -4.577  -16.931 10.251  1.00 20.14 ? 84  ILE A CG1 1 
ATOM   579 C  CG2 . ILE A 1 83  ? -2.221  -16.035 10.656  1.00 18.35 ? 84  ILE A CG2 1 
ATOM   580 C  CD1 . ILE A 1 83  ? -4.458  -17.000 8.715   1.00 18.60 ? 84  ILE A CD1 1 
ATOM   581 N  N   . SER A 1 84  ? -2.106  -15.256 13.865  1.00 19.02 ? 85  SER A N   1 
ATOM   582 C  CA  . SER A 1 84  ? -1.068  -14.412 14.459  1.00 16.44 ? 85  SER A CA  1 
ATOM   583 C  C   . SER A 1 84  ? 0.170   -14.523 13.568  1.00 19.44 ? 85  SER A C   1 
ATOM   584 O  O   . SER A 1 84  ? 0.880   -15.534 13.599  1.00 17.06 ? 85  SER A O   1 
ATOM   585 C  CB  . SER A 1 84  ? -0.765  -14.887 15.892  1.00 21.66 ? 85  SER A CB  1 
ATOM   586 O  OG  . SER A 1 84  ? 0.189   -14.059 16.539  1.00 18.85 ? 85  SER A OG  1 
ATOM   587 N  N   . PRO A 1 85  ? 0.433   -13.491 12.744  1.00 15.94 ? 86  PRO A N   1 
ATOM   588 C  CA  . PRO A 1 85  ? 1.444   -13.625 11.688  1.00 15.81 ? 86  PRO A CA  1 
ATOM   589 C  C   . PRO A 1 85  ? 2.842   -13.240 12.130  1.00 13.09 ? 86  PRO A C   1 
ATOM   590 O  O   . PRO A 1 85  ? 3.022   -12.748 13.242  1.00 17.73 ? 86  PRO A O   1 
ATOM   591 C  CB  . PRO A 1 85  ? 0.965   -12.609 10.649  1.00 15.73 ? 86  PRO A CB  1 
ATOM   592 C  CG  . PRO A 1 85  ? 0.420   -11.498 11.499  1.00 16.62 ? 86  PRO A CG  1 
ATOM   593 C  CD  . PRO A 1 85  ? -0.222  -12.166 12.702  1.00 19.94 ? 86  PRO A CD  1 
ATOM   594 N  N   . PHE A 1 86  ? 3.810   -13.413 11.239  1.00 15.45 ? 87  PHE A N   1 
ATOM   595 C  CA  . PHE A 1 86  ? 5.193   -13.111 11.562  1.00 17.31 ? 87  PHE A CA  1 
ATOM   596 C  C   . PHE A 1 86  ? 5.464   -11.610 11.521  1.00 19.47 ? 87  PHE A C   1 
ATOM   597 O  O   . PHE A 1 86  ? 6.070   -11.051 12.440  1.00 17.43 ? 87  PHE A O   1 
ATOM   598 C  CB  . PHE A 1 86  ? 6.129   -13.821 10.592  1.00 18.00 ? 87  PHE A CB  1 
ATOM   599 C  CG  . PHE A 1 86  ? 7.574   -13.600 10.892  1.00 18.09 ? 87  PHE A CG  1 
ATOM   600 C  CD1 . PHE A 1 86  ? 8.207   -14.332 11.887  1.00 18.75 ? 87  PHE A CD1 1 
ATOM   601 C  CD2 . PHE A 1 86  ? 8.302   -12.644 10.199  1.00 20.15 ? 87  PHE A CD2 1 
ATOM   602 C  CE1 . PHE A 1 86  ? 9.538   -14.112 12.183  1.00 19.20 ? 87  PHE A CE1 1 
ATOM   603 C  CE2 . PHE A 1 86  ? 9.631   -12.422 10.486  1.00 19.24 ? 87  PHE A CE2 1 
ATOM   604 C  CZ  . PHE A 1 86  ? 10.257  -13.166 11.478  1.00 21.39 ? 87  PHE A CZ  1 
ATOM   605 N  N   . HIS A 1 87  ? 5.043   -10.969 10.436  1.00 18.56 ? 88  HIS A N   1 
ATOM   606 C  CA  . HIS A 1 87  ? 5.382   -9.570  10.196  1.00 20.74 ? 88  HIS A CA  1 
ATOM   607 C  C   . HIS A 1 87  ? 4.479   -8.593  10.946  1.00 18.36 ? 88  HIS A C   1 
ATOM   608 O  O   . HIS A 1 87  ? 3.288   -8.852  11.178  1.00 17.70 ? 88  HIS A O   1 
ATOM   609 C  CB  . HIS A 1 87  ? 5.370   -9.253  8.688   1.00 21.04 ? 88  HIS A CB  1 
ATOM   610 C  CG  . HIS A 1 87  ? 6.400   -10.007 7.903   1.00 19.32 ? 88  HIS A CG  1 
ATOM   611 N  ND1 . HIS A 1 87  ? 6.154   -11.238 7.340   1.00 16.62 ? 88  HIS A ND1 1 
ATOM   612 C  CD2 . HIS A 1 87  ? 7.692   -9.709  7.612   1.00 20.14 ? 88  HIS A CD2 1 
ATOM   613 C  CE1 . HIS A 1 87  ? 7.240   -11.664 6.720   1.00 13.17 ? 88  HIS A CE1 1 
ATOM   614 N  NE2 . HIS A 1 87  ? 8.188   -10.761 6.872   1.00 24.83 ? 88  HIS A NE2 1 
ATOM   615 N  N   . GLU A 1 88  ? 5.060   -7.463  11.329  1.00 22.32 ? 89  GLU A N   1 
ATOM   616 C  CA  . GLU A 1 88  ? 4.293   -6.385  11.931  1.00 21.35 ? 89  GLU A CA  1 
ATOM   617 C  C   . GLU A 1 88  ? 3.437   -5.724  10.860  1.00 20.15 ? 89  GLU A C   1 
ATOM   618 O  O   . GLU A 1 88  ? 2.300   -5.335  11.113  1.00 25.64 ? 89  GLU A O   1 
ATOM   619 C  CB  . GLU A 1 88  ? 5.250   -5.352  12.528  1.00 24.44 ? 89  GLU A CB  1 
ATOM   620 C  CG  . GLU A 1 88  ? 5.833   -5.795  13.841  1.00 25.01 ? 89  GLU A CG  1 
ATOM   621 C  CD  . GLU A 1 88  ? 4.763   -5.973  14.879  1.00 24.03 ? 89  GLU A CD  1 
ATOM   622 O  OE1 . GLU A 1 88  ? 4.064   -4.982  15.175  1.00 28.44 ? 89  GLU A OE1 1 
ATOM   623 O  OE2 . GLU A 1 88  ? 4.605   -7.104  15.383  1.00 28.24 ? 89  GLU A OE2 1 
ATOM   624 N  N   . HIS A 1 89  ? 4.003   -5.599  9.667   1.00 23.50 ? 90  HIS A N   1 
ATOM   625 C  CA  . HIS A 1 89  ? 3.313   -4.986  8.549   1.00 23.24 ? 90  HIS A CA  1 
ATOM   626 C  C   . HIS A 1 89  ? 4.105   -5.228  7.278   1.00 22.93 ? 90  HIS A C   1 
ATOM   627 O  O   . HIS A 1 89  ? 5.176   -5.846  7.305   1.00 23.85 ? 90  HIS A O   1 
ATOM   628 C  CB  . HIS A 1 89  ? 3.126   -3.479  8.789   1.00 24.98 ? 90  HIS A CB  1 
ATOM   629 C  CG  . HIS A 1 89  ? 4.405   -2.734  9.014   1.00 25.61 ? 90  HIS A CG  1 
ATOM   630 N  ND1 . HIS A 1 89  ? 4.695   -2.104  10.206  1.00 26.59 ? 90  HIS A ND1 1 
ATOM   631 C  CD2 . HIS A 1 89  ? 5.466   -2.511  8.205   1.00 28.83 ? 90  HIS A CD2 1 
ATOM   632 C  CE1 . HIS A 1 89  ? 5.876   -1.525  10.120  1.00 27.34 ? 90  HIS A CE1 1 
ATOM   633 N  NE2 . HIS A 1 89  ? 6.371   -1.759  8.918   1.00 32.76 ? 90  HIS A NE2 1 
ATOM   634 N  N   . ALA A 1 90  ? 3.570   -4.763  6.158   1.00 21.47 ? 91  ALA A N   1 
ATOM   635 C  CA  . ALA A 1 90  ? 4.331   -4.737  4.919   1.00 21.62 ? 91  ALA A CA  1 
ATOM   636 C  C   . ALA A 1 90  ? 4.569   -3.280  4.534   1.00 23.62 ? 91  ALA A C   1 
ATOM   637 O  O   . ALA A 1 90  ? 3.659   -2.445  4.619   1.00 24.74 ? 91  ALA A O   1 
ATOM   638 C  CB  . ALA A 1 90  ? 3.612   -5.485  3.806   1.00 21.05 ? 91  ALA A CB  1 
ATOM   639 N  N   . GLU A 1 91  ? 5.800   -2.978  4.140   1.00 26.72 ? 92  GLU A N   1 
ATOM   640 C  CA  . GLU A 1 91  ? 6.174   -1.623  3.760   1.00 27.22 ? 92  GLU A CA  1 
ATOM   641 C  C   . GLU A 1 91  ? 6.716   -1.603  2.348   1.00 26.92 ? 92  GLU A C   1 
ATOM   642 O  O   . GLU A 1 91  ? 7.436   -2.508  1.922   1.00 28.68 ? 92  GLU A O   1 
ATOM   643 C  CB  . GLU A 1 91  ? 7.236   -1.058  4.708   1.00 31.05 ? 92  GLU A CB  1 
ATOM   644 C  CG  . GLU A 1 91  ? 6.692   -0.370  5.944   1.00 34.66 ? 92  GLU A CG  1 
ATOM   645 C  CD  . GLU A 1 91  ? 7.775   0.360   6.718   1.00 39.71 ? 92  GLU A CD  1 
ATOM   646 O  OE1 . GLU A 1 91  ? 7.722   0.374   7.969   1.00 40.00 ? 92  GLU A OE1 1 
ATOM   647 O  OE2 . GLU A 1 91  ? 8.683   0.922   6.067   1.00 39.69 ? 92  GLU A OE2 1 
ATOM   648 N  N   . VAL A 1 92  ? 6.366   -0.559  1.616   1.00 23.44 ? 93  VAL A N   1 
ATOM   649 C  CA  . VAL A 1 92  ? 6.903   -0.357  0.297   1.00 19.82 ? 93  VAL A CA  1 
ATOM   650 C  C   . VAL A 1 92  ? 7.361   1.098   0.228   1.00 21.74 ? 93  VAL A C   1 
ATOM   651 O  O   . VAL A 1 92  ? 6.578   1.994   0.515   1.00 17.65 ? 93  VAL A O   1 
ATOM   652 C  CB  . VAL A 1 92  ? 5.820   -0.604  -0.761  1.00 24.02 ? 93  VAL A CB  1 
ATOM   653 C  CG1 . VAL A 1 92  ? 6.403   -0.472  -2.146  1.00 21.87 ? 93  VAL A CG1 1 
ATOM   654 C  CG2 . VAL A 1 92  ? 5.180   -1.982  -0.562  1.00 24.96 ? 93  VAL A CG2 1 
ATOM   655 N  N   . VAL A 1 93  ? 8.621   1.333   -0.123  1.00 18.87 ? 94  VAL A N   1 
ATOM   656 C  CA  . VAL A 1 93  ? 9.164   2.693   -0.146  1.00 17.99 ? 94  VAL A CA  1 
ATOM   657 C  C   . VAL A 1 93  ? 9.751   2.988   -1.512  1.00 19.43 ? 94  VAL A C   1 
ATOM   658 O  O   . VAL A 1 93  ? 10.541  2.196   -2.024  1.00 18.71 ? 94  VAL A O   1 
ATOM   659 C  CB  . VAL A 1 93  ? 10.242  2.906   0.965   1.00 21.11 ? 94  VAL A CB  1 
ATOM   660 C  CG1 . VAL A 1 93  ? 10.751  4.337   0.949   1.00 19.52 ? 94  VAL A CG1 1 
ATOM   661 C  CG2 . VAL A 1 93  ? 9.670   2.584   2.337   1.00 20.82 ? 94  VAL A CG2 1 
ATOM   662 N  N   . PHE A 1 94  ? 9.360   4.117   -2.108  1.00 15.88 ? 95  PHE A N   1 
ATOM   663 C  CA  . PHE A 1 94  ? 9.775   4.465   -3.469  1.00 16.45 ? 95  PHE A CA  1 
ATOM   664 C  C   . PHE A 1 94  ? 9.730   5.968   -3.732  1.00 19.14 ? 95  PHE A C   1 
ATOM   665 O  O   . PHE A 1 94  ? 9.089   6.706   -2.990  1.00 17.57 ? 95  PHE A O   1 
ATOM   666 C  CB  . PHE A 1 94  ? 8.861   3.773   -4.487  1.00 19.64 ? 95  PHE A CB  1 
ATOM   667 C  CG  . PHE A 1 94  ? 7.441   4.294   -4.489  1.00 17.12 ? 95  PHE A CG  1 
ATOM   668 C  CD1 . PHE A 1 94  ? 6.514   3.825   -3.571  1.00 19.36 ? 95  PHE A CD1 1 
ATOM   669 C  CD2 . PHE A 1 94  ? 7.034   5.233   -5.428  1.00 18.81 ? 95  PHE A CD2 1 
ATOM   670 C  CE1 . PHE A 1 94  ? 5.201   4.306   -3.572  1.00 20.74 ? 95  PHE A CE1 1 
ATOM   671 C  CE2 . PHE A 1 94  ? 5.735   5.722   -5.437  1.00 18.20 ? 95  PHE A CE2 1 
ATOM   672 C  CZ  . PHE A 1 94  ? 4.814   5.256   -4.512  1.00 18.35 ? 95  PHE A CZ  1 
ATOM   673 N  N   . THR A 1 95  ? 10.391  6.398   -4.806  1.00 18.98 ? 96  THR A N   1 
ATOM   674 C  CA  . THR A 1 95  ? 10.429  7.799   -5.223  1.00 21.01 ? 96  THR A CA  1 
ATOM   675 C  C   . THR A 1 95  ? 9.486   8.035   -6.392  1.00 27.22 ? 96  THR A C   1 
ATOM   676 O  O   . THR A 1 95  ? 9.533   7.324   -7.405  1.00 25.15 ? 96  THR A O   1 
ATOM   677 C  CB  . THR A 1 95  ? 11.858  8.228   -5.628  1.00 24.38 ? 96  THR A CB  1 
ATOM   678 O  OG1 . THR A 1 95  ? 12.721  8.142   -4.488  1.00 24.67 ? 96  THR A OG1 1 
ATOM   679 C  CG2 . THR A 1 95  ? 11.881  9.660   -6.157  1.00 25.04 ? 96  THR A CG2 1 
ATOM   680 N  N   . ALA A 1 96  ? 8.616   9.029   -6.242  1.00 22.58 ? 97  ALA A N   1 
ATOM   681 C  CA  . ALA A 1 96  ? 7.761   9.460   -7.338  1.00 22.56 ? 97  ALA A CA  1 
ATOM   682 C  C   . ALA A 1 96  ? 8.481   10.557  -8.112  1.00 26.42 ? 97  ALA A C   1 
ATOM   683 O  O   . ALA A 1 96  ? 8.916   11.557  -7.525  1.00 26.06 ? 97  ALA A O   1 
ATOM   684 C  CB  . ALA A 1 96  ? 6.432   9.963   -6.804  1.00 23.19 ? 97  ALA A CB  1 
ATOM   685 N  N   . ASN A 1 97  ? 8.639   10.355  -9.421  1.00 26.03 ? 98  ASN A N   1 
ATOM   686 C  CA  . ASN A 1 97  ? 9.261   11.350  -10.295 1.00 27.81 ? 98  ASN A CA  1 
ATOM   687 C  C   . ASN A 1 97  ? 8.266   11.844  -11.337 1.00 26.25 ? 98  ASN A C   1 
ATOM   688 O  O   . ASN A 1 97  ? 7.535   11.048  -11.925 1.00 26.93 ? 98  ASN A O   1 
ATOM   689 C  CB  . ASN A 1 97  ? 10.483  10.761  -11.011 1.00 30.04 ? 98  ASN A CB  1 
ATOM   690 C  CG  . ASN A 1 97  ? 11.554  10.262  -10.050 1.00 33.07 ? 98  ASN A CG  1 
ATOM   691 O  OD1 . ASN A 1 97  ? 11.828  9.057   -9.982  1.00 35.64 ? 98  ASN A OD1 1 
ATOM   692 N  ND2 . ASN A 1 97  ? 12.187  11.187  -9.327  1.00 31.40 ? 98  ASN A ND2 1 
ATOM   693 N  N   . ASP A 1 98  ? 8.230   13.147  -11.584 1.00 24.06 ? 99  ASP A N   1 
ATOM   694 C  CA  . ASP A 1 98  ? 7.273   13.680  -12.556 1.00 25.67 ? 99  ASP A CA  1 
ATOM   695 C  C   . ASP A 1 98  ? 7.634   13.267  -13.992 1.00 27.95 ? 99  ASP A C   1 
ATOM   696 O  O   . ASP A 1 98  ? 6.769   13.193  -14.870 1.00 26.26 ? 99  ASP A O   1 
ATOM   697 C  CB  . ASP A 1 98  ? 7.135   15.200  -12.429 1.00 22.87 ? 99  ASP A CB  1 
ATOM   698 C  CG  . ASP A 1 98  ? 6.232   15.614  -11.268 1.00 25.37 ? 99  ASP A CG  1 
ATOM   699 O  OD1 . ASP A 1 98  ? 5.510   14.754  -10.712 1.00 22.79 ? 99  ASP A OD1 1 
ATOM   700 O  OD2 . ASP A 1 98  ? 6.228   16.814  -10.919 1.00 21.90 ? 99  ASP A OD2 1 
ATOM   701 N  N   . SER A 1 99  ? 8.913   12.984  -14.211 1.00 30.49 ? 100 SER A N   1 
ATOM   702 C  CA  . SER A 1 99  ? 9.361   12.421  -15.474 1.00 33.76 ? 100 SER A CA  1 
ATOM   703 C  C   . SER A 1 99  ? 8.940   10.959  -15.511 1.00 36.13 ? 100 SER A C   1 
ATOM   704 O  O   . SER A 1 99  ? 8.815   10.362  -16.577 1.00 41.11 ? 100 SER A O   1 
ATOM   705 C  CB  . SER A 1 99  ? 10.878  12.540  -15.616 1.00 30.01 ? 100 SER A CB  1 
ATOM   706 O  OG  . SER A 1 99  ? 11.552  11.803  -14.610 1.00 35.43 ? 100 SER A OG  1 
ATOM   707 N  N   . GLY A 1 100 ? 8.700   10.389  -14.336 1.00 34.51 ? 101 GLY A N   1 
ATOM   708 C  CA  . GLY A 1 100 ? 8.244   9.018   -14.250 1.00 31.61 ? 101 GLY A CA  1 
ATOM   709 C  C   . GLY A 1 100 ? 6.840   8.808   -14.784 1.00 33.38 ? 101 GLY A C   1 
ATOM   710 O  O   . GLY A 1 100 ? 6.267   9.677   -15.449 1.00 33.76 ? 101 GLY A O   1 
ATOM   711 N  N   . PRO A 1 101 ? 6.276   7.630   -14.507 1.00 32.75 ? 102 PRO A N   1 
ATOM   712 C  CA  . PRO A 1 101 ? 4.923   7.223   -14.907 1.00 29.61 ? 102 PRO A CA  1 
ATOM   713 C  C   . PRO A 1 101 ? 3.816   7.997   -14.191 1.00 28.99 ? 102 PRO A C   1 
ATOM   714 O  O   . PRO A 1 101 ? 3.966   8.398   -13.035 1.00 29.05 ? 102 PRO A O   1 
ATOM   715 C  CB  . PRO A 1 101 ? 4.873   5.748   -14.499 1.00 32.60 ? 102 PRO A CB  1 
ATOM   716 C  CG  . PRO A 1 101 ? 5.958   5.613   -13.463 1.00 31.43 ? 102 PRO A CG  1 
ATOM   717 C  CD  . PRO A 1 101 ? 7.031   6.521   -13.902 1.00 29.60 ? 102 PRO A CD  1 
ATOM   718 N  N   . ARG A 1 102 ? 2.707   8.199   -14.890 1.00 28.99 ? 103 ARG A N   1 
ATOM   719 C  CA  . ARG A 1 102 ? 1.581   8.947   -14.344 1.00 29.61 ? 103 ARG A CA  1 
ATOM   720 C  C   . ARG A 1 102 ? 0.880   8.182   -13.226 1.00 26.72 ? 103 ARG A C   1 
ATOM   721 O  O   . ARG A 1 102 ? 0.408   8.779   -12.261 1.00 23.98 ? 103 ARG A O   1 
ATOM   722 C  CB  . ARG A 1 102 ? 0.589   9.280   -15.462 1.00 34.99 ? 103 ARG A CB  1 
ATOM   723 C  CG  . ARG A 1 102 ? -0.636  10.075  -15.030 1.00 38.95 ? 103 ARG A CG  1 
ATOM   724 C  CD  . ARG A 1 102 ? -1.405  10.574  -16.250 1.00 42.29 ? 103 ARG A CD  1 
ATOM   725 N  NE  . ARG A 1 102 ? -2.515  11.452  -15.885 1.00 50.00 ? 103 ARG A NE  1 
ATOM   726 C  CZ  . ARG A 1 102 ? -3.793  11.210  -16.166 1.00 50.37 ? 103 ARG A CZ  1 
ATOM   727 N  NH1 . ARG A 1 102 ? -4.726  12.071  -15.789 1.00 50.86 ? 103 ARG A NH1 1 
ATOM   728 N  NH2 . ARG A 1 102 ? -4.139  10.111  -16.827 1.00 50.95 ? 103 ARG A NH2 1 
ATOM   729 N  N   . ARG A 1 103 ? 0.811   6.860   -13.350 1.00 22.93 ? 104 ARG A N   1 
ATOM   730 C  CA  . ARG A 1 103 ? 0.089   6.080   -12.358 1.00 19.82 ? 104 ARG A CA  1 
ATOM   731 C  C   . ARG A 1 103 ? 0.932   4.970   -11.745 1.00 21.63 ? 104 ARG A C   1 
ATOM   732 O  O   . ARG A 1 103 ? 1.632   4.253   -12.458 1.00 20.16 ? 104 ARG A O   1 
ATOM   733 C  CB  . ARG A 1 103 ? -1.177  5.474   -12.952 1.00 22.34 ? 104 ARG A CB  1 
ATOM   734 C  CG  . ARG A 1 103 ? -2.087  4.934   -11.871 1.00 26.92 ? 104 ARG A CG  1 
ATOM   735 C  CD  . ARG A 1 103 ? -3.308  4.229   -12.416 1.00 27.87 ? 104 ARG A CD  1 
ATOM   736 N  NE  . ARG A 1 103 ? -4.182  3.822   -11.320 1.00 32.57 ? 104 ARG A NE  1 
ATOM   737 C  CZ  . ARG A 1 103 ? -5.320  3.161   -11.481 1.00 32.94 ? 104 ARG A CZ  1 
ATOM   738 N  NH1 . ARG A 1 103 ? -5.724  2.832   -12.699 1.00 39.78 ? 104 ARG A NH1 1 
ATOM   739 N  NH2 . ARG A 1 103 ? -6.050  2.828   -10.425 1.00 32.54 ? 104 ARG A NH2 1 
ATOM   740 N  N   . TYR A 1 104 ? 0.846   4.839   -10.424 1.00 17.27 ? 105 TYR A N   1 
ATOM   741 C  CA  . TYR A 1 104 ? 1.571   3.803   -9.702  1.00 16.71 ? 105 TYR A CA  1 
ATOM   742 C  C   . TYR A 1 104 ? 0.562   2.881   -9.039  1.00 15.19 ? 105 TYR A C   1 
ATOM   743 O  O   . TYR A 1 104 ? -0.313  3.342   -8.313  1.00 16.91 ? 105 TYR A O   1 
ATOM   744 C  CB  . TYR A 1 104 ? 2.457   4.418   -8.611  1.00 15.96 ? 105 TYR A CB  1 
ATOM   745 C  CG  . TYR A 1 104 ? 3.478   5.412   -9.101  1.00 19.39 ? 105 TYR A CG  1 
ATOM   746 C  CD1 . TYR A 1 104 ? 3.129   6.742   -9.334  1.00 20.82 ? 105 TYR A CD1 1 
ATOM   747 C  CD2 . TYR A 1 104 ? 4.793   5.040   -9.307  1.00 21.90 ? 105 TYR A CD2 1 
ATOM   748 C  CE1 . TYR A 1 104 ? 4.067   7.662   -9.773  1.00 21.01 ? 105 TYR A CE1 1 
ATOM   749 C  CE2 . TYR A 1 104 ? 5.737   5.955   -9.744  1.00 22.61 ? 105 TYR A CE2 1 
ATOM   750 C  CZ  . TYR A 1 104 ? 5.364   7.259   -9.978  1.00 25.39 ? 105 TYR A CZ  1 
ATOM   751 O  OH  . TYR A 1 104 ? 6.303   8.159   -10.412 1.00 27.07 ? 105 TYR A OH  1 
ATOM   752 N  N   . THR A 1 105 ? 0.685   1.579   -9.274  1.00 16.75 ? 106 THR A N   1 
ATOM   753 C  CA  . THR A 1 105 ? -0.094  0.593   -8.543  1.00 13.54 ? 106 THR A CA  1 
ATOM   754 C  C   . THR A 1 105 ? 0.857   -0.255  -7.703  1.00 11.94 ? 106 THR A C   1 
ATOM   755 O  O   . THR A 1 105 ? 1.777   -0.858  -8.239  1.00 13.74 ? 106 THR A O   1 
ATOM   756 C  CB  . THR A 1 105 ? -0.875  -0.299  -9.503  1.00 17.47 ? 106 THR A CB  1 
ATOM   757 O  OG1 . THR A 1 105 ? -1.775  0.520   -10.264 1.00 19.16 ? 106 THR A OG1 1 
ATOM   758 C  CG2 . THR A 1 105 ? -1.662  -1.373  -8.729  1.00 16.78 ? 106 THR A CG2 1 
ATOM   759 N  N   . ILE A 1 106 ? 0.663   -0.245  -6.383  1.00 11.31 ? 107 ILE A N   1 
ATOM   760 C  CA  . ILE A 1 106 ? 1.403   -1.119  -5.489  1.00 11.07 ? 107 ILE A CA  1 
ATOM   761 C  C   . ILE A 1 106 ? 0.564   -2.362  -5.237  1.00 12.27 ? 107 ILE A C   1 
ATOM   762 O  O   . ILE A 1 106 ? -0.513  -2.269  -4.646  1.00 11.56 ? 107 ILE A O   1 
ATOM   763 C  CB  . ILE A 1 106 ? 1.683   -0.437  -4.136  1.00 14.32 ? 107 ILE A CB  1 
ATOM   764 C  CG1 . ILE A 1 106 ? 2.429   0.883   -4.359  1.00 11.74 ? 107 ILE A CG1 1 
ATOM   765 C  CG2 . ILE A 1 106 ? 2.498   -1.350  -3.237  1.00 13.49 ? 107 ILE A CG2 1 
ATOM   766 C  CD1 . ILE A 1 106 ? 3.553   0.772   -5.362  1.00 15.18 ? 107 ILE A CD1 1 
ATOM   767 N  N   . ALA A 1 107 ? 1.047   -3.517  -5.693  1.00 15.84 ? 108 ALA A N   1 
ATOM   768 C  CA  . ALA A 1 107 ? 0.350   -4.784  -5.465  1.00 13.92 ? 108 ALA A CA  1 
ATOM   769 C  C   . ALA A 1 107 ? 1.108   -5.597  -4.423  1.00 13.94 ? 108 ALA A C   1 
ATOM   770 O  O   . ALA A 1 107 ? 2.329   -5.712  -4.503  1.00 13.59 ? 108 ALA A O   1 
ATOM   771 C  CB  . ALA A 1 107 ? 0.240   -5.568  -6.763  1.00 13.10 ? 108 ALA A CB  1 
ATOM   772 N  N   . ALA A 1 108 ? 0.384   -6.165  -3.457  1.00 12.51 ? 109 ALA A N   1 
ATOM   773 C  CA  . ALA A 1 108 ? 1.013   -6.932  -2.382  1.00 12.83 ? 109 ALA A CA  1 
ATOM   774 C  C   . ALA A 1 108 ? 0.342   -8.296  -2.286  1.00 15.55 ? 109 ALA A C   1 
ATOM   775 O  O   . ALA A 1 108 ? -0.849  -8.433  -2.555  1.00 13.40 ? 109 ALA A O   1 
ATOM   776 C  CB  . ALA A 1 108 ? 0.886   -6.198  -1.079  1.00 13.86 ? 109 ALA A CB  1 
ATOM   777 N  N   . LEU A 1 109 ? 1.118   -9.309  -1.920  1.00 13.49 ? 110 LEU A N   1 
ATOM   778 C  CA  . LEU A 1 109 ? 0.581   -10.646 -1.772  1.00 12.84 ? 110 LEU A CA  1 
ATOM   779 C  C   . LEU A 1 109 ? 1.064   -11.081 -0.417  1.00 10.82 ? 110 LEU A C   1 
ATOM   780 O  O   . LEU A 1 109 ? 2.268   -11.014 -0.135  1.00 12.30 ? 110 LEU A O   1 
ATOM   781 C  CB  . LEU A 1 109 ? 1.117   -11.575 -2.854  1.00 14.23 ? 110 LEU A CB  1 
ATOM   782 C  CG  . LEU A 1 109 ? 0.750   -13.064 -2.721  1.00 13.15 ? 110 LEU A CG  1 
ATOM   783 C  CD1 . LEU A 1 109 ? -0.747  -13.282 -2.905  1.00 12.83 ? 110 LEU A CD1 1 
ATOM   784 C  CD2 . LEU A 1 109 ? 1.543   -13.895 -3.717  1.00 16.73 ? 110 LEU A CD2 1 
ATOM   785 N  N   . LEU A 1 110 ? 0.120   -11.465 0.433   1.00 10.35 ? 111 LEU A N   1 
ATOM   786 C  CA  . LEU A 1 110 ? 0.409   -11.690 1.840   1.00 13.22 ? 111 LEU A CA  1 
ATOM   787 C  C   . LEU A 1 110 ? 0.324   -13.156 2.207   1.00 15.50 ? 111 LEU A C   1 
ATOM   788 O  O   . LEU A 1 110 ? -0.602  -13.841 1.770   1.00 13.82 ? 111 LEU A O   1 
ATOM   789 C  CB  . LEU A 1 110 ? -0.597  -10.939 2.699   1.00 10.83 ? 111 LEU A CB  1 
ATOM   790 C  CG  . LEU A 1 110 ? -0.757  -9.442  2.410   1.00 12.97 ? 111 LEU A CG  1 
ATOM   791 C  CD1 . LEU A 1 110 ? -1.691  -8.846  3.420   1.00 14.85 ? 111 LEU A CD1 1 
ATOM   792 C  CD2 . LEU A 1 110 ? 0.590   -8.747  2.449   1.00 11.43 ? 111 LEU A CD2 1 
ATOM   793 N  N   . SER A 1 111 ? 1.292   -13.621 3.004   1.00 11.44 ? 112 SER A N   1 
ATOM   794 C  CA  . SER A 1 111 ? 1.202   -14.921 3.674   1.00 15.03 ? 112 SER A CA  1 
ATOM   795 C  C   . SER A 1 111 ? 1.494   -14.706 5.163   1.00 14.33 ? 112 SER A C   1 
ATOM   796 O  O   . SER A 1 111 ? 1.813   -13.587 5.584   1.00 13.96 ? 112 SER A O   1 
ATOM   797 C  CB  . SER A 1 111 ? 2.210   -15.926 3.103   1.00 15.36 ? 112 SER A CB  1 
ATOM   798 O  OG  . SER A 1 111 ? 1.852   -16.359 1.805   1.00 26.66 ? 112 SER A OG  1 
ATOM   799 N  N   . ALA A 1 112 ? 1.399   -15.758 5.970   1.00 16.58 ? 113 ALA A N   1 
ATOM   800 C  CA  . ALA A 1 112 ? 1.620   -15.580 7.401   1.00 15.18 ? 113 ALA A CA  1 
ATOM   801 C  C   . ALA A 1 112 ? 3.076   -15.209 7.703   1.00 12.98 ? 113 ALA A C   1 
ATOM   802 O  O   . ALA A 1 112 ? 3.339   -14.445 8.629   1.00 15.37 ? 113 ALA A O   1 
ATOM   803 C  CB  . ALA A 1 112 ? 1.221   -16.833 8.183   1.00 17.81 ? 113 ALA A CB  1 
ATOM   804 N  N   . TYR A 1 113 ? 4.005   -15.765 6.932   1.00 14.00 ? 114 TYR A N   1 
ATOM   805 C  CA  . TYR A 1 113 ? 5.447   -15.551 7.165   1.00 15.08 ? 114 TYR A CA  1 
ATOM   806 C  C   . TYR A 1 113 ? 6.144   -14.934 5.957   1.00 15.20 ? 114 TYR A C   1 
ATOM   807 O  O   . TYR A 1 113 ? 7.374   -14.898 5.876   1.00 13.94 ? 114 TYR A O   1 
ATOM   808 C  CB  . TYR A 1 113 ? 6.129   -16.884 7.492   1.00 13.24 ? 114 TYR A CB  1 
ATOM   809 C  CG  . TYR A 1 113 ? 5.821   -17.396 8.876   1.00 14.72 ? 114 TYR A CG  1 
ATOM   810 C  CD1 . TYR A 1 113 ? 4.654   -18.095 9.132   1.00 15.20 ? 114 TYR A CD1 1 
ATOM   811 C  CD2 . TYR A 1 113 ? 6.708   -17.179 9.927   1.00 14.88 ? 114 TYR A CD2 1 
ATOM   812 C  CE1 . TYR A 1 113 ? 4.374   -18.576 10.407  1.00 16.22 ? 114 TYR A CE1 1 
ATOM   813 C  CE2 . TYR A 1 113 ? 6.434   -17.639 11.199  1.00 16.92 ? 114 TYR A CE2 1 
ATOM   814 C  CZ  . TYR A 1 113 ? 5.266   -18.337 11.431  1.00 19.17 ? 114 TYR A CZ  1 
ATOM   815 O  OH  . TYR A 1 113 ? 4.992   -18.807 12.697  1.00 25.02 ? 114 TYR A OH  1 
ATOM   816 N  N   . SER A 1 114 ? 5.365   -14.437 5.009   1.00 15.18 ? 115 SER A N   1 
ATOM   817 C  CA  . SER A 1 114 ? 5.972   -13.907 3.806   1.00 11.50 ? 115 SER A CA  1 
ATOM   818 C  C   . SER A 1 114 ? 5.106   -12.813 3.209   1.00 12.89 ? 115 SER A C   1 
ATOM   819 O  O   . SER A 1 114 ? 3.910   -12.728 3.489   1.00 11.42 ? 115 SER A O   1 
ATOM   820 C  CB  . SER A 1 114 ? 6.181   -15.044 2.802   1.00 17.33 ? 115 SER A CB  1 
ATOM   821 O  OG  . SER A 1 114 ? 6.926   -14.610 1.689   1.00 17.45 ? 115 SER A OG  1 
ATOM   822 N  N   . TYR A 1 115 ? 5.726   -11.946 2.416   1.00 16.57 ? 116 TYR A N   1 
ATOM   823 C  CA  . TYR A 1 115 ? 4.948   -11.069 1.537   1.00 13.93 ? 116 TYR A CA  1 
ATOM   824 C  C   . TYR A 1 115 ? 5.784   -10.665 0.344   1.00 12.34 ? 116 TYR A C   1 
ATOM   825 O  O   . TYR A 1 115 ? 7.004   -10.682 0.391   1.00 13.14 ? 116 TYR A O   1 
ATOM   826 C  CB  . TYR A 1 115 ? 4.384   -9.854  2.277   1.00 14.78 ? 116 TYR A CB  1 
ATOM   827 C  CG  . TYR A 1 115 ? 5.388   -8.781  2.612   1.00 14.96 ? 116 TYR A CG  1 
ATOM   828 C  CD1 . TYR A 1 115 ? 5.633   -7.738  1.730   1.00 16.01 ? 116 TYR A CD1 1 
ATOM   829 C  CD2 . TYR A 1 115 ? 6.087   -8.805  3.821   1.00 16.03 ? 116 TYR A CD2 1 
ATOM   830 C  CE1 . TYR A 1 115 ? 6.551   -6.740  2.031   1.00 21.49 ? 116 TYR A CE1 1 
ATOM   831 C  CE2 . TYR A 1 115 ? 7.017   -7.799  4.135   1.00 19.43 ? 116 TYR A CE2 1 
ATOM   832 C  CZ  . TYR A 1 115 ? 7.238   -6.775  3.231   1.00 23.57 ? 116 TYR A CZ  1 
ATOM   833 O  OH  . TYR A 1 115 ? 8.150   -5.770  3.510   1.00 28.53 ? 116 TYR A OH  1 
ATOM   834 N  N   . SER A 1 116 ? 5.115   -10.334 -0.749  1.00 11.46 ? 117 SER A N   1 
ATOM   835 C  CA  . SER A 1 116 ? 5.812   -9.859  -1.910  1.00 9.76  ? 117 SER A CA  1 
ATOM   836 C  C   . SER A 1 116 ? 5.088   -8.613  -2.314  1.00 12.90 ? 117 SER A C   1 
ATOM   837 O  O   . SER A 1 116 ? 3.893   -8.455  -2.053  1.00 10.82 ? 117 SER A O   1 
ATOM   838 C  CB  . SER A 1 116 ? 5.738   -10.862 -3.063  1.00 16.44 ? 117 SER A CB  1 
ATOM   839 O  OG  . SER A 1 116 ? 4.414   -10.953 -3.537  1.00 23.53 ? 117 SER A OG  1 
ATOM   840 N  N   . THR A 1 117 ? 5.800   -7.721  -2.959  1.00 11.44 ? 118 THR A N   1 
ATOM   841 C  CA  . THR A 1 117 ? 5.114   -6.568  -3.466  1.00 14.38 ? 118 THR A CA  1 
ATOM   842 C  C   . THR A 1 117 ? 5.688   -6.244  -4.819  1.00 14.29 ? 118 THR A C   1 
ATOM   843 O  O   . THR A 1 117 ? 6.824   -6.601  -5.115  1.00 16.95 ? 118 THR A O   1 
ATOM   844 C  CB  . THR A 1 117 ? 5.206   -5.392  -2.496  1.00 14.36 ? 118 THR A CB  1 
ATOM   845 O  OG1 . THR A 1 117 ? 4.444   -4.296  -3.017  1.00 15.79 ? 118 THR A OG1 1 
ATOM   846 C  CG2 . THR A 1 117 ? 6.666   -4.966  -2.267  1.00 14.88 ? 118 THR A CG2 1 
ATOM   847 N  N   . THR A 1 118 ? 4.890   -5.617  -5.665  1.00 14.06 ? 119 THR A N   1 
ATOM   848 C  CA  . THR A 1 118 ? 5.405   -5.230  -6.962  1.00 14.30 ? 119 THR A CA  1 
ATOM   849 C  C   . THR A 1 118 ? 4.774   -3.903  -7.298  1.00 14.67 ? 119 THR A C   1 
ATOM   850 O  O   . THR A 1 118 ? 3.711   -3.572  -6.785  1.00 12.42 ? 119 THR A O   1 
ATOM   851 C  CB  . THR A 1 118 ? 5.106   -6.289  -8.048  1.00 15.34 ? 119 THR A CB  1 
ATOM   852 O  OG1 . THR A 1 118 ? 5.775   -5.927  -9.263  1.00 13.89 ? 119 THR A OG1 1 
ATOM   853 C  CG2 . THR A 1 118 ? 3.598   -6.422  -8.304  1.00 15.50 ? 119 THR A CG2 1 
ATOM   854 N  N   . ALA A 1 119 ? 5.469   -3.123  -8.105  1.00 12.42 ? 120 ALA A N   1 
ATOM   855 C  CA  . ALA A 1 119 ? 4.951   -1.831  -8.516  1.00 12.74 ? 120 ALA A CA  1 
ATOM   856 C  C   . ALA A 1 119 ? 4.623   -1.954  -9.983  1.00 15.23 ? 120 ALA A C   1 
ATOM   857 O  O   . ALA A 1 119 ? 5.406   -2.496  -10.760 1.00 13.40 ? 120 ALA A O   1 
ATOM   858 C  CB  . ALA A 1 119 ? 5.973   -0.783  -8.296  1.00 15.78 ? 120 ALA A CB  1 
ATOM   859 N  N   . VAL A 1 120 ? 3.435   -1.506  -10.344 1.00 13.54 ? 121 VAL A N   1 
ATOM   860 C  CA  . VAL A 1 120 ? 3.008   -1.531  -11.724 1.00 15.74 ? 121 VAL A CA  1 
ATOM   861 C  C   . VAL A 1 120 ? 2.853   -0.067  -12.111 1.00 19.09 ? 121 VAL A C   1 
ATOM   862 O  O   . VAL A 1 120 ? 1.979   0.624   -11.594 1.00 19.59 ? 121 VAL A O   1 
ATOM   863 C  CB  . VAL A 1 120 ? 1.696   -2.321  -11.859 1.00 16.14 ? 121 VAL A CB  1 
ATOM   864 C  CG1 . VAL A 1 120 ? 1.295   -2.457  -13.311 1.00 15.95 ? 121 VAL A CG1 1 
ATOM   865 C  CG2 . VAL A 1 120 ? 1.850   -3.704  -11.215 1.00 18.43 ? 121 VAL A CG2 1 
ATOM   866 N  N   . VAL A 1 121 ? 3.740   0.416   -12.977 1.00 19.09 ? 122 VAL A N   1 
ATOM   867 C  CA  . VAL A 1 121 ? 3.766   1.838   -13.332 1.00 21.50 ? 122 VAL A CA  1 
ATOM   868 C  C   . VAL A 1 121 ? 3.298   2.065   -14.776 1.00 23.86 ? 122 VAL A C   1 
ATOM   869 O  O   . VAL A 1 121 ? 3.884   1.525   -15.715 1.00 26.04 ? 122 VAL A O   1 
ATOM   870 C  CB  . VAL A 1 121 ? 5.168   2.420   -13.093 1.00 22.44 ? 122 VAL A CB  1 
ATOM   871 C  CG1 . VAL A 1 121 ? 5.486   2.434   -11.597 1.00 18.32 ? 122 VAL A CG1 1 
ATOM   872 C  CG2 . VAL A 1 121 ? 6.234   1.617   -13.841 1.00 27.68 ? 122 VAL A CG2 1 
ATOM   873 N  N   . THR A 1 122 ? 2.224   2.839   -14.954 1.00 22.89 ? 123 THR A N   1 
ATOM   874 C  CA  . THR A 1 122 ? 1.571   2.947   -16.268 1.00 24.28 ? 123 THR A CA  1 
ATOM   875 C  C   . THR A 1 122 ? 1.176   4.376   -16.620 1.00 29.36 ? 123 THR A C   1 
ATOM   876 O  O   . THR A 1 122 ? 1.380   5.290   -15.827 1.00 23.88 ? 123 THR A O   1 
ATOM   877 C  CB  . THR A 1 122 ? 0.306   2.072   -16.333 1.00 25.14 ? 123 THR A CB  1 
ATOM   878 O  OG1 . THR A 1 122 ? -0.538  2.364   -15.209 1.00 23.60 ? 123 THR A OG1 1 
ATOM   879 C  CG2 . THR A 1 122 ? 0.672   0.606   -16.309 1.00 25.94 ? 123 THR A CG2 1 
ATOM   880 N  N   . ASN A 1 123 ? 0.610   4.550   -17.814 1.00 30.28 ? 124 ASN A N   1 
ATOM   881 C  CA  . ASN A 1 123 ? 0.156   5.858   -18.289 1.00 33.44 ? 124 ASN A CA  1 
ATOM   882 C  C   . ASN A 1 123 ? -1.236  5.783   -18.912 1.00 35.39 ? 124 ASN A C   1 
ATOM   883 O  O   . ASN A 1 123 ? -1.964  4.814   -18.703 1.00 36.18 ? 124 ASN A O   1 
ATOM   884 C  CB  . ASN A 1 123 ? 1.145   6.446   -19.305 1.00 34.12 ? 124 ASN A CB  1 
ATOM   885 C  CG  . ASN A 1 123 ? 2.396   7.004   -18.650 1.00 39.36 ? 124 ASN A CG  1 
ATOM   886 O  OD1 . ASN A 1 123 ? 2.338   7.597   -17.572 1.00 38.16 ? 124 ASN A OD1 1 
ATOM   887 N  ND2 . ASN A 1 123 ? 3.538   6.815   -19.302 1.00 39.89 ? 124 ASN A ND2 1 
HETATM 888 S  S   . SO4 B 2 .   ? -8.970  5.162   -8.872  1.00 39.36 ? 201 SO4 A S   1 
HETATM 889 O  O1  . SO4 B 2 .   ? -8.186  3.934   -8.724  1.00 34.98 ? 201 SO4 A O1  1 
HETATM 890 O  O2  . SO4 B 2 .   ? -10.261 4.828   -9.464  1.00 38.03 ? 201 SO4 A O2  1 
HETATM 891 O  O3  . SO4 B 2 .   ? -9.178  5.805   -7.575  1.00 33.82 ? 201 SO4 A O3  1 
HETATM 892 O  O4  . SO4 B 2 .   ? -8.231  6.074   -9.743  1.00 36.15 ? 201 SO4 A O4  1 
HETATM 893 CL CL  . CL  C 3 .   ? 0.714   -8.998  19.230  1.00 43.81 ? 202 CL  A CL  1 
HETATM 894 O  O   . HOH D 4 .   ? -2.782  -3.416  11.261  1.00 29.46 ? 301 HOH A O   1 
HETATM 895 O  O   . HOH D 4 .   ? -6.571  10.707  -9.605  1.00 30.04 ? 302 HOH A O   1 
HETATM 896 O  O   . HOH D 4 .   ? 5.103   15.540  2.774   1.00 33.78 ? 303 HOH A O   1 
HETATM 897 O  O   . HOH D 4 .   ? 1.644   -9.423  9.156   1.00 17.62 ? 304 HOH A O   1 
HETATM 898 O  O   . HOH D 4 .   ? 12.445  9.576   -13.803 1.00 35.97 ? 305 HOH A O   1 
HETATM 899 O  O   . HOH D 4 .   ? 5.564   -2.650  -4.596  1.00 16.28 ? 306 HOH A O   1 
HETATM 900 O  O   . HOH D 4 .   ? 5.164   -5.368  -11.675 1.00 15.16 ? 307 HOH A O   1 
HETATM 901 O  O   . HOH D 4 .   ? 5.610   -9.231  14.361  1.00 26.84 ? 308 HOH A O   1 
HETATM 902 O  O   . HOH D 4 .   ? -10.469 8.020   -7.361  1.00 31.36 ? 309 HOH A O   1 
HETATM 903 O  O   . HOH D 4 .   ? 3.669   -11.766 7.808   1.00 18.82 ? 310 HOH A O   1 
HETATM 904 O  O   . HOH D 4 .   ? 9.753   13.460  -0.284  1.00 18.38 ? 311 HOH A O   1 
HETATM 905 O  O   . HOH D 4 .   ? -7.038  -7.391  13.971  1.00 27.02 ? 312 HOH A O   1 
HETATM 906 O  O   . HOH D 4 .   ? -10.018 -10.996 3.344   1.00 16.05 ? 313 HOH A O   1 
HETATM 907 O  O   . HOH D 4 .   ? 4.618   18.416  -12.282 1.00 20.37 ? 314 HOH A O   1 
HETATM 908 O  O   . HOH D 4 .   ? -8.467  -17.863 8.707   1.00 30.75 ? 315 HOH A O   1 
HETATM 909 O  O   . HOH D 4 .   ? -0.223  17.066  -1.132  1.00 24.97 ? 316 HOH A O   1 
HETATM 910 O  O   . HOH D 4 .   ? -7.124  -19.473 12.744  1.00 26.48 ? 317 HOH A O   1 
HETATM 911 O  O   . HOH D 4 .   ? -9.697  -8.586  -6.891  1.00 26.76 ? 318 HOH A O   1 
HETATM 912 O  O   . HOH D 4 .   ? 0.451   14.477  -9.890  1.00 28.59 ? 319 HOH A O   1 
HETATM 913 O  O   . HOH D 4 .   ? -10.246 -19.867 1.327   1.00 29.69 ? 320 HOH A O   1 
HETATM 914 O  O   . HOH D 4 .   ? -3.940  12.988  -0.815  1.00 24.95 ? 321 HOH A O   1 
HETATM 915 O  O   . HOH D 4 .   ? -12.771 -1.582  -5.368  1.00 28.71 ? 322 HOH A O   1 
HETATM 916 O  O   . HOH D 4 .   ? -6.294  4.715   -4.911  1.00 20.62 ? 323 HOH A O   1 
HETATM 917 O  O   . HOH D 4 .   ? -9.015  -9.446  8.085   1.00 19.97 ? 324 HOH A O   1 
HETATM 918 O  O   . HOH D 4 .   ? -8.962  7.220   1.384   1.00 30.72 ? 325 HOH A O   1 
HETATM 919 O  O   . HOH D 4 .   ? 4.436   0.528   -18.181 1.00 32.14 ? 326 HOH A O   1 
HETATM 920 O  O   . HOH D 4 .   ? 4.576   11.679  -14.269 1.00 28.32 ? 327 HOH A O   1 
HETATM 921 O  O   . HOH D 4 .   ? -0.444  1.407   -12.587 1.00 21.76 ? 328 HOH A O   1 
HETATM 922 O  O   . HOH D 4 .   ? 6.865   -12.206 14.788  1.00 22.24 ? 329 HOH A O   1 
HETATM 923 O  O   . HOH D 4 .   ? -0.209  -4.246  10.874  1.00 24.68 ? 330 HOH A O   1 
HETATM 924 O  O   . HOH D 4 .   ? 3.456   -8.625  6.038   1.00 19.74 ? 331 HOH A O   1 
HETATM 925 O  O   . HOH D 4 .   ? 4.881   -2.372  14.640  1.00 33.87 ? 332 HOH A O   1 
HETATM 926 O  O   . HOH D 4 .   ? -5.738  -4.022  8.345   1.00 20.76 ? 333 HOH A O   1 
HETATM 927 O  O   . HOH D 4 .   ? 8.893   18.915  -1.719  1.00 20.63 ? 334 HOH A O   1 
HETATM 928 O  O   . HOH D 4 .   ? 1.854   -10.791 5.482   1.00 14.63 ? 335 HOH A O   1 
HETATM 929 O  O   . HOH D 4 .   ? -11.381 1.128   -3.084  1.00 21.28 ? 336 HOH A O   1 
HETATM 930 O  O   . HOH D 4 .   ? -7.951  9.333   0.588   1.00 28.22 ? 337 HOH A O   1 
HETATM 931 O  O   . HOH D 4 .   ? -8.995  10.363  -6.191  1.00 30.74 ? 338 HOH A O   1 
HETATM 932 O  O   . HOH D 4 .   ? -11.874 0.932   -0.580  1.00 21.50 ? 339 HOH A O   1 
HETATM 933 O  O   . HOH D 4 .   ? -10.577 -9.586  5.722   1.00 19.52 ? 340 HOH A O   1 
HETATM 934 O  O   . HOH D 4 .   ? 7.809   -4.445  6.070   1.00 29.94 ? 341 HOH A O   1 
HETATM 935 O  O   . HOH D 4 .   ? -10.287 5.791   -0.273  1.00 28.22 ? 342 HOH A O   1 
HETATM 936 O  O   . HOH D 4 .   ? -8.468  -6.118  8.563   1.00 24.39 ? 343 HOH A O   1 
HETATM 937 O  O   . HOH D 4 .   ? 9.197   7.658   -10.587 1.00 33.41 ? 344 HOH A O   1 
HETATM 938 O  O   . HOH D 4 .   ? -13.775 -0.182  9.395   1.00 34.19 ? 345 HOH A O   1 
HETATM 939 O  O   . HOH D 4 .   ? 12.446  17.217  -10.500 1.00 28.57 ? 346 HOH A O   1 
HETATM 940 O  O   . HOH D 4 .   ? 9.570   18.541  9.530   1.00 41.01 ? 347 HOH A O   1 
HETATM 941 O  O   . HOH D 4 .   ? -16.252 -3.147  -1.394  1.00 28.14 ? 348 HOH A O   1 
HETATM 942 O  O   . HOH D 4 .   ? -7.173  20.588  -4.640  1.00 28.64 ? 349 HOH A O   1 
HETATM 943 O  O   . HOH D 4 .   ? -7.492  17.491  -4.810  1.00 32.22 ? 350 HOH A O   1 
HETATM 944 O  O   . HOH D 4 .   ? -6.358  13.135  -10.234 1.00 26.79 ? 351 HOH A O   1 
HETATM 945 O  O   . HOH D 4 .   ? 0.881   -11.106 16.164  1.00 25.55 ? 352 HOH A O   1 
HETATM 946 O  O   . HOH D 4 .   ? 12.537  13.601  -7.466  1.00 35.01 ? 353 HOH A O   1 
HETATM 947 O  O   . HOH D 4 .   ? -12.382 -17.983 4.943   1.00 34.92 ? 354 HOH A O   1 
HETATM 948 O  O   . HOH D 4 .   ? -5.838  -3.880  -10.368 1.00 34.04 ? 355 HOH A O   1 
HETATM 949 O  O   . HOH D 4 .   ? -15.098 -3.806  -4.827  1.00 31.88 ? 356 HOH A O   1 
HETATM 950 O  O   . HOH D 4 .   ? 12.910  7.765   8.785   1.00 32.61 ? 357 HOH A O   1 
HETATM 951 O  O   . HOH D 4 .   ? -8.964  -9.433  15.706  1.00 32.90 ? 358 HOH A O   1 
HETATM 952 O  O   . HOH D 4 .   ? -8.740  -10.603 -8.322  1.00 30.18 ? 359 HOH A O   1 
HETATM 953 O  O   . HOH D 4 .   ? -12.505 -16.701 0.901   1.00 33.98 ? 360 HOH A O   1 
HETATM 954 O  O   . HOH D 4 .   ? -12.251 3.738   -0.051  1.00 33.13 ? 361 HOH A O   1 
HETATM 955 O  O   . HOH D 4 .   ? 2.361   -0.265  -19.727 1.00 32.81 ? 362 HOH A O   1 
# 
